data_1Q7A
# 
_entry.id   1Q7A 
# 
_audit_conform.dict_name       mmcif_pdbx.dic 
_audit_conform.dict_version    5.398 
_audit_conform.dict_location   http://mmcif.pdb.org/dictionaries/ascii/mmcif_pdbx.dic 
# 
loop_
_database_2.database_id 
_database_2.database_code 
_database_2.pdbx_database_accession 
_database_2.pdbx_DOI 
PDB   1Q7A         pdb_00001q7a 10.2210/pdb1q7a/pdb 
RCSB  RCSB020005   ?            ?                   
WWPDB D_1000020005 ?            ?                   
# 
loop_
_pdbx_audit_revision_history.ordinal 
_pdbx_audit_revision_history.data_content_type 
_pdbx_audit_revision_history.major_revision 
_pdbx_audit_revision_history.minor_revision 
_pdbx_audit_revision_history.revision_date 
1 'Structure model' 1 0 2004-05-11 
2 'Structure model' 1 1 2008-04-29 
3 'Structure model' 1 2 2011-07-13 
4 'Structure model' 1 3 2023-08-16 
5 'Structure model' 1 4 2024-10-30 
# 
_pdbx_audit_revision_details.ordinal             1 
_pdbx_audit_revision_details.revision_ordinal    1 
_pdbx_audit_revision_details.data_content_type   'Structure model' 
_pdbx_audit_revision_details.provider            repository 
_pdbx_audit_revision_details.type                'Initial release' 
_pdbx_audit_revision_details.description         ? 
_pdbx_audit_revision_details.details             ? 
# 
loop_
_pdbx_audit_revision_group.ordinal 
_pdbx_audit_revision_group.revision_ordinal 
_pdbx_audit_revision_group.data_content_type 
_pdbx_audit_revision_group.group 
1 2 'Structure model' 'Version format compliance' 
2 3 'Structure model' 'Version format compliance' 
3 4 'Structure model' 'Data collection'           
4 4 'Structure model' 'Database references'       
5 4 'Structure model' 'Derived calculations'      
6 4 'Structure model' 'Refinement description'    
7 5 'Structure model' 'Structure summary'         
# 
loop_
_pdbx_audit_revision_category.ordinal 
_pdbx_audit_revision_category.revision_ordinal 
_pdbx_audit_revision_category.data_content_type 
_pdbx_audit_revision_category.category 
1 4 'Structure model' chem_comp_atom                
2 4 'Structure model' chem_comp_bond                
3 4 'Structure model' database_2                    
4 4 'Structure model' pdbx_initial_refinement_model 
5 4 'Structure model' struct_site                   
6 5 'Structure model' pdbx_entry_details            
7 5 'Structure model' pdbx_modification_feature     
# 
loop_
_pdbx_audit_revision_item.ordinal 
_pdbx_audit_revision_item.revision_ordinal 
_pdbx_audit_revision_item.data_content_type 
_pdbx_audit_revision_item.item 
1 4 'Structure model' '_database_2.pdbx_DOI'                
2 4 'Structure model' '_database_2.pdbx_database_accession' 
3 4 'Structure model' '_struct_site.pdbx_auth_asym_id'      
4 4 'Structure model' '_struct_site.pdbx_auth_comp_id'      
5 4 'Structure model' '_struct_site.pdbx_auth_seq_id'       
# 
_pdbx_database_status.status_code                     REL 
_pdbx_database_status.entry_id                        1Q7A 
_pdbx_database_status.recvd_initial_deposition_date   2003-08-17 
_pdbx_database_status.deposit_site                    RCSB 
_pdbx_database_status.process_site                    RCSB 
_pdbx_database_status.SG_entry                        . 
_pdbx_database_status.status_code_sf                  ? 
_pdbx_database_status.status_code_mr                  ? 
_pdbx_database_status.status_code_cs                  ? 
_pdbx_database_status.pdb_format_compatible           Y 
_pdbx_database_status.status_code_nmr_data            ? 
_pdbx_database_status.methods_development_category    ? 
# 
loop_
_pdbx_database_related.db_name 
_pdbx_database_related.db_id 
_pdbx_database_related.details 
_pdbx_database_related.content_type 
PDB 1CL5 
;First Structural Evidence Of A Specific Inhibition Of Phospholipase A2 By Vitamin E and Its Implications In Inflammation: Crystal Structure Of The Complex Formed Between Phospholipase A2 and Vitamin E At 1.8 A Resolution
;
unspecified 
PDB 1OYF 
'Crystal Structure Of Russelles Viper (Daboia Russellii Pulchella) Phospholipase A2 In A Complex With Venom 6- Methyl Heptanol' 
unspecified 
# 
loop_
_audit_author.name 
_audit_author.pdbx_ordinal 
'Singh, N.'   1 
'Jabeen, T.'  2 
'Sharma, S.'  3 
'Singh, T.P.' 4 
# 
_citation.id                        primary 
_citation.title                     
;Phospholipase A2 as a target protein for nonsteroidal anti-inflammatory drugs (NSAIDS): crystal structure of the complex formed between phospholipase A2 and oxyphenbutazone at 1.6 A resolution.
;
_citation.journal_abbrev            Biochemistry 
_citation.journal_volume            43 
_citation.page_first                14577 
_citation.page_last                 14583 
_citation.year                      2004 
_citation.journal_id_ASTM           BICHAW 
_citation.country                   US 
_citation.journal_id_ISSN           0006-2960 
_citation.journal_id_CSD            0033 
_citation.book_publisher            ? 
_citation.pdbx_database_id_PubMed   15544328 
_citation.pdbx_database_id_DOI      10.1021/bi0483561 
# 
loop_
_citation_author.citation_id 
_citation_author.name 
_citation_author.ordinal 
_citation_author.identifier_ORCID 
primary 'Singh, N.'       1 ? 
primary 'Jabeen, T.'      2 ? 
primary 'Somvanshi, R.K.' 3 ? 
primary 'Sharma, S.'      4 ? 
primary 'Dey, S.'         5 ? 
primary 'Singh, T.P.'     6 ? 
# 
loop_
_entity.id 
_entity.type 
_entity.src_method 
_entity.pdbx_description 
_entity.formula_weight 
_entity.pdbx_number_of_molecules 
_entity.pdbx_ec 
_entity.pdbx_mutation 
_entity.pdbx_fragment 
_entity.details 
1 polymer     nat 'Phospholipase A2 VRV-PL-VIIIa'                              13629.767 1   3.1.1.4 ? 'Phospholipase A2' ? 
2 non-polymer syn 'SULFATE ION'                                                96.063    2   ?       ? ?                  ? 
3 non-polymer syn '4-BUTYL-1-(4-HYDROXYPHENYL)-2-PHENYLPYRAZOLIDINE-3,5-DIONE' 324.374   1   ?       ? ?                  ? 
4 non-polymer syn METHANOL                                                     32.042    1   ?       ? ?                  ? 
5 water       nat water                                                        18.015    111 ?       ? ?                  ? 
# 
_entity_name_com.entity_id   1 
_entity_name_com.name        'Phosphatidylcholine 2- acylhydrolase' 
# 
_entity_poly.entity_id                      1 
_entity_poly.type                           'polypeptide(L)' 
_entity_poly.nstd_linkage                   no 
_entity_poly.nstd_monomer                   no 
_entity_poly.pdbx_seq_one_letter_code       
;SLLEFGKMILEETGKLAIPSYSSYGCYCGWGGKGTPKDATDRCCFVHDCCYGNLPDCNPKSDRYKYKRVNGAIVCEKGTS
CENRICECDKAAAICFRQNLNTYSKKYMLYPDFLCKGELKC
;
_entity_poly.pdbx_seq_one_letter_code_can   
;SLLEFGKMILEETGKLAIPSYSSYGCYCGWGGKGTPKDATDRCCFVHDCCYGNLPDCNPKSDRYKYKRVNGAIVCEKGTS
CENRICECDKAAAICFRQNLNTYSKKYMLYPDFLCKGELKC
;
_entity_poly.pdbx_strand_id                 A 
_entity_poly.pdbx_target_identifier         ? 
# 
loop_
_pdbx_entity_nonpoly.entity_id 
_pdbx_entity_nonpoly.name 
_pdbx_entity_nonpoly.comp_id 
2 'SULFATE ION'                                                SO4 
3 '4-BUTYL-1-(4-HYDROXYPHENYL)-2-PHENYLPYRAZOLIDINE-3,5-DIONE' OPB 
4 METHANOL                                                     MOH 
5 water                                                        HOH 
# 
loop_
_entity_poly_seq.entity_id 
_entity_poly_seq.num 
_entity_poly_seq.mon_id 
_entity_poly_seq.hetero 
1 1   SER n 
1 2   LEU n 
1 3   LEU n 
1 4   GLU n 
1 5   PHE n 
1 6   GLY n 
1 7   LYS n 
1 8   MET n 
1 9   ILE n 
1 10  LEU n 
1 11  GLU n 
1 12  GLU n 
1 13  THR n 
1 14  GLY n 
1 15  LYS n 
1 16  LEU n 
1 17  ALA n 
1 18  ILE n 
1 19  PRO n 
1 20  SER n 
1 21  TYR n 
1 22  SER n 
1 23  SER n 
1 24  TYR n 
1 25  GLY n 
1 26  CYS n 
1 27  TYR n 
1 28  CYS n 
1 29  GLY n 
1 30  TRP n 
1 31  GLY n 
1 32  GLY n 
1 33  LYS n 
1 34  GLY n 
1 35  THR n 
1 36  PRO n 
1 37  LYS n 
1 38  ASP n 
1 39  ALA n 
1 40  THR n 
1 41  ASP n 
1 42  ARG n 
1 43  CYS n 
1 44  CYS n 
1 45  PHE n 
1 46  VAL n 
1 47  HIS n 
1 48  ASP n 
1 49  CYS n 
1 50  CYS n 
1 51  TYR n 
1 52  GLY n 
1 53  ASN n 
1 54  LEU n 
1 55  PRO n 
1 56  ASP n 
1 57  CYS n 
1 58  ASN n 
1 59  PRO n 
1 60  LYS n 
1 61  SER n 
1 62  ASP n 
1 63  ARG n 
1 64  TYR n 
1 65  LYS n 
1 66  TYR n 
1 67  LYS n 
1 68  ARG n 
1 69  VAL n 
1 70  ASN n 
1 71  GLY n 
1 72  ALA n 
1 73  ILE n 
1 74  VAL n 
1 75  CYS n 
1 76  GLU n 
1 77  LYS n 
1 78  GLY n 
1 79  THR n 
1 80  SER n 
1 81  CYS n 
1 82  GLU n 
1 83  ASN n 
1 84  ARG n 
1 85  ILE n 
1 86  CYS n 
1 87  GLU n 
1 88  CYS n 
1 89  ASP n 
1 90  LYS n 
1 91  ALA n 
1 92  ALA n 
1 93  ALA n 
1 94  ILE n 
1 95  CYS n 
1 96  PHE n 
1 97  ARG n 
1 98  GLN n 
1 99  ASN n 
1 100 LEU n 
1 101 ASN n 
1 102 THR n 
1 103 TYR n 
1 104 SER n 
1 105 LYS n 
1 106 LYS n 
1 107 TYR n 
1 108 MET n 
1 109 LEU n 
1 110 TYR n 
1 111 PRO n 
1 112 ASP n 
1 113 PHE n 
1 114 LEU n 
1 115 CYS n 
1 116 LYS n 
1 117 GLY n 
1 118 GLU n 
1 119 LEU n 
1 120 LYS n 
1 121 CYS n 
# 
_entity_src_nat.entity_id                  1 
_entity_src_nat.pdbx_src_id                1 
_entity_src_nat.pdbx_alt_source_flag       sample 
_entity_src_nat.pdbx_beg_seq_num           ? 
_entity_src_nat.pdbx_end_seq_num           ? 
_entity_src_nat.common_name                ? 
_entity_src_nat.pdbx_organism_scientific   'Daboia russellii pulchella' 
_entity_src_nat.pdbx_ncbi_taxonomy_id      97228 
_entity_src_nat.genus                      ? 
_entity_src_nat.species                    ? 
_entity_src_nat.strain                     ? 
_entity_src_nat.tissue                     ? 
_entity_src_nat.tissue_fraction            ? 
_entity_src_nat.pdbx_secretion             ? 
_entity_src_nat.pdbx_fragment              ? 
_entity_src_nat.pdbx_variant               ? 
_entity_src_nat.pdbx_cell_line             ? 
_entity_src_nat.pdbx_atcc                  ? 
_entity_src_nat.pdbx_cellular_location     ? 
_entity_src_nat.pdbx_organ                 ? 
_entity_src_nat.pdbx_organelle             ? 
_entity_src_nat.pdbx_cell                  ? 
_entity_src_nat.pdbx_plasmid_name          ? 
_entity_src_nat.pdbx_plasmid_details       ? 
_entity_src_nat.details                    'venom secretion' 
# 
loop_
_chem_comp.id 
_chem_comp.type 
_chem_comp.mon_nstd_flag 
_chem_comp.name 
_chem_comp.pdbx_synonyms 
_chem_comp.formula 
_chem_comp.formula_weight 
ALA 'L-peptide linking' y ALANINE                                                      ?               'C3 H7 N O2'     89.093  
ARG 'L-peptide linking' y ARGININE                                                     ?               'C6 H15 N4 O2 1' 175.209 
ASN 'L-peptide linking' y ASPARAGINE                                                   ?               'C4 H8 N2 O3'    132.118 
ASP 'L-peptide linking' y 'ASPARTIC ACID'                                              ?               'C4 H7 N O4'     133.103 
CYS 'L-peptide linking' y CYSTEINE                                                     ?               'C3 H7 N O2 S'   121.158 
GLN 'L-peptide linking' y GLUTAMINE                                                    ?               'C5 H10 N2 O3'   146.144 
GLU 'L-peptide linking' y 'GLUTAMIC ACID'                                              ?               'C5 H9 N O4'     147.129 
GLY 'peptide linking'   y GLYCINE                                                      ?               'C2 H5 N O2'     75.067  
HIS 'L-peptide linking' y HISTIDINE                                                    ?               'C6 H10 N3 O2 1' 156.162 
HOH non-polymer         . WATER                                                        ?               'H2 O'           18.015  
ILE 'L-peptide linking' y ISOLEUCINE                                                   ?               'C6 H13 N O2'    131.173 
LEU 'L-peptide linking' y LEUCINE                                                      ?               'C6 H13 N O2'    131.173 
LYS 'L-peptide linking' y LYSINE                                                       ?               'C6 H15 N2 O2 1' 147.195 
MET 'L-peptide linking' y METHIONINE                                                   ?               'C5 H11 N O2 S'  149.211 
MOH non-polymer         . METHANOL                                                     ?               'C H4 O'         32.042  
OPB non-polymer         . '4-BUTYL-1-(4-HYDROXYPHENYL)-2-PHENYLPYRAZOLIDINE-3,5-DIONE' OXYPHENBUTAZONE 'C19 H20 N2 O3'  324.374 
PHE 'L-peptide linking' y PHENYLALANINE                                                ?               'C9 H11 N O2'    165.189 
PRO 'L-peptide linking' y PROLINE                                                      ?               'C5 H9 N O2'     115.130 
SER 'L-peptide linking' y SERINE                                                       ?               'C3 H7 N O3'     105.093 
SO4 non-polymer         . 'SULFATE ION'                                                ?               'O4 S -2'        96.063  
THR 'L-peptide linking' y THREONINE                                                    ?               'C4 H9 N O3'     119.119 
TRP 'L-peptide linking' y TRYPTOPHAN                                                   ?               'C11 H12 N2 O2'  204.225 
TYR 'L-peptide linking' y TYROSINE                                                     ?               'C9 H11 N O3'    181.189 
VAL 'L-peptide linking' y VALINE                                                       ?               'C5 H11 N O2'    117.146 
# 
loop_
_pdbx_poly_seq_scheme.asym_id 
_pdbx_poly_seq_scheme.entity_id 
_pdbx_poly_seq_scheme.seq_id 
_pdbx_poly_seq_scheme.mon_id 
_pdbx_poly_seq_scheme.ndb_seq_num 
_pdbx_poly_seq_scheme.pdb_seq_num 
_pdbx_poly_seq_scheme.auth_seq_num 
_pdbx_poly_seq_scheme.pdb_mon_id 
_pdbx_poly_seq_scheme.auth_mon_id 
_pdbx_poly_seq_scheme.pdb_strand_id 
_pdbx_poly_seq_scheme.pdb_ins_code 
_pdbx_poly_seq_scheme.hetero 
A 1 1   SER 1   1   1   SER SER A . n 
A 1 2   LEU 2   2   2   LEU LEU A . n 
A 1 3   LEU 3   3   3   LEU LEU A . n 
A 1 4   GLU 4   4   4   GLU GLU A . n 
A 1 5   PHE 5   5   5   PHE PHE A . n 
A 1 6   GLY 6   6   6   GLY GLY A . n 
A 1 7   LYS 7   7   7   LYS LYS A . n 
A 1 8   MET 8   8   8   MET MET A . n 
A 1 9   ILE 9   9   9   ILE ILE A . n 
A 1 10  LEU 10  10  10  LEU LEU A . n 
A 1 11  GLU 11  11  11  GLU GLU A . n 
A 1 12  GLU 12  12  12  GLU GLU A . n 
A 1 13  THR 13  13  13  THR THR A . n 
A 1 14  GLY 14  14  14  GLY GLY A . n 
A 1 15  LYS 15  15  15  LYS LYS A . n 
A 1 16  LEU 16  16  16  LEU LEU A . n 
A 1 17  ALA 17  17  17  ALA ALA A . n 
A 1 18  ILE 18  18  18  ILE ILE A . n 
A 1 19  PRO 19  19  19  PRO PRO A . n 
A 1 20  SER 20  20  20  SER SER A . n 
A 1 21  TYR 21  21  21  TYR TYR A . n 
A 1 22  SER 22  22  22  SER SER A . n 
A 1 23  SER 23  23  23  SER SER A . n 
A 1 24  TYR 24  24  24  TYR TYR A . n 
A 1 25  GLY 25  25  25  GLY GLY A . n 
A 1 26  CYS 26  26  26  CYS CYS A . n 
A 1 27  TYR 27  27  27  TYR TYR A . n 
A 1 28  CYS 28  28  28  CYS CYS A . n 
A 1 29  GLY 29  29  29  GLY GLY A . n 
A 1 30  TRP 30  30  30  TRP TRP A . n 
A 1 31  GLY 31  31  31  GLY GLY A . n 
A 1 32  GLY 32  32  32  GLY GLY A . n 
A 1 33  LYS 33  33  33  LYS LYS A . n 
A 1 34  GLY 34  34  34  GLY GLY A . n 
A 1 35  THR 35  35  35  THR THR A . n 
A 1 36  PRO 36  36  36  PRO PRO A . n 
A 1 37  LYS 37  37  37  LYS LYS A . n 
A 1 38  ASP 38  38  38  ASP ASP A . n 
A 1 39  ALA 39  39  39  ALA ALA A . n 
A 1 40  THR 40  40  40  THR THR A . n 
A 1 41  ASP 41  41  41  ASP ASP A . n 
A 1 42  ARG 42  42  42  ARG ARG A . n 
A 1 43  CYS 43  43  43  CYS CYS A . n 
A 1 44  CYS 44  44  44  CYS CYS A . n 
A 1 45  PHE 45  45  45  PHE PHE A . n 
A 1 46  VAL 46  46  46  VAL VAL A . n 
A 1 47  HIS 47  47  47  HIS HIS A . n 
A 1 48  ASP 48  48  48  ASP ASP A . n 
A 1 49  CYS 49  49  49  CYS CYS A . n 
A 1 50  CYS 50  50  50  CYS CYS A . n 
A 1 51  TYR 51  51  51  TYR TYR A . n 
A 1 52  GLY 52  52  52  GLY GLY A . n 
A 1 53  ASN 53  53  53  ASN ASN A . n 
A 1 54  LEU 54  54  54  LEU LEU A . n 
A 1 55  PRO 55  55  55  PRO PRO A . n 
A 1 56  ASP 56  56  56  ASP ASP A . n 
A 1 57  CYS 57  57  57  CYS CYS A . n 
A 1 58  ASN 58  58  58  ASN ASN A . n 
A 1 59  PRO 59  59  59  PRO PRO A . n 
A 1 60  LYS 60  60  60  LYS LYS A . n 
A 1 61  SER 61  61  61  SER SER A . n 
A 1 62  ASP 62  62  62  ASP ASP A . n 
A 1 63  ARG 63  63  63  ARG ARG A . n 
A 1 64  TYR 64  64  64  TYR TYR A . n 
A 1 65  LYS 65  65  65  LYS LYS A . n 
A 1 66  TYR 66  66  66  TYR TYR A . n 
A 1 67  LYS 67  67  67  LYS LYS A . n 
A 1 68  ARG 68  68  68  ARG ARG A . n 
A 1 69  VAL 69  69  69  VAL VAL A . n 
A 1 70  ASN 70  70  70  ASN ASN A . n 
A 1 71  GLY 71  71  71  GLY GLY A . n 
A 1 72  ALA 72  72  72  ALA ALA A . n 
A 1 73  ILE 73  73  73  ILE ILE A . n 
A 1 74  VAL 74  74  74  VAL VAL A . n 
A 1 75  CYS 75  75  75  CYS CYS A . n 
A 1 76  GLU 76  76  76  GLU GLU A . n 
A 1 77  LYS 77  77  77  LYS LYS A . n 
A 1 78  GLY 78  78  78  GLY GLY A . n 
A 1 79  THR 79  79  79  THR THR A . n 
A 1 80  SER 80  80  80  SER SER A . n 
A 1 81  CYS 81  81  81  CYS CYS A . n 
A 1 82  GLU 82  82  82  GLU GLU A . n 
A 1 83  ASN 83  83  83  ASN ASN A . n 
A 1 84  ARG 84  84  84  ARG ARG A . n 
A 1 85  ILE 85  85  85  ILE ILE A . n 
A 1 86  CYS 86  86  86  CYS CYS A . n 
A 1 87  GLU 87  87  87  GLU GLU A . n 
A 1 88  CYS 88  88  88  CYS CYS A . n 
A 1 89  ASP 89  89  89  ASP ASP A . n 
A 1 90  LYS 90  90  90  LYS LYS A . n 
A 1 91  ALA 91  91  91  ALA ALA A . n 
A 1 92  ALA 92  92  92  ALA ALA A . n 
A 1 93  ALA 93  93  93  ALA ALA A . n 
A 1 94  ILE 94  94  94  ILE ILE A . n 
A 1 95  CYS 95  95  95  CYS CYS A . n 
A 1 96  PHE 96  96  96  PHE PHE A . n 
A 1 97  ARG 97  97  97  ARG ARG A . n 
A 1 98  GLN 98  98  98  GLN GLN A . n 
A 1 99  ASN 99  99  99  ASN ASN A . n 
A 1 100 LEU 100 100 100 LEU LEU A . n 
A 1 101 ASN 101 101 101 ASN ASN A . n 
A 1 102 THR 102 102 102 THR THR A . n 
A 1 103 TYR 103 103 103 TYR TYR A . n 
A 1 104 SER 104 104 104 SER SER A . n 
A 1 105 LYS 105 105 105 LYS LYS A . n 
A 1 106 LYS 106 106 106 LYS LYS A . n 
A 1 107 TYR 107 107 107 TYR TYR A . n 
A 1 108 MET 108 108 108 MET MET A . n 
A 1 109 LEU 109 109 109 LEU LEU A . n 
A 1 110 TYR 110 110 110 TYR TYR A . n 
A 1 111 PRO 111 111 111 PRO PRO A . n 
A 1 112 ASP 112 112 112 ASP ASP A . n 
A 1 113 PHE 113 113 113 PHE PHE A . n 
A 1 114 LEU 114 114 114 LEU LEU A . n 
A 1 115 CYS 115 115 115 CYS CYS A . n 
A 1 116 LYS 116 116 116 LYS LYS A . n 
A 1 117 GLY 117 117 117 GLY GLY A . n 
A 1 118 GLU 118 118 118 GLU GLU A . n 
A 1 119 LEU 119 119 119 LEU LEU A . n 
A 1 120 LYS 120 120 120 LYS LYS A . n 
A 1 121 CYS 121 121 121 CYS CYS A . n 
# 
loop_
_pdbx_nonpoly_scheme.asym_id 
_pdbx_nonpoly_scheme.entity_id 
_pdbx_nonpoly_scheme.mon_id 
_pdbx_nonpoly_scheme.ndb_seq_num 
_pdbx_nonpoly_scheme.pdb_seq_num 
_pdbx_nonpoly_scheme.auth_seq_num 
_pdbx_nonpoly_scheme.pdb_mon_id 
_pdbx_nonpoly_scheme.auth_mon_id 
_pdbx_nonpoly_scheme.pdb_strand_id 
_pdbx_nonpoly_scheme.pdb_ins_code 
B 2 SO4 1   122 112 SO4 SO4 A . 
C 2 SO4 1   123 113 SO4 SO4 A . 
D 3 OPB 1   124 114 OPB OPB A . 
E 4 MOH 1   125 115 MOH MOH A . 
F 5 HOH 1   126 1   HOH HOH A . 
F 5 HOH 2   127 2   HOH HOH A . 
F 5 HOH 3   128 3   HOH HOH A . 
F 5 HOH 4   129 4   HOH HOH A . 
F 5 HOH 5   130 5   HOH HOH A . 
F 5 HOH 6   131 6   HOH HOH A . 
F 5 HOH 7   132 7   HOH HOH A . 
F 5 HOH 8   133 8   HOH HOH A . 
F 5 HOH 9   134 9   HOH HOH A . 
F 5 HOH 10  135 10  HOH HOH A . 
F 5 HOH 11  136 11  HOH HOH A . 
F 5 HOH 12  137 12  HOH HOH A . 
F 5 HOH 13  138 13  HOH HOH A . 
F 5 HOH 14  139 14  HOH HOH A . 
F 5 HOH 15  140 15  HOH HOH A . 
F 5 HOH 16  141 16  HOH HOH A . 
F 5 HOH 17  142 17  HOH HOH A . 
F 5 HOH 18  143 18  HOH HOH A . 
F 5 HOH 19  144 19  HOH HOH A . 
F 5 HOH 20  145 20  HOH HOH A . 
F 5 HOH 21  146 21  HOH HOH A . 
F 5 HOH 22  147 22  HOH HOH A . 
F 5 HOH 23  148 23  HOH HOH A . 
F 5 HOH 24  149 24  HOH HOH A . 
F 5 HOH 25  150 25  HOH HOH A . 
F 5 HOH 26  151 26  HOH HOH A . 
F 5 HOH 27  152 27  HOH HOH A . 
F 5 HOH 28  153 28  HOH HOH A . 
F 5 HOH 29  154 29  HOH HOH A . 
F 5 HOH 30  155 30  HOH HOH A . 
F 5 HOH 31  156 31  HOH HOH A . 
F 5 HOH 32  157 32  HOH HOH A . 
F 5 HOH 33  158 33  HOH HOH A . 
F 5 HOH 34  159 34  HOH HOH A . 
F 5 HOH 35  160 35  HOH HOH A . 
F 5 HOH 36  161 36  HOH HOH A . 
F 5 HOH 37  162 37  HOH HOH A . 
F 5 HOH 38  163 38  HOH HOH A . 
F 5 HOH 39  164 39  HOH HOH A . 
F 5 HOH 40  165 40  HOH HOH A . 
F 5 HOH 41  166 41  HOH HOH A . 
F 5 HOH 42  167 42  HOH HOH A . 
F 5 HOH 43  168 43  HOH HOH A . 
F 5 HOH 44  169 44  HOH HOH A . 
F 5 HOH 45  170 45  HOH HOH A . 
F 5 HOH 46  171 46  HOH HOH A . 
F 5 HOH 47  172 47  HOH HOH A . 
F 5 HOH 48  173 48  HOH HOH A . 
F 5 HOH 49  174 49  HOH HOH A . 
F 5 HOH 50  175 50  HOH HOH A . 
F 5 HOH 51  176 51  HOH HOH A . 
F 5 HOH 52  177 52  HOH HOH A . 
F 5 HOH 53  178 53  HOH HOH A . 
F 5 HOH 54  179 54  HOH HOH A . 
F 5 HOH 55  180 55  HOH HOH A . 
F 5 HOH 56  181 56  HOH HOH A . 
F 5 HOH 57  182 57  HOH HOH A . 
F 5 HOH 58  183 58  HOH HOH A . 
F 5 HOH 59  184 59  HOH HOH A . 
F 5 HOH 60  185 60  HOH HOH A . 
F 5 HOH 61  186 61  HOH HOH A . 
F 5 HOH 62  187 62  HOH HOH A . 
F 5 HOH 63  188 63  HOH HOH A . 
F 5 HOH 64  189 64  HOH HOH A . 
F 5 HOH 65  190 65  HOH HOH A . 
F 5 HOH 66  191 66  HOH HOH A . 
F 5 HOH 67  192 67  HOH HOH A . 
F 5 HOH 68  193 68  HOH HOH A . 
F 5 HOH 69  194 69  HOH HOH A . 
F 5 HOH 70  195 70  HOH HOH A . 
F 5 HOH 71  196 71  HOH HOH A . 
F 5 HOH 72  197 72  HOH HOH A . 
F 5 HOH 73  198 73  HOH HOH A . 
F 5 HOH 74  199 74  HOH HOH A . 
F 5 HOH 75  200 75  HOH HOH A . 
F 5 HOH 76  201 76  HOH HOH A . 
F 5 HOH 77  202 77  HOH HOH A . 
F 5 HOH 78  203 78  HOH HOH A . 
F 5 HOH 79  204 79  HOH HOH A . 
F 5 HOH 80  205 80  HOH HOH A . 
F 5 HOH 81  206 81  HOH HOH A . 
F 5 HOH 82  207 82  HOH HOH A . 
F 5 HOH 83  208 83  HOH HOH A . 
F 5 HOH 84  209 84  HOH HOH A . 
F 5 HOH 85  210 85  HOH HOH A . 
F 5 HOH 86  211 86  HOH HOH A . 
F 5 HOH 87  212 87  HOH HOH A . 
F 5 HOH 88  213 88  HOH HOH A . 
F 5 HOH 89  214 89  HOH HOH A . 
F 5 HOH 90  215 90  HOH HOH A . 
F 5 HOH 91  216 91  HOH HOH A . 
F 5 HOH 92  217 92  HOH HOH A . 
F 5 HOH 93  218 93  HOH HOH A . 
F 5 HOH 94  219 94  HOH HOH A . 
F 5 HOH 95  220 95  HOH HOH A . 
F 5 HOH 96  221 96  HOH HOH A . 
F 5 HOH 97  222 97  HOH HOH A . 
F 5 HOH 98  223 98  HOH HOH A . 
F 5 HOH 99  224 99  HOH HOH A . 
F 5 HOH 100 225 100 HOH HOH A . 
F 5 HOH 101 226 101 HOH HOH A . 
F 5 HOH 102 227 102 HOH HOH A . 
F 5 HOH 103 228 103 HOH HOH A . 
F 5 HOH 104 229 104 HOH HOH A . 
F 5 HOH 105 230 105 HOH HOH A . 
F 5 HOH 106 231 106 HOH HOH A . 
F 5 HOH 107 232 107 HOH HOH A . 
F 5 HOH 108 233 108 HOH HOH A . 
F 5 HOH 109 234 109 HOH HOH A . 
F 5 HOH 110 235 110 HOH HOH A . 
F 5 HOH 111 236 111 HOH HOH A . 
# 
loop_
_software.name 
_software.classification 
_software.version 
_software.citation_id 
_software.pdbx_ordinal 
CNS       refinement       0.9 ? 1 
DENZO     'data reduction' .   ? 2 
SCALEPACK 'data scaling'   .   ? 3 
AMoRE     phasing          .   ? 4 
# 
_cell.entry_id           1Q7A 
_cell.length_a           53.000 
_cell.length_b           53.000 
_cell.length_c           48.200 
_cell.angle_alpha        90.00 
_cell.angle_beta         90.00 
_cell.angle_gamma        90.00 
_cell.Z_PDB              4 
_cell.pdbx_unique_axis   ? 
_cell.length_a_esd       ? 
_cell.length_b_esd       ? 
_cell.length_c_esd       ? 
_cell.angle_alpha_esd    ? 
_cell.angle_beta_esd     ? 
_cell.angle_gamma_esd    ? 
# 
_symmetry.entry_id                         1Q7A 
_symmetry.space_group_name_H-M             'P 43' 
_symmetry.pdbx_full_space_group_name_H-M   ? 
_symmetry.cell_setting                     tetragonal 
_symmetry.Int_Tables_number                78 
_symmetry.space_group_name_Hall            ? 
# 
_exptl.entry_id          1Q7A 
_exptl.method            'X-RAY DIFFRACTION' 
_exptl.crystals_number   1 
# 
_exptl_crystal.id                    1 
_exptl_crystal.density_meas          ? 
_exptl_crystal.density_Matthews      2.48 
_exptl_crystal.density_percent_sol   50.47 
_exptl_crystal.description           ? 
_exptl_crystal.F_000                 ? 
_exptl_crystal.preparation           ? 
# 
_exptl_crystal_grow.crystal_id      1 
_exptl_crystal_grow.method          'VAPOR DIFFUSION, HANGING DROP' 
_exptl_crystal_grow.temp            298 
_exptl_crystal_grow.temp_details    ? 
_exptl_crystal_grow.pH              7.0 
_exptl_crystal_grow.pdbx_details    
'30% PEG 4000, 0.2M ammonium sulphate,30% Methanol, pH 7.0, VAPOR DIFFUSION, HANGING DROP, temperature 298K' 
_exptl_crystal_grow.pdbx_pH_range   . 
# 
_diffrn.id                     1 
_diffrn.ambient_temp           293 
_diffrn.ambient_temp_details   ? 
_diffrn.crystal_id             1 
# 
_diffrn_detector.diffrn_id              1 
_diffrn_detector.detector               'IMAGE PLATE' 
_diffrn_detector.type                   MARRESEARCH 
_diffrn_detector.pdbx_collection_date   2003-05-13 
_diffrn_detector.details                Mirror 
# 
_diffrn_radiation.diffrn_id                        1 
_diffrn_radiation.wavelength_id                    1 
_diffrn_radiation.pdbx_monochromatic_or_laue_m_l   M 
_diffrn_radiation.monochromator                    graphite 
_diffrn_radiation.pdbx_diffrn_protocol             'SINGLE WAVELENGTH' 
_diffrn_radiation.pdbx_scattering_type             x-ray 
# 
_diffrn_radiation_wavelength.id           1 
_diffrn_radiation_wavelength.wavelength   1.541812 
_diffrn_radiation_wavelength.wt           1.0 
# 
_diffrn_source.diffrn_id                   1 
_diffrn_source.source                      'ROTATING ANODE' 
_diffrn_source.type                        'RIGAKU RU200' 
_diffrn_source.pdbx_synchrotron_site       ? 
_diffrn_source.pdbx_synchrotron_beamline   ? 
_diffrn_source.pdbx_wavelength             ? 
_diffrn_source.pdbx_wavelength_list        1.541812 
# 
_reflns.entry_id                     1Q7A 
_reflns.observed_criterion_sigma_I   ? 
_reflns.observed_criterion_sigma_F   ? 
_reflns.d_resolution_low             20 
_reflns.d_resolution_high            1.6 
_reflns.number_obs                   15926 
_reflns.number_all                   15926 
_reflns.percent_possible_obs         98.3 
_reflns.pdbx_Rmerge_I_obs            ? 
_reflns.pdbx_Rsym_value              0.073 
_reflns.pdbx_netI_over_sigmaI        21.8 
_reflns.B_iso_Wilson_estimate        25.3 
_reflns.pdbx_redundancy              ? 
_reflns.R_free_details               ? 
_reflns.limit_h_max                  ? 
_reflns.limit_h_min                  ? 
_reflns.limit_k_max                  ? 
_reflns.limit_k_min                  ? 
_reflns.limit_l_max                  ? 
_reflns.limit_l_min                  ? 
_reflns.observed_criterion_F_max     ? 
_reflns.observed_criterion_F_min     ? 
_reflns.pdbx_chi_squared             ? 
_reflns.pdbx_scaling_rejects         ? 
_reflns.pdbx_ordinal                 1 
_reflns.pdbx_diffrn_id               1 
# 
_reflns_shell.d_res_high             1.6 
_reflns_shell.d_res_low              1.7 
_reflns_shell.percent_possible_all   88.3 
_reflns_shell.Rmerge_I_obs           ? 
_reflns_shell.pdbx_Rsym_value        0.218 
_reflns_shell.meanI_over_sigI_obs    2.5 
_reflns_shell.pdbx_redundancy        ? 
_reflns_shell.percent_possible_obs   ? 
_reflns_shell.number_unique_all      377 
_reflns_shell.number_measured_all    ? 
_reflns_shell.number_measured_obs    ? 
_reflns_shell.number_unique_obs      ? 
_reflns_shell.pdbx_chi_squared       ? 
_reflns_shell.pdbx_ordinal           1 
_reflns_shell.pdbx_diffrn_id         1 
# 
_refine.entry_id                                 1Q7A 
_refine.ls_number_reflns_obs                     14020 
_refine.ls_number_reflns_all                     15926 
_refine.pdbx_ls_sigma_I                          0 
_refine.pdbx_ls_sigma_F                          0.0 
_refine.pdbx_data_cutoff_high_absF               836357.40 
_refine.pdbx_data_cutoff_low_absF                0.0 
_refine.pdbx_data_cutoff_high_rms_absF           ? 
_refine.ls_d_res_low                             18.74 
_refine.ls_d_res_high                            1.6 
_refine.ls_percent_reflns_obs                    98.3 
_refine.ls_R_factor_obs                          0.209 
_refine.ls_R_factor_all                          0.209 
_refine.ls_R_factor_R_work                       0.209 
_refine.ls_R_factor_R_free                       0.213 
_refine.ls_R_factor_R_free_error                 0.008 
_refine.ls_R_factor_R_free_error_details         ? 
_refine.ls_percent_reflns_R_free                 5.0 
_refine.ls_number_reflns_R_free                  704 
_refine.ls_number_parameters                     ? 
_refine.ls_number_restraints                     ? 
_refine.occupancy_min                            ? 
_refine.occupancy_max                            ? 
_refine.correlation_coeff_Fo_to_Fc               ? 
_refine.correlation_coeff_Fo_to_Fc_free          ? 
_refine.B_iso_mean                               30.2 
_refine.aniso_B[1][1]                            0.88 
_refine.aniso_B[2][2]                            0.88 
_refine.aniso_B[3][3]                            -1.75 
_refine.aniso_B[1][2]                            0.00 
_refine.aniso_B[1][3]                            0.00 
_refine.aniso_B[2][3]                            0.00 
_refine.solvent_model_details                    'FLAT MODEL' 
_refine.solvent_model_param_ksol                 0.339296 
_refine.solvent_model_param_bsol                 52.6287 
_refine.pdbx_solvent_vdw_probe_radii             ? 
_refine.pdbx_solvent_ion_probe_radii             ? 
_refine.pdbx_solvent_shrinkage_radii             ? 
_refine.pdbx_ls_cross_valid_method               THROUGHOUT 
_refine.details                                  ? 
_refine.pdbx_starting_model                      1FB2.pdb 
_refine.pdbx_method_to_determine_struct          'MOLECULAR REPLACEMENT' 
_refine.pdbx_isotropic_thermal_model             RESTRAINED 
_refine.pdbx_stereochemistry_target_values       'Engh & Huber' 
_refine.pdbx_stereochem_target_val_spec_case     ? 
_refine.pdbx_R_Free_selection_details            RANDOM 
_refine.pdbx_overall_ESU_R_Free                  ? 
_refine.overall_SU_ML                            ? 
_refine.overall_SU_B                             ? 
_refine.ls_redundancy_reflns_obs                 ? 
_refine.B_iso_min                                ? 
_refine.B_iso_max                                ? 
_refine.overall_SU_R_Cruickshank_DPI             ? 
_refine.overall_SU_R_free                        ? 
_refine.ls_wR_factor_R_free                      ? 
_refine.ls_wR_factor_R_work                      ? 
_refine.overall_FOM_free_R_set                   ? 
_refine.overall_FOM_work_R_set                   ? 
_refine.pdbx_refine_id                           'X-RAY DIFFRACTION' 
_refine.pdbx_diffrn_id                           1 
_refine.pdbx_overall_ESU_R                       ? 
_refine.pdbx_overall_phase_error                 ? 
_refine.pdbx_TLS_residual_ADP_flag               ? 
_refine.pdbx_overall_SU_R_free_Cruickshank_DPI   ? 
_refine.pdbx_overall_SU_R_Blow_DPI               ? 
_refine.pdbx_overall_SU_R_free_Blow_DPI          ? 
# 
_refine_analyze.entry_id                        1Q7A 
_refine_analyze.Luzzati_coordinate_error_obs    0.24 
_refine_analyze.Luzzati_sigma_a_obs             0.19 
_refine_analyze.Luzzati_d_res_low_obs           5.0 
_refine_analyze.Luzzati_coordinate_error_free   0.24 
_refine_analyze.Luzzati_sigma_a_free            0.25 
_refine_analyze.Luzzati_d_res_low_free          ? 
_refine_analyze.number_disordered_residues      ? 
_refine_analyze.occupancy_sum_hydrogen          ? 
_refine_analyze.occupancy_sum_non_hydrogen      ? 
_refine_analyze.pdbx_Luzzati_d_res_high_obs     ? 
_refine_analyze.pdbx_refine_id                  'X-RAY DIFFRACTION' 
# 
_refine_hist.pdbx_refine_id                   'X-RAY DIFFRACTION' 
_refine_hist.cycle_id                         LAST 
_refine_hist.pdbx_number_atoms_protein        944 
_refine_hist.pdbx_number_atoms_nucleic_acid   0 
_refine_hist.pdbx_number_atoms_ligand         36 
_refine_hist.number_atoms_solvent             111 
_refine_hist.number_atoms_total               1091 
_refine_hist.d_res_high                       1.6 
_refine_hist.d_res_low                        18.74 
# 
loop_
_refine_ls_restr.type 
_refine_ls_restr.dev_ideal 
_refine_ls_restr.dev_ideal_target 
_refine_ls_restr.weight 
_refine_ls_restr.number 
_refine_ls_restr.pdbx_refine_id 
_refine_ls_restr.pdbx_restraint_function 
c_bond_d           0.007 ?    ? ? 'X-RAY DIFFRACTION' ? 
c_angle_deg        1.4   ?    ? ? 'X-RAY DIFFRACTION' ? 
c_dihedral_angle_d 22.7  ?    ? ? 'X-RAY DIFFRACTION' ? 
c_improper_angle_d 0.81  ?    ? ? 'X-RAY DIFFRACTION' ? 
c_mcbond_it        1.02  1.50 ? ? 'X-RAY DIFFRACTION' ? 
c_mcangle_it       1.76  2.00 ? ? 'X-RAY DIFFRACTION' ? 
c_scbond_it        1.35  2.00 ? ? 'X-RAY DIFFRACTION' ? 
c_scangle_it       2.14  2.50 ? ? 'X-RAY DIFFRACTION' ? 
# 
_refine_ls_shell.pdbx_total_number_of_bins_used   6 
_refine_ls_shell.d_res_high                       1.6 
_refine_ls_shell.d_res_low                        1.7 
_refine_ls_shell.number_reflns_R_work             1719 
_refine_ls_shell.R_factor_R_work                  0.34 
_refine_ls_shell.percent_reflns_obs               88.3 
_refine_ls_shell.R_factor_R_free                  0.393 
_refine_ls_shell.R_factor_R_free_error            0.039 
_refine_ls_shell.percent_reflns_R_free            5.7 
_refine_ls_shell.number_reflns_R_free             103 
_refine_ls_shell.number_reflns_obs                377 
_refine_ls_shell.redundancy_reflns_obs            ? 
_refine_ls_shell.number_reflns_all                ? 
_refine_ls_shell.pdbx_refine_id                   'X-RAY DIFFRACTION' 
_refine_ls_shell.R_factor_all                     ? 
# 
loop_
_pdbx_xplor_file.serial_no 
_pdbx_xplor_file.param_file 
_pdbx_xplor_file.topol_file 
_pdbx_xplor_file.pdbx_refine_id 
1 PROTEIN_REP.PARAM PROTEIN.TOP 'X-RAY DIFFRACTION' 
2 ION.PARAM         WATER.TOP   'X-RAY DIFFRACTION' 
3 WATER_REP.PARAM   OPB.TOP     'X-RAY DIFFRACTION' 
4 OPB.PAR           ION.TOP     'X-RAY DIFFRACTION' 
# 
_struct.entry_id                  1Q7A 
_struct.title                     
;Crystal structure of the complex formed between russell's viper phospholipase A2 and an antiinflammatory agent oxyphenbutazone at 1.6A resolution
;
_struct.pdbx_model_details        ? 
_struct.pdbx_CASP_flag            ? 
_struct.pdbx_model_type_details   ? 
# 
_struct_keywords.entry_id        1Q7A 
_struct_keywords.pdbx_keywords   HYDROLASE 
_struct_keywords.text            'Phospholipase A2, Venom, Antiinflammatory compound, HYDROLASE' 
# 
loop_
_struct_asym.id 
_struct_asym.pdbx_blank_PDB_chainid_flag 
_struct_asym.pdbx_modified 
_struct_asym.entity_id 
_struct_asym.details 
A N N 1 ? 
B N N 2 ? 
C N N 2 ? 
D N N 3 ? 
E N N 4 ? 
F N N 5 ? 
# 
_struct_ref.id                         1 
_struct_ref.db_name                    UNP 
_struct_ref.db_code                    PA28_DABRR 
_struct_ref.pdbx_db_accession          P59071 
_struct_ref.entity_id                  1 
_struct_ref.pdbx_seq_one_letter_code   
;SLLEFGKMILEETGKLAIPSYSSYGCYCGWGGKGTPKDATDRCCFVHDCCYGNLPDCNPKSDRYKYKRVNGAIVCEKGTS
CENRICECDKAAAICFRQNLNTYSKKYMLYPDFLCKGELKC
;
_struct_ref.pdbx_align_begin           1 
_struct_ref.pdbx_db_isoform            ? 
# 
_struct_ref_seq.align_id                      1 
_struct_ref_seq.ref_id                        1 
_struct_ref_seq.pdbx_PDB_id_code              1Q7A 
_struct_ref_seq.pdbx_strand_id                A 
_struct_ref_seq.seq_align_beg                 1 
_struct_ref_seq.pdbx_seq_align_beg_ins_code   ? 
_struct_ref_seq.seq_align_end                 121 
_struct_ref_seq.pdbx_seq_align_end_ins_code   ? 
_struct_ref_seq.pdbx_db_accession             P59071 
_struct_ref_seq.db_align_beg                  1 
_struct_ref_seq.pdbx_db_align_beg_ins_code    ? 
_struct_ref_seq.db_align_end                  121 
_struct_ref_seq.pdbx_db_align_end_ins_code    ? 
_struct_ref_seq.pdbx_auth_seq_align_beg       1 
_struct_ref_seq.pdbx_auth_seq_align_end       121 
# 
_pdbx_struct_assembly.id                   1 
_pdbx_struct_assembly.details              author_defined_assembly 
_pdbx_struct_assembly.method_details       ? 
_pdbx_struct_assembly.oligomeric_details   monomeric 
_pdbx_struct_assembly.oligomeric_count     1 
# 
_pdbx_struct_assembly_gen.assembly_id       1 
_pdbx_struct_assembly_gen.oper_expression   1 
_pdbx_struct_assembly_gen.asym_id_list      A,B,C,D,E,F 
# 
_pdbx_struct_oper_list.id                   1 
_pdbx_struct_oper_list.type                 'identity operation' 
_pdbx_struct_oper_list.name                 1_555 
_pdbx_struct_oper_list.symmetry_operation   x,y,z 
_pdbx_struct_oper_list.matrix[1][1]         1.0000000000 
_pdbx_struct_oper_list.matrix[1][2]         0.0000000000 
_pdbx_struct_oper_list.matrix[1][3]         0.0000000000 
_pdbx_struct_oper_list.vector[1]            0.0000000000 
_pdbx_struct_oper_list.matrix[2][1]         0.0000000000 
_pdbx_struct_oper_list.matrix[2][2]         1.0000000000 
_pdbx_struct_oper_list.matrix[2][3]         0.0000000000 
_pdbx_struct_oper_list.vector[2]            0.0000000000 
_pdbx_struct_oper_list.matrix[3][1]         0.0000000000 
_pdbx_struct_oper_list.matrix[3][2]         0.0000000000 
_pdbx_struct_oper_list.matrix[3][3]         1.0000000000 
_pdbx_struct_oper_list.vector[3]            0.0000000000 
# 
_struct_biol.id        1 
_struct_biol.details   ? 
# 
loop_
_struct_conf.conf_type_id 
_struct_conf.id 
_struct_conf.pdbx_PDB_helix_id 
_struct_conf.beg_label_comp_id 
_struct_conf.beg_label_asym_id 
_struct_conf.beg_label_seq_id 
_struct_conf.pdbx_beg_PDB_ins_code 
_struct_conf.end_label_comp_id 
_struct_conf.end_label_asym_id 
_struct_conf.end_label_seq_id 
_struct_conf.pdbx_end_PDB_ins_code 
_struct_conf.beg_auth_comp_id 
_struct_conf.beg_auth_asym_id 
_struct_conf.beg_auth_seq_id 
_struct_conf.end_auth_comp_id 
_struct_conf.end_auth_asym_id 
_struct_conf.end_auth_seq_id 
_struct_conf.pdbx_PDB_helix_class 
_struct_conf.details 
_struct_conf.pdbx_PDB_helix_length 
HELX_P HELX_P1 1 SER A 1   ? GLY A 14  ? SER A 1   GLY A 14  1 ? 14 
HELX_P HELX_P2 2 LEU A 16  ? TYR A 21  ? LEU A 16  TYR A 21  1 ? 6  
HELX_P HELX_P3 3 ASP A 38  ? ASN A 53  ? ASP A 38  ASN A 53  1 ? 16 
HELX_P HELX_P4 4 THR A 79  ? ASN A 99  ? THR A 79  ASN A 99  1 ? 21 
HELX_P HELX_P5 5 LEU A 100 ? TYR A 103 ? LEU A 100 TYR A 103 5 ? 4  
HELX_P HELX_P6 6 SER A 104 ? MET A 108 ? SER A 104 MET A 108 5 ? 5  
HELX_P HELX_P7 7 PRO A 111 ? CYS A 115 ? PRO A 111 CYS A 115 5 ? 5  
# 
_struct_conf_type.id          HELX_P 
_struct_conf_type.criteria    ? 
_struct_conf_type.reference   ? 
# 
loop_
_struct_conn.id 
_struct_conn.conn_type_id 
_struct_conn.pdbx_leaving_atom_flag 
_struct_conn.pdbx_PDB_id 
_struct_conn.ptnr1_label_asym_id 
_struct_conn.ptnr1_label_comp_id 
_struct_conn.ptnr1_label_seq_id 
_struct_conn.ptnr1_label_atom_id 
_struct_conn.pdbx_ptnr1_label_alt_id 
_struct_conn.pdbx_ptnr1_PDB_ins_code 
_struct_conn.pdbx_ptnr1_standard_comp_id 
_struct_conn.ptnr1_symmetry 
_struct_conn.ptnr2_label_asym_id 
_struct_conn.ptnr2_label_comp_id 
_struct_conn.ptnr2_label_seq_id 
_struct_conn.ptnr2_label_atom_id 
_struct_conn.pdbx_ptnr2_label_alt_id 
_struct_conn.pdbx_ptnr2_PDB_ins_code 
_struct_conn.ptnr1_auth_asym_id 
_struct_conn.ptnr1_auth_comp_id 
_struct_conn.ptnr1_auth_seq_id 
_struct_conn.ptnr2_auth_asym_id 
_struct_conn.ptnr2_auth_comp_id 
_struct_conn.ptnr2_auth_seq_id 
_struct_conn.ptnr2_symmetry 
_struct_conn.pdbx_ptnr3_label_atom_id 
_struct_conn.pdbx_ptnr3_label_seq_id 
_struct_conn.pdbx_ptnr3_label_comp_id 
_struct_conn.pdbx_ptnr3_label_asym_id 
_struct_conn.pdbx_ptnr3_label_alt_id 
_struct_conn.pdbx_ptnr3_PDB_ins_code 
_struct_conn.details 
_struct_conn.pdbx_dist_value 
_struct_conn.pdbx_value_order 
_struct_conn.pdbx_role 
disulf1 disulf ? ? A CYS 26 SG ? ? ? 1_555 A CYS 115 SG ? ? A CYS 26 A CYS 115 1_555 ? ? ? ? ? ? ? 2.029 ? ? 
disulf2 disulf ? ? A CYS 28 SG ? ? ? 1_555 A CYS 44  SG ? ? A CYS 28 A CYS 44  1_555 ? ? ? ? ? ? ? 2.033 ? ? 
disulf3 disulf ? ? A CYS 43 SG ? ? ? 1_555 A CYS 95  SG ? ? A CYS 43 A CYS 95  1_555 ? ? ? ? ? ? ? 2.029 ? ? 
disulf4 disulf ? ? A CYS 49 SG ? ? ? 1_555 A CYS 121 SG ? ? A CYS 49 A CYS 121 1_555 ? ? ? ? ? ? ? 2.029 ? ? 
disulf5 disulf ? ? A CYS 50 SG ? ? ? 1_555 A CYS 88  SG ? ? A CYS 50 A CYS 88  1_555 ? ? ? ? ? ? ? 2.027 ? ? 
disulf6 disulf ? ? A CYS 57 SG ? ? ? 1_555 A CYS 81  SG ? ? A CYS 57 A CYS 81  1_555 ? ? ? ? ? ? ? 2.030 ? ? 
disulf7 disulf ? ? A CYS 75 SG ? ? ? 1_555 A CYS 86  SG ? ? A CYS 75 A CYS 86  1_555 ? ? ? ? ? ? ? 2.028 ? ? 
# 
_struct_conn_type.id          disulf 
_struct_conn_type.criteria    ? 
_struct_conn_type.reference   ? 
# 
loop_
_pdbx_modification_feature.ordinal 
_pdbx_modification_feature.label_comp_id 
_pdbx_modification_feature.label_asym_id 
_pdbx_modification_feature.label_seq_id 
_pdbx_modification_feature.label_alt_id 
_pdbx_modification_feature.modified_residue_label_comp_id 
_pdbx_modification_feature.modified_residue_label_asym_id 
_pdbx_modification_feature.modified_residue_label_seq_id 
_pdbx_modification_feature.modified_residue_label_alt_id 
_pdbx_modification_feature.auth_comp_id 
_pdbx_modification_feature.auth_asym_id 
_pdbx_modification_feature.auth_seq_id 
_pdbx_modification_feature.PDB_ins_code 
_pdbx_modification_feature.symmetry 
_pdbx_modification_feature.modified_residue_auth_comp_id 
_pdbx_modification_feature.modified_residue_auth_asym_id 
_pdbx_modification_feature.modified_residue_auth_seq_id 
_pdbx_modification_feature.modified_residue_PDB_ins_code 
_pdbx_modification_feature.modified_residue_symmetry 
_pdbx_modification_feature.comp_id_linking_atom 
_pdbx_modification_feature.modified_residue_id_linking_atom 
_pdbx_modification_feature.modified_residue_id 
_pdbx_modification_feature.ref_pcm_id 
_pdbx_modification_feature.ref_comp_id 
_pdbx_modification_feature.type 
_pdbx_modification_feature.category 
1 CYS A 26 ? CYS A 115 ? CYS A 26 ? 1_555 CYS A 115 ? 1_555 SG SG . . . None 'Disulfide bridge' 
2 CYS A 28 ? CYS A 44  ? CYS A 28 ? 1_555 CYS A 44  ? 1_555 SG SG . . . None 'Disulfide bridge' 
3 CYS A 43 ? CYS A 95  ? CYS A 43 ? 1_555 CYS A 95  ? 1_555 SG SG . . . None 'Disulfide bridge' 
4 CYS A 49 ? CYS A 121 ? CYS A 49 ? 1_555 CYS A 121 ? 1_555 SG SG . . . None 'Disulfide bridge' 
5 CYS A 50 ? CYS A 88  ? CYS A 50 ? 1_555 CYS A 88  ? 1_555 SG SG . . . None 'Disulfide bridge' 
6 CYS A 57 ? CYS A 81  ? CYS A 57 ? 1_555 CYS A 81  ? 1_555 SG SG . . . None 'Disulfide bridge' 
7 CYS A 75 ? CYS A 86  ? CYS A 75 ? 1_555 CYS A 86  ? 1_555 SG SG . . . None 'Disulfide bridge' 
# 
_struct_sheet.id               A 
_struct_sheet.type             ? 
_struct_sheet.number_strands   2 
_struct_sheet.details          ? 
# 
_struct_sheet_order.sheet_id     A 
_struct_sheet_order.range_id_1   1 
_struct_sheet_order.range_id_2   2 
_struct_sheet_order.offset       ? 
_struct_sheet_order.sense        anti-parallel 
# 
loop_
_struct_sheet_range.sheet_id 
_struct_sheet_range.id 
_struct_sheet_range.beg_label_comp_id 
_struct_sheet_range.beg_label_asym_id 
_struct_sheet_range.beg_label_seq_id 
_struct_sheet_range.pdbx_beg_PDB_ins_code 
_struct_sheet_range.end_label_comp_id 
_struct_sheet_range.end_label_asym_id 
_struct_sheet_range.end_label_seq_id 
_struct_sheet_range.pdbx_end_PDB_ins_code 
_struct_sheet_range.beg_auth_comp_id 
_struct_sheet_range.beg_auth_asym_id 
_struct_sheet_range.beg_auth_seq_id 
_struct_sheet_range.end_auth_comp_id 
_struct_sheet_range.end_auth_asym_id 
_struct_sheet_range.end_auth_seq_id 
A 1 TYR A 66 ? VAL A 69 ? TYR A 66 VAL A 69 
A 2 ALA A 72 ? CYS A 75 ? ALA A 72 CYS A 75 
# 
_pdbx_struct_sheet_hbond.sheet_id                A 
_pdbx_struct_sheet_hbond.range_id_1              1 
_pdbx_struct_sheet_hbond.range_id_2              2 
_pdbx_struct_sheet_hbond.range_1_label_atom_id   N 
_pdbx_struct_sheet_hbond.range_1_label_comp_id   VAL 
_pdbx_struct_sheet_hbond.range_1_label_asym_id   A 
_pdbx_struct_sheet_hbond.range_1_label_seq_id    69 
_pdbx_struct_sheet_hbond.range_1_PDB_ins_code    ? 
_pdbx_struct_sheet_hbond.range_1_auth_atom_id    N 
_pdbx_struct_sheet_hbond.range_1_auth_comp_id    VAL 
_pdbx_struct_sheet_hbond.range_1_auth_asym_id    A 
_pdbx_struct_sheet_hbond.range_1_auth_seq_id     69 
_pdbx_struct_sheet_hbond.range_2_label_atom_id   O 
_pdbx_struct_sheet_hbond.range_2_label_comp_id   ALA 
_pdbx_struct_sheet_hbond.range_2_label_asym_id   A 
_pdbx_struct_sheet_hbond.range_2_label_seq_id    72 
_pdbx_struct_sheet_hbond.range_2_PDB_ins_code    ? 
_pdbx_struct_sheet_hbond.range_2_auth_atom_id    O 
_pdbx_struct_sheet_hbond.range_2_auth_comp_id    ALA 
_pdbx_struct_sheet_hbond.range_2_auth_asym_id    A 
_pdbx_struct_sheet_hbond.range_2_auth_seq_id     72 
# 
loop_
_struct_site.id 
_struct_site.pdbx_evidence_code 
_struct_site.pdbx_auth_asym_id 
_struct_site.pdbx_auth_comp_id 
_struct_site.pdbx_auth_seq_id 
_struct_site.pdbx_auth_ins_code 
_struct_site.pdbx_num_residues 
_struct_site.details 
AC1 Software A SO4 122 ? 5  'BINDING SITE FOR RESIDUE SO4 A 122' 
AC2 Software A SO4 123 ? 3  'BINDING SITE FOR RESIDUE SO4 A 123' 
AC3 Software A OPB 124 ? 12 'BINDING SITE FOR RESIDUE OPB A 124' 
AC4 Software A MOH 125 ? 6  'BINDING SITE FOR RESIDUE MOH A 125' 
# 
loop_
_struct_site_gen.id 
_struct_site_gen.site_id 
_struct_site_gen.pdbx_num_res 
_struct_site_gen.label_comp_id 
_struct_site_gen.label_asym_id 
_struct_site_gen.label_seq_id 
_struct_site_gen.pdbx_auth_ins_code 
_struct_site_gen.auth_comp_id 
_struct_site_gen.auth_asym_id 
_struct_site_gen.auth_seq_id 
_struct_site_gen.label_atom_id 
_struct_site_gen.label_alt_id 
_struct_site_gen.symmetry 
_struct_site_gen.details 
1  AC1 5  LYS A 15  ? LYS A 15  . ? 1_555 ? 
2  AC1 5  LYS A 67  ? LYS A 67  . ? 3_554 ? 
3  AC1 5  HOH F .   ? HOH A 167 . ? 1_555 ? 
4  AC1 5  HOH F .   ? HOH A 206 . ? 1_555 ? 
5  AC1 5  HOH F .   ? HOH A 233 . ? 1_555 ? 
6  AC2 3  SER A 1   ? SER A 1   . ? 1_555 ? 
7  AC2 3  LEU A 3   ? LEU A 3   . ? 1_555 ? 
8  AC2 3  ARG A 63  ? ARG A 63  . ? 1_555 ? 
9  AC3 12 LEU A 2   ? LEU A 2   . ? 1_555 ? 
10 AC3 12 PHE A 5   ? PHE A 5   . ? 1_555 ? 
11 AC3 12 GLY A 6   ? GLY A 6   . ? 1_555 ? 
12 AC3 12 ALA A 17  ? ALA A 17  . ? 1_555 ? 
13 AC3 12 GLY A 29  ? GLY A 29  . ? 1_555 ? 
14 AC3 12 TRP A 30  ? TRP A 30  . ? 1_555 ? 
15 AC3 12 HIS A 47  ? HIS A 47  . ? 1_555 ? 
16 AC3 12 TYR A 51  ? TYR A 51  . ? 1_555 ? 
17 AC3 12 LYS A 60  ? LYS A 60  . ? 1_555 ? 
18 AC3 12 ASN A 101 ? ASN A 101 . ? 2_564 ? 
19 AC3 12 MOH E .   ? MOH A 125 . ? 1_555 ? 
20 AC3 12 HOH F .   ? HOH A 153 . ? 2_564 ? 
21 AC4 6  TYR A 27  ? TYR A 27  . ? 1_555 ? 
22 AC4 6  CYS A 28  ? CYS A 28  . ? 1_555 ? 
23 AC4 6  GLY A 29  ? GLY A 29  . ? 1_555 ? 
24 AC4 6  CYS A 44  ? CYS A 44  . ? 1_555 ? 
25 AC4 6  OPB D .   ? OPB A 124 . ? 1_555 ? 
26 AC4 6  HOH F .   ? HOH A 234 . ? 1_555 ? 
# 
_pdbx_entry_details.entry_id                   1Q7A 
_pdbx_entry_details.compound_details           ? 
_pdbx_entry_details.source_details             ? 
_pdbx_entry_details.nonpolymer_details         ? 
_pdbx_entry_details.sequence_details           ? 
_pdbx_entry_details.has_ligand_of_interest     ? 
_pdbx_entry_details.has_protein_modification   Y 
# 
loop_
_pdbx_validate_rmsd_angle.id 
_pdbx_validate_rmsd_angle.PDB_model_num 
_pdbx_validate_rmsd_angle.auth_atom_id_1 
_pdbx_validate_rmsd_angle.auth_asym_id_1 
_pdbx_validate_rmsd_angle.auth_comp_id_1 
_pdbx_validate_rmsd_angle.auth_seq_id_1 
_pdbx_validate_rmsd_angle.PDB_ins_code_1 
_pdbx_validate_rmsd_angle.label_alt_id_1 
_pdbx_validate_rmsd_angle.auth_atom_id_2 
_pdbx_validate_rmsd_angle.auth_asym_id_2 
_pdbx_validate_rmsd_angle.auth_comp_id_2 
_pdbx_validate_rmsd_angle.auth_seq_id_2 
_pdbx_validate_rmsd_angle.PDB_ins_code_2 
_pdbx_validate_rmsd_angle.label_alt_id_2 
_pdbx_validate_rmsd_angle.auth_atom_id_3 
_pdbx_validate_rmsd_angle.auth_asym_id_3 
_pdbx_validate_rmsd_angle.auth_comp_id_3 
_pdbx_validate_rmsd_angle.auth_seq_id_3 
_pdbx_validate_rmsd_angle.PDB_ins_code_3 
_pdbx_validate_rmsd_angle.label_alt_id_3 
_pdbx_validate_rmsd_angle.angle_value 
_pdbx_validate_rmsd_angle.angle_target_value 
_pdbx_validate_rmsd_angle.angle_deviation 
_pdbx_validate_rmsd_angle.angle_standard_deviation 
_pdbx_validate_rmsd_angle.linker_flag 
1 1 C  A ILE 18 ? ? N  A PRO 19 ? ? CA A PRO 19 ? ? 167.24 119.30 47.94  1.50 Y 
2 1 C  A ILE 18 ? ? N  A PRO 19 ? ? CD A PRO 19 ? ? 80.45  128.40 -47.95 2.10 Y 
3 1 CA A PRO 19 ? ? N  A PRO 19 ? ? CD A PRO 19 ? ? 86.80  111.70 -24.90 1.40 N 
4 1 N  A PRO 19 ? ? CA A PRO 19 ? ? CB A PRO 19 ? ? 117.96 103.30 14.66  1.20 N 
5 1 N  A PRO 19 ? ? CD A PRO 19 ? ? CG A PRO 19 ? ? 121.79 103.20 18.59  1.50 N 
# 
loop_
_pdbx_validate_torsion.id 
_pdbx_validate_torsion.PDB_model_num 
_pdbx_validate_torsion.auth_comp_id 
_pdbx_validate_torsion.auth_asym_id 
_pdbx_validate_torsion.auth_seq_id 
_pdbx_validate_torsion.PDB_ins_code 
_pdbx_validate_torsion.label_alt_id 
_pdbx_validate_torsion.phi 
_pdbx_validate_torsion.psi 
1 1 PRO A 19 ? ? 158.07  -90.71 
2 1 SER A 20 ? ? -27.59  -50.56 
3 1 SER A 23 ? ? -149.41 42.87  
# 
_pdbx_database_remark.id     999 
_pdbx_database_remark.text   
;
Sequence
The five residues represent mutations in the current 
isoform of Phospholipase A2 structure
;
# 
loop_
_chem_comp_atom.comp_id 
_chem_comp_atom.atom_id 
_chem_comp_atom.type_symbol 
_chem_comp_atom.pdbx_aromatic_flag 
_chem_comp_atom.pdbx_stereo_config 
_chem_comp_atom.pdbx_ordinal 
ALA N    N N N 1   
ALA CA   C N S 2   
ALA C    C N N 3   
ALA O    O N N 4   
ALA CB   C N N 5   
ALA OXT  O N N 6   
ALA H    H N N 7   
ALA H2   H N N 8   
ALA HA   H N N 9   
ALA HB1  H N N 10  
ALA HB2  H N N 11  
ALA HB3  H N N 12  
ALA HXT  H N N 13  
ARG N    N N N 14  
ARG CA   C N S 15  
ARG C    C N N 16  
ARG O    O N N 17  
ARG CB   C N N 18  
ARG CG   C N N 19  
ARG CD   C N N 20  
ARG NE   N N N 21  
ARG CZ   C N N 22  
ARG NH1  N N N 23  
ARG NH2  N N N 24  
ARG OXT  O N N 25  
ARG H    H N N 26  
ARG H2   H N N 27  
ARG HA   H N N 28  
ARG HB2  H N N 29  
ARG HB3  H N N 30  
ARG HG2  H N N 31  
ARG HG3  H N N 32  
ARG HD2  H N N 33  
ARG HD3  H N N 34  
ARG HE   H N N 35  
ARG HH11 H N N 36  
ARG HH12 H N N 37  
ARG HH21 H N N 38  
ARG HH22 H N N 39  
ARG HXT  H N N 40  
ASN N    N N N 41  
ASN CA   C N S 42  
ASN C    C N N 43  
ASN O    O N N 44  
ASN CB   C N N 45  
ASN CG   C N N 46  
ASN OD1  O N N 47  
ASN ND2  N N N 48  
ASN OXT  O N N 49  
ASN H    H N N 50  
ASN H2   H N N 51  
ASN HA   H N N 52  
ASN HB2  H N N 53  
ASN HB3  H N N 54  
ASN HD21 H N N 55  
ASN HD22 H N N 56  
ASN HXT  H N N 57  
ASP N    N N N 58  
ASP CA   C N S 59  
ASP C    C N N 60  
ASP O    O N N 61  
ASP CB   C N N 62  
ASP CG   C N N 63  
ASP OD1  O N N 64  
ASP OD2  O N N 65  
ASP OXT  O N N 66  
ASP H    H N N 67  
ASP H2   H N N 68  
ASP HA   H N N 69  
ASP HB2  H N N 70  
ASP HB3  H N N 71  
ASP HD2  H N N 72  
ASP HXT  H N N 73  
CYS N    N N N 74  
CYS CA   C N R 75  
CYS C    C N N 76  
CYS O    O N N 77  
CYS CB   C N N 78  
CYS SG   S N N 79  
CYS OXT  O N N 80  
CYS H    H N N 81  
CYS H2   H N N 82  
CYS HA   H N N 83  
CYS HB2  H N N 84  
CYS HB3  H N N 85  
CYS HG   H N N 86  
CYS HXT  H N N 87  
GLN N    N N N 88  
GLN CA   C N S 89  
GLN C    C N N 90  
GLN O    O N N 91  
GLN CB   C N N 92  
GLN CG   C N N 93  
GLN CD   C N N 94  
GLN OE1  O N N 95  
GLN NE2  N N N 96  
GLN OXT  O N N 97  
GLN H    H N N 98  
GLN H2   H N N 99  
GLN HA   H N N 100 
GLN HB2  H N N 101 
GLN HB3  H N N 102 
GLN HG2  H N N 103 
GLN HG3  H N N 104 
GLN HE21 H N N 105 
GLN HE22 H N N 106 
GLN HXT  H N N 107 
GLU N    N N N 108 
GLU CA   C N S 109 
GLU C    C N N 110 
GLU O    O N N 111 
GLU CB   C N N 112 
GLU CG   C N N 113 
GLU CD   C N N 114 
GLU OE1  O N N 115 
GLU OE2  O N N 116 
GLU OXT  O N N 117 
GLU H    H N N 118 
GLU H2   H N N 119 
GLU HA   H N N 120 
GLU HB2  H N N 121 
GLU HB3  H N N 122 
GLU HG2  H N N 123 
GLU HG3  H N N 124 
GLU HE2  H N N 125 
GLU HXT  H N N 126 
GLY N    N N N 127 
GLY CA   C N N 128 
GLY C    C N N 129 
GLY O    O N N 130 
GLY OXT  O N N 131 
GLY H    H N N 132 
GLY H2   H N N 133 
GLY HA2  H N N 134 
GLY HA3  H N N 135 
GLY HXT  H N N 136 
HIS N    N N N 137 
HIS CA   C N S 138 
HIS C    C N N 139 
HIS O    O N N 140 
HIS CB   C N N 141 
HIS CG   C Y N 142 
HIS ND1  N Y N 143 
HIS CD2  C Y N 144 
HIS CE1  C Y N 145 
HIS NE2  N Y N 146 
HIS OXT  O N N 147 
HIS H    H N N 148 
HIS H2   H N N 149 
HIS HA   H N N 150 
HIS HB2  H N N 151 
HIS HB3  H N N 152 
HIS HD1  H N N 153 
HIS HD2  H N N 154 
HIS HE1  H N N 155 
HIS HE2  H N N 156 
HIS HXT  H N N 157 
HOH O    O N N 158 
HOH H1   H N N 159 
HOH H2   H N N 160 
ILE N    N N N 161 
ILE CA   C N S 162 
ILE C    C N N 163 
ILE O    O N N 164 
ILE CB   C N S 165 
ILE CG1  C N N 166 
ILE CG2  C N N 167 
ILE CD1  C N N 168 
ILE OXT  O N N 169 
ILE H    H N N 170 
ILE H2   H N N 171 
ILE HA   H N N 172 
ILE HB   H N N 173 
ILE HG12 H N N 174 
ILE HG13 H N N 175 
ILE HG21 H N N 176 
ILE HG22 H N N 177 
ILE HG23 H N N 178 
ILE HD11 H N N 179 
ILE HD12 H N N 180 
ILE HD13 H N N 181 
ILE HXT  H N N 182 
LEU N    N N N 183 
LEU CA   C N S 184 
LEU C    C N N 185 
LEU O    O N N 186 
LEU CB   C N N 187 
LEU CG   C N N 188 
LEU CD1  C N N 189 
LEU CD2  C N N 190 
LEU OXT  O N N 191 
LEU H    H N N 192 
LEU H2   H N N 193 
LEU HA   H N N 194 
LEU HB2  H N N 195 
LEU HB3  H N N 196 
LEU HG   H N N 197 
LEU HD11 H N N 198 
LEU HD12 H N N 199 
LEU HD13 H N N 200 
LEU HD21 H N N 201 
LEU HD22 H N N 202 
LEU HD23 H N N 203 
LEU HXT  H N N 204 
LYS N    N N N 205 
LYS CA   C N S 206 
LYS C    C N N 207 
LYS O    O N N 208 
LYS CB   C N N 209 
LYS CG   C N N 210 
LYS CD   C N N 211 
LYS CE   C N N 212 
LYS NZ   N N N 213 
LYS OXT  O N N 214 
LYS H    H N N 215 
LYS H2   H N N 216 
LYS HA   H N N 217 
LYS HB2  H N N 218 
LYS HB3  H N N 219 
LYS HG2  H N N 220 
LYS HG3  H N N 221 
LYS HD2  H N N 222 
LYS HD3  H N N 223 
LYS HE2  H N N 224 
LYS HE3  H N N 225 
LYS HZ1  H N N 226 
LYS HZ2  H N N 227 
LYS HZ3  H N N 228 
LYS HXT  H N N 229 
MET N    N N N 230 
MET CA   C N S 231 
MET C    C N N 232 
MET O    O N N 233 
MET CB   C N N 234 
MET CG   C N N 235 
MET SD   S N N 236 
MET CE   C N N 237 
MET OXT  O N N 238 
MET H    H N N 239 
MET H2   H N N 240 
MET HA   H N N 241 
MET HB2  H N N 242 
MET HB3  H N N 243 
MET HG2  H N N 244 
MET HG3  H N N 245 
MET HE1  H N N 246 
MET HE2  H N N 247 
MET HE3  H N N 248 
MET HXT  H N N 249 
MOH C    C N N 250 
MOH O    O N N 251 
MOH H1   H N N 252 
MOH H2   H N N 253 
MOH H3   H N N 254 
MOH HO   H N N 255 
OPB C16  C Y N 256 
OPB C17  C Y N 257 
OPB C12  C Y N 258 
OPB C13  C Y N 259 
OPB C14  C Y N 260 
OPB C15  C Y N 261 
OPB C8   C Y N 262 
OPB C9   C Y N 263 
OPB C10  C Y N 264 
OPB C11  C Y N 265 
OPB C6   C Y N 266 
OPB C7   C Y N 267 
OPB C21  C N N 268 
OPB C20  C N N 269 
OPB C19  C N N 270 
OPB C18  C N N 271 
OPB N2   N N N 272 
OPB C3   C N N 273 
OPB C4   C N S 274 
OPB C5   C N N 275 
OPB N1   N N N 276 
OPB O3   O N N 277 
OPB O5   O N N 278 
OPB O9   O N N 279 
OPB H16  H N N 280 
OPB H17  H N N 281 
OPB H13  H N N 282 
OPB H14  H N N 283 
OPB H15  H N N 284 
OPB H8   H N N 285 
OPB H10  H N N 286 
OPB H11  H N N 287 
OPB H7   H N N 288 
OPB H211 H N N 289 
OPB H212 H N N 290 
OPB H213 H N N 291 
OPB H201 H N N 292 
OPB H202 H N N 293 
OPB H191 H N N 294 
OPB H192 H N N 295 
OPB H181 H N N 296 
OPB H182 H N N 297 
OPB H4   H N N 298 
OPB H9   H N N 299 
PHE N    N N N 300 
PHE CA   C N S 301 
PHE C    C N N 302 
PHE O    O N N 303 
PHE CB   C N N 304 
PHE CG   C Y N 305 
PHE CD1  C Y N 306 
PHE CD2  C Y N 307 
PHE CE1  C Y N 308 
PHE CE2  C Y N 309 
PHE CZ   C Y N 310 
PHE OXT  O N N 311 
PHE H    H N N 312 
PHE H2   H N N 313 
PHE HA   H N N 314 
PHE HB2  H N N 315 
PHE HB3  H N N 316 
PHE HD1  H N N 317 
PHE HD2  H N N 318 
PHE HE1  H N N 319 
PHE HE2  H N N 320 
PHE HZ   H N N 321 
PHE HXT  H N N 322 
PRO N    N N N 323 
PRO CA   C N S 324 
PRO C    C N N 325 
PRO O    O N N 326 
PRO CB   C N N 327 
PRO CG   C N N 328 
PRO CD   C N N 329 
PRO OXT  O N N 330 
PRO H    H N N 331 
PRO HA   H N N 332 
PRO HB2  H N N 333 
PRO HB3  H N N 334 
PRO HG2  H N N 335 
PRO HG3  H N N 336 
PRO HD2  H N N 337 
PRO HD3  H N N 338 
PRO HXT  H N N 339 
SER N    N N N 340 
SER CA   C N S 341 
SER C    C N N 342 
SER O    O N N 343 
SER CB   C N N 344 
SER OG   O N N 345 
SER OXT  O N N 346 
SER H    H N N 347 
SER H2   H N N 348 
SER HA   H N N 349 
SER HB2  H N N 350 
SER HB3  H N N 351 
SER HG   H N N 352 
SER HXT  H N N 353 
SO4 S    S N N 354 
SO4 O1   O N N 355 
SO4 O2   O N N 356 
SO4 O3   O N N 357 
SO4 O4   O N N 358 
THR N    N N N 359 
THR CA   C N S 360 
THR C    C N N 361 
THR O    O N N 362 
THR CB   C N R 363 
THR OG1  O N N 364 
THR CG2  C N N 365 
THR OXT  O N N 366 
THR H    H N N 367 
THR H2   H N N 368 
THR HA   H N N 369 
THR HB   H N N 370 
THR HG1  H N N 371 
THR HG21 H N N 372 
THR HG22 H N N 373 
THR HG23 H N N 374 
THR HXT  H N N 375 
TRP N    N N N 376 
TRP CA   C N S 377 
TRP C    C N N 378 
TRP O    O N N 379 
TRP CB   C N N 380 
TRP CG   C Y N 381 
TRP CD1  C Y N 382 
TRP CD2  C Y N 383 
TRP NE1  N Y N 384 
TRP CE2  C Y N 385 
TRP CE3  C Y N 386 
TRP CZ2  C Y N 387 
TRP CZ3  C Y N 388 
TRP CH2  C Y N 389 
TRP OXT  O N N 390 
TRP H    H N N 391 
TRP H2   H N N 392 
TRP HA   H N N 393 
TRP HB2  H N N 394 
TRP HB3  H N N 395 
TRP HD1  H N N 396 
TRP HE1  H N N 397 
TRP HE3  H N N 398 
TRP HZ2  H N N 399 
TRP HZ3  H N N 400 
TRP HH2  H N N 401 
TRP HXT  H N N 402 
TYR N    N N N 403 
TYR CA   C N S 404 
TYR C    C N N 405 
TYR O    O N N 406 
TYR CB   C N N 407 
TYR CG   C Y N 408 
TYR CD1  C Y N 409 
TYR CD2  C Y N 410 
TYR CE1  C Y N 411 
TYR CE2  C Y N 412 
TYR CZ   C Y N 413 
TYR OH   O N N 414 
TYR OXT  O N N 415 
TYR H    H N N 416 
TYR H2   H N N 417 
TYR HA   H N N 418 
TYR HB2  H N N 419 
TYR HB3  H N N 420 
TYR HD1  H N N 421 
TYR HD2  H N N 422 
TYR HE1  H N N 423 
TYR HE2  H N N 424 
TYR HH   H N N 425 
TYR HXT  H N N 426 
VAL N    N N N 427 
VAL CA   C N S 428 
VAL C    C N N 429 
VAL O    O N N 430 
VAL CB   C N N 431 
VAL CG1  C N N 432 
VAL CG2  C N N 433 
VAL OXT  O N N 434 
VAL H    H N N 435 
VAL H2   H N N 436 
VAL HA   H N N 437 
VAL HB   H N N 438 
VAL HG11 H N N 439 
VAL HG12 H N N 440 
VAL HG13 H N N 441 
VAL HG21 H N N 442 
VAL HG22 H N N 443 
VAL HG23 H N N 444 
VAL HXT  H N N 445 
# 
loop_
_chem_comp_bond.comp_id 
_chem_comp_bond.atom_id_1 
_chem_comp_bond.atom_id_2 
_chem_comp_bond.value_order 
_chem_comp_bond.pdbx_aromatic_flag 
_chem_comp_bond.pdbx_stereo_config 
_chem_comp_bond.pdbx_ordinal 
ALA N   CA   sing N N 1   
ALA N   H    sing N N 2   
ALA N   H2   sing N N 3   
ALA CA  C    sing N N 4   
ALA CA  CB   sing N N 5   
ALA CA  HA   sing N N 6   
ALA C   O    doub N N 7   
ALA C   OXT  sing N N 8   
ALA CB  HB1  sing N N 9   
ALA CB  HB2  sing N N 10  
ALA CB  HB3  sing N N 11  
ALA OXT HXT  sing N N 12  
ARG N   CA   sing N N 13  
ARG N   H    sing N N 14  
ARG N   H2   sing N N 15  
ARG CA  C    sing N N 16  
ARG CA  CB   sing N N 17  
ARG CA  HA   sing N N 18  
ARG C   O    doub N N 19  
ARG C   OXT  sing N N 20  
ARG CB  CG   sing N N 21  
ARG CB  HB2  sing N N 22  
ARG CB  HB3  sing N N 23  
ARG CG  CD   sing N N 24  
ARG CG  HG2  sing N N 25  
ARG CG  HG3  sing N N 26  
ARG CD  NE   sing N N 27  
ARG CD  HD2  sing N N 28  
ARG CD  HD3  sing N N 29  
ARG NE  CZ   sing N N 30  
ARG NE  HE   sing N N 31  
ARG CZ  NH1  sing N N 32  
ARG CZ  NH2  doub N N 33  
ARG NH1 HH11 sing N N 34  
ARG NH1 HH12 sing N N 35  
ARG NH2 HH21 sing N N 36  
ARG NH2 HH22 sing N N 37  
ARG OXT HXT  sing N N 38  
ASN N   CA   sing N N 39  
ASN N   H    sing N N 40  
ASN N   H2   sing N N 41  
ASN CA  C    sing N N 42  
ASN CA  CB   sing N N 43  
ASN CA  HA   sing N N 44  
ASN C   O    doub N N 45  
ASN C   OXT  sing N N 46  
ASN CB  CG   sing N N 47  
ASN CB  HB2  sing N N 48  
ASN CB  HB3  sing N N 49  
ASN CG  OD1  doub N N 50  
ASN CG  ND2  sing N N 51  
ASN ND2 HD21 sing N N 52  
ASN ND2 HD22 sing N N 53  
ASN OXT HXT  sing N N 54  
ASP N   CA   sing N N 55  
ASP N   H    sing N N 56  
ASP N   H2   sing N N 57  
ASP CA  C    sing N N 58  
ASP CA  CB   sing N N 59  
ASP CA  HA   sing N N 60  
ASP C   O    doub N N 61  
ASP C   OXT  sing N N 62  
ASP CB  CG   sing N N 63  
ASP CB  HB2  sing N N 64  
ASP CB  HB3  sing N N 65  
ASP CG  OD1  doub N N 66  
ASP CG  OD2  sing N N 67  
ASP OD2 HD2  sing N N 68  
ASP OXT HXT  sing N N 69  
CYS N   CA   sing N N 70  
CYS N   H    sing N N 71  
CYS N   H2   sing N N 72  
CYS CA  C    sing N N 73  
CYS CA  CB   sing N N 74  
CYS CA  HA   sing N N 75  
CYS C   O    doub N N 76  
CYS C   OXT  sing N N 77  
CYS CB  SG   sing N N 78  
CYS CB  HB2  sing N N 79  
CYS CB  HB3  sing N N 80  
CYS SG  HG   sing N N 81  
CYS OXT HXT  sing N N 82  
GLN N   CA   sing N N 83  
GLN N   H    sing N N 84  
GLN N   H2   sing N N 85  
GLN CA  C    sing N N 86  
GLN CA  CB   sing N N 87  
GLN CA  HA   sing N N 88  
GLN C   O    doub N N 89  
GLN C   OXT  sing N N 90  
GLN CB  CG   sing N N 91  
GLN CB  HB2  sing N N 92  
GLN CB  HB3  sing N N 93  
GLN CG  CD   sing N N 94  
GLN CG  HG2  sing N N 95  
GLN CG  HG3  sing N N 96  
GLN CD  OE1  doub N N 97  
GLN CD  NE2  sing N N 98  
GLN NE2 HE21 sing N N 99  
GLN NE2 HE22 sing N N 100 
GLN OXT HXT  sing N N 101 
GLU N   CA   sing N N 102 
GLU N   H    sing N N 103 
GLU N   H2   sing N N 104 
GLU CA  C    sing N N 105 
GLU CA  CB   sing N N 106 
GLU CA  HA   sing N N 107 
GLU C   O    doub N N 108 
GLU C   OXT  sing N N 109 
GLU CB  CG   sing N N 110 
GLU CB  HB2  sing N N 111 
GLU CB  HB3  sing N N 112 
GLU CG  CD   sing N N 113 
GLU CG  HG2  sing N N 114 
GLU CG  HG3  sing N N 115 
GLU CD  OE1  doub N N 116 
GLU CD  OE2  sing N N 117 
GLU OE2 HE2  sing N N 118 
GLU OXT HXT  sing N N 119 
GLY N   CA   sing N N 120 
GLY N   H    sing N N 121 
GLY N   H2   sing N N 122 
GLY CA  C    sing N N 123 
GLY CA  HA2  sing N N 124 
GLY CA  HA3  sing N N 125 
GLY C   O    doub N N 126 
GLY C   OXT  sing N N 127 
GLY OXT HXT  sing N N 128 
HIS N   CA   sing N N 129 
HIS N   H    sing N N 130 
HIS N   H2   sing N N 131 
HIS CA  C    sing N N 132 
HIS CA  CB   sing N N 133 
HIS CA  HA   sing N N 134 
HIS C   O    doub N N 135 
HIS C   OXT  sing N N 136 
HIS CB  CG   sing N N 137 
HIS CB  HB2  sing N N 138 
HIS CB  HB3  sing N N 139 
HIS CG  ND1  sing Y N 140 
HIS CG  CD2  doub Y N 141 
HIS ND1 CE1  doub Y N 142 
HIS ND1 HD1  sing N N 143 
HIS CD2 NE2  sing Y N 144 
HIS CD2 HD2  sing N N 145 
HIS CE1 NE2  sing Y N 146 
HIS CE1 HE1  sing N N 147 
HIS NE2 HE2  sing N N 148 
HIS OXT HXT  sing N N 149 
HOH O   H1   sing N N 150 
HOH O   H2   sing N N 151 
ILE N   CA   sing N N 152 
ILE N   H    sing N N 153 
ILE N   H2   sing N N 154 
ILE CA  C    sing N N 155 
ILE CA  CB   sing N N 156 
ILE CA  HA   sing N N 157 
ILE C   O    doub N N 158 
ILE C   OXT  sing N N 159 
ILE CB  CG1  sing N N 160 
ILE CB  CG2  sing N N 161 
ILE CB  HB   sing N N 162 
ILE CG1 CD1  sing N N 163 
ILE CG1 HG12 sing N N 164 
ILE CG1 HG13 sing N N 165 
ILE CG2 HG21 sing N N 166 
ILE CG2 HG22 sing N N 167 
ILE CG2 HG23 sing N N 168 
ILE CD1 HD11 sing N N 169 
ILE CD1 HD12 sing N N 170 
ILE CD1 HD13 sing N N 171 
ILE OXT HXT  sing N N 172 
LEU N   CA   sing N N 173 
LEU N   H    sing N N 174 
LEU N   H2   sing N N 175 
LEU CA  C    sing N N 176 
LEU CA  CB   sing N N 177 
LEU CA  HA   sing N N 178 
LEU C   O    doub N N 179 
LEU C   OXT  sing N N 180 
LEU CB  CG   sing N N 181 
LEU CB  HB2  sing N N 182 
LEU CB  HB3  sing N N 183 
LEU CG  CD1  sing N N 184 
LEU CG  CD2  sing N N 185 
LEU CG  HG   sing N N 186 
LEU CD1 HD11 sing N N 187 
LEU CD1 HD12 sing N N 188 
LEU CD1 HD13 sing N N 189 
LEU CD2 HD21 sing N N 190 
LEU CD2 HD22 sing N N 191 
LEU CD2 HD23 sing N N 192 
LEU OXT HXT  sing N N 193 
LYS N   CA   sing N N 194 
LYS N   H    sing N N 195 
LYS N   H2   sing N N 196 
LYS CA  C    sing N N 197 
LYS CA  CB   sing N N 198 
LYS CA  HA   sing N N 199 
LYS C   O    doub N N 200 
LYS C   OXT  sing N N 201 
LYS CB  CG   sing N N 202 
LYS CB  HB2  sing N N 203 
LYS CB  HB3  sing N N 204 
LYS CG  CD   sing N N 205 
LYS CG  HG2  sing N N 206 
LYS CG  HG3  sing N N 207 
LYS CD  CE   sing N N 208 
LYS CD  HD2  sing N N 209 
LYS CD  HD3  sing N N 210 
LYS CE  NZ   sing N N 211 
LYS CE  HE2  sing N N 212 
LYS CE  HE3  sing N N 213 
LYS NZ  HZ1  sing N N 214 
LYS NZ  HZ2  sing N N 215 
LYS NZ  HZ3  sing N N 216 
LYS OXT HXT  sing N N 217 
MET N   CA   sing N N 218 
MET N   H    sing N N 219 
MET N   H2   sing N N 220 
MET CA  C    sing N N 221 
MET CA  CB   sing N N 222 
MET CA  HA   sing N N 223 
MET C   O    doub N N 224 
MET C   OXT  sing N N 225 
MET CB  CG   sing N N 226 
MET CB  HB2  sing N N 227 
MET CB  HB3  sing N N 228 
MET CG  SD   sing N N 229 
MET CG  HG2  sing N N 230 
MET CG  HG3  sing N N 231 
MET SD  CE   sing N N 232 
MET CE  HE1  sing N N 233 
MET CE  HE2  sing N N 234 
MET CE  HE3  sing N N 235 
MET OXT HXT  sing N N 236 
MOH C   O    sing N N 237 
MOH C   H1   sing N N 238 
MOH C   H2   sing N N 239 
MOH C   H3   sing N N 240 
MOH O   HO   sing N N 241 
OPB C16 C17  doub Y N 242 
OPB C16 C15  sing Y N 243 
OPB C16 H16  sing N N 244 
OPB C17 C12  sing Y N 245 
OPB C17 H17  sing N N 246 
OPB C12 C13  doub Y N 247 
OPB C12 N2   sing N N 248 
OPB C13 C14  sing Y N 249 
OPB C13 H13  sing N N 250 
OPB C14 C15  doub Y N 251 
OPB C14 H14  sing N N 252 
OPB C15 H15  sing N N 253 
OPB C8  C9   doub Y N 254 
OPB C8  C7   sing Y N 255 
OPB C8  H8   sing N N 256 
OPB C9  C10  sing Y N 257 
OPB C9  O9   sing N N 258 
OPB C10 C11  doub Y N 259 
OPB C10 H10  sing N N 260 
OPB C11 C6   sing Y N 261 
OPB C11 H11  sing N N 262 
OPB C6  C7   doub Y N 263 
OPB C6  N1   sing N N 264 
OPB C7  H7   sing N N 265 
OPB C21 C20  sing N N 266 
OPB C21 H211 sing N N 267 
OPB C21 H212 sing N N 268 
OPB C21 H213 sing N N 269 
OPB C20 C19  sing N N 270 
OPB C20 H201 sing N N 271 
OPB C20 H202 sing N N 272 
OPB C19 C18  sing N N 273 
OPB C19 H191 sing N N 274 
OPB C19 H192 sing N N 275 
OPB C18 C4   sing N N 276 
OPB C18 H181 sing N N 277 
OPB C18 H182 sing N N 278 
OPB N2  C3   sing N N 279 
OPB N2  N1   sing N N 280 
OPB C3  C4   sing N N 281 
OPB C3  O3   doub N N 282 
OPB C4  C5   sing N N 283 
OPB C4  H4   sing N N 284 
OPB C5  N1   sing N N 285 
OPB C5  O5   doub N N 286 
OPB O9  H9   sing N N 287 
PHE N   CA   sing N N 288 
PHE N   H    sing N N 289 
PHE N   H2   sing N N 290 
PHE CA  C    sing N N 291 
PHE CA  CB   sing N N 292 
PHE CA  HA   sing N N 293 
PHE C   O    doub N N 294 
PHE C   OXT  sing N N 295 
PHE CB  CG   sing N N 296 
PHE CB  HB2  sing N N 297 
PHE CB  HB3  sing N N 298 
PHE CG  CD1  doub Y N 299 
PHE CG  CD2  sing Y N 300 
PHE CD1 CE1  sing Y N 301 
PHE CD1 HD1  sing N N 302 
PHE CD2 CE2  doub Y N 303 
PHE CD2 HD2  sing N N 304 
PHE CE1 CZ   doub Y N 305 
PHE CE1 HE1  sing N N 306 
PHE CE2 CZ   sing Y N 307 
PHE CE2 HE2  sing N N 308 
PHE CZ  HZ   sing N N 309 
PHE OXT HXT  sing N N 310 
PRO N   CA   sing N N 311 
PRO N   CD   sing N N 312 
PRO N   H    sing N N 313 
PRO CA  C    sing N N 314 
PRO CA  CB   sing N N 315 
PRO CA  HA   sing N N 316 
PRO C   O    doub N N 317 
PRO C   OXT  sing N N 318 
PRO CB  CG   sing N N 319 
PRO CB  HB2  sing N N 320 
PRO CB  HB3  sing N N 321 
PRO CG  CD   sing N N 322 
PRO CG  HG2  sing N N 323 
PRO CG  HG3  sing N N 324 
PRO CD  HD2  sing N N 325 
PRO CD  HD3  sing N N 326 
PRO OXT HXT  sing N N 327 
SER N   CA   sing N N 328 
SER N   H    sing N N 329 
SER N   H2   sing N N 330 
SER CA  C    sing N N 331 
SER CA  CB   sing N N 332 
SER CA  HA   sing N N 333 
SER C   O    doub N N 334 
SER C   OXT  sing N N 335 
SER CB  OG   sing N N 336 
SER CB  HB2  sing N N 337 
SER CB  HB3  sing N N 338 
SER OG  HG   sing N N 339 
SER OXT HXT  sing N N 340 
SO4 S   O1   doub N N 341 
SO4 S   O2   doub N N 342 
SO4 S   O3   sing N N 343 
SO4 S   O4   sing N N 344 
THR N   CA   sing N N 345 
THR N   H    sing N N 346 
THR N   H2   sing N N 347 
THR CA  C    sing N N 348 
THR CA  CB   sing N N 349 
THR CA  HA   sing N N 350 
THR C   O    doub N N 351 
THR C   OXT  sing N N 352 
THR CB  OG1  sing N N 353 
THR CB  CG2  sing N N 354 
THR CB  HB   sing N N 355 
THR OG1 HG1  sing N N 356 
THR CG2 HG21 sing N N 357 
THR CG2 HG22 sing N N 358 
THR CG2 HG23 sing N N 359 
THR OXT HXT  sing N N 360 
TRP N   CA   sing N N 361 
TRP N   H    sing N N 362 
TRP N   H2   sing N N 363 
TRP CA  C    sing N N 364 
TRP CA  CB   sing N N 365 
TRP CA  HA   sing N N 366 
TRP C   O    doub N N 367 
TRP C   OXT  sing N N 368 
TRP CB  CG   sing N N 369 
TRP CB  HB2  sing N N 370 
TRP CB  HB3  sing N N 371 
TRP CG  CD1  doub Y N 372 
TRP CG  CD2  sing Y N 373 
TRP CD1 NE1  sing Y N 374 
TRP CD1 HD1  sing N N 375 
TRP CD2 CE2  doub Y N 376 
TRP CD2 CE3  sing Y N 377 
TRP NE1 CE2  sing Y N 378 
TRP NE1 HE1  sing N N 379 
TRP CE2 CZ2  sing Y N 380 
TRP CE3 CZ3  doub Y N 381 
TRP CE3 HE3  sing N N 382 
TRP CZ2 CH2  doub Y N 383 
TRP CZ2 HZ2  sing N N 384 
TRP CZ3 CH2  sing Y N 385 
TRP CZ3 HZ3  sing N N 386 
TRP CH2 HH2  sing N N 387 
TRP OXT HXT  sing N N 388 
TYR N   CA   sing N N 389 
TYR N   H    sing N N 390 
TYR N   H2   sing N N 391 
TYR CA  C    sing N N 392 
TYR CA  CB   sing N N 393 
TYR CA  HA   sing N N 394 
TYR C   O    doub N N 395 
TYR C   OXT  sing N N 396 
TYR CB  CG   sing N N 397 
TYR CB  HB2  sing N N 398 
TYR CB  HB3  sing N N 399 
TYR CG  CD1  doub Y N 400 
TYR CG  CD2  sing Y N 401 
TYR CD1 CE1  sing Y N 402 
TYR CD1 HD1  sing N N 403 
TYR CD2 CE2  doub Y N 404 
TYR CD2 HD2  sing N N 405 
TYR CE1 CZ   doub Y N 406 
TYR CE1 HE1  sing N N 407 
TYR CE2 CZ   sing Y N 408 
TYR CE2 HE2  sing N N 409 
TYR CZ  OH   sing N N 410 
TYR OH  HH   sing N N 411 
TYR OXT HXT  sing N N 412 
VAL N   CA   sing N N 413 
VAL N   H    sing N N 414 
VAL N   H2   sing N N 415 
VAL CA  C    sing N N 416 
VAL CA  CB   sing N N 417 
VAL CA  HA   sing N N 418 
VAL C   O    doub N N 419 
VAL C   OXT  sing N N 420 
VAL CB  CG1  sing N N 421 
VAL CB  CG2  sing N N 422 
VAL CB  HB   sing N N 423 
VAL CG1 HG11 sing N N 424 
VAL CG1 HG12 sing N N 425 
VAL CG1 HG13 sing N N 426 
VAL CG2 HG21 sing N N 427 
VAL CG2 HG22 sing N N 428 
VAL CG2 HG23 sing N N 429 
VAL OXT HXT  sing N N 430 
# 
_pdbx_initial_refinement_model.id               1 
_pdbx_initial_refinement_model.entity_id_list   ? 
_pdbx_initial_refinement_model.type             'experimental model' 
_pdbx_initial_refinement_model.source_name      PDB 
_pdbx_initial_refinement_model.accession_code   1FB2 
_pdbx_initial_refinement_model.details          1FB2.pdb 
# 
_atom_sites.entry_id                    1Q7A 
_atom_sites.fract_transf_matrix[1][1]   -0.00425605 
_atom_sites.fract_transf_matrix[1][2]   -0.01557133 
_atom_sites.fract_transf_matrix[1][3]   0.00976838 
_atom_sites.fract_transf_matrix[2][1]   0.00496661 
_atom_sites.fract_transf_matrix[2][2]   0.00867973 
_atom_sites.fract_transf_matrix[2][3]   0.01599989 
_atom_sites.fract_transf_matrix[3][1]   -0.01946052 
_atom_sites.fract_transf_matrix[3][2]   0.00679590 
_atom_sites.fract_transf_matrix[3][3]   0.00235415 
_atom_sites.fract_transf_vector[1]      0.162450 
_atom_sites.fract_transf_vector[2]      0.470530 
_atom_sites.fract_transf_vector[3]      -0.004753 
# 
loop_
_atom_type.symbol 
C 
N 
O 
S 
# 
loop_
_atom_site.group_PDB 
_atom_site.id 
_atom_site.type_symbol 
_atom_site.label_atom_id 
_atom_site.label_alt_id 
_atom_site.label_comp_id 
_atom_site.label_asym_id 
_atom_site.label_entity_id 
_atom_site.label_seq_id 
_atom_site.pdbx_PDB_ins_code 
_atom_site.Cartn_x 
_atom_site.Cartn_y 
_atom_site.Cartn_z 
_atom_site.occupancy 
_atom_site.B_iso_or_equiv 
_atom_site.pdbx_formal_charge 
_atom_site.auth_seq_id 
_atom_site.auth_comp_id 
_atom_site.auth_asym_id 
_atom_site.auth_atom_id 
_atom_site.pdbx_PDB_model_num 
ATOM   1    N N   . SER A 1 1   ? -0.447  -9.916  -5.857  1.00 28.82 ? 1   SER A N   1 
ATOM   2    C CA  . SER A 1 1   ? 0.906   -9.594  -6.387  1.00 29.77 ? 1   SER A CA  1 
ATOM   3    C C   . SER A 1 1   ? 1.032   -8.104  -6.676  1.00 30.44 ? 1   SER A C   1 
ATOM   4    O O   . SER A 1 1   ? 0.034   -7.386  -6.738  1.00 30.15 ? 1   SER A O   1 
ATOM   5    C CB  . SER A 1 1   ? 1.179   -10.390 -7.663  1.00 29.33 ? 1   SER A CB  1 
ATOM   6    O OG  . SER A 1 1   ? 0.277   -10.023 -8.690  1.00 29.46 ? 1   SER A OG  1 
ATOM   7    N N   . LEU A 1 2   ? 2.266   -7.649  -6.854  1.00 31.56 ? 2   LEU A N   1 
ATOM   8    C CA  . LEU A 1 2   ? 2.532   -6.242  -7.120  1.00 33.08 ? 2   LEU A CA  1 
ATOM   9    C C   . LEU A 1 2   ? 1.788   -5.694  -8.336  1.00 33.54 ? 2   LEU A C   1 
ATOM   10   O O   . LEU A 1 2   ? 1.343   -4.545  -8.330  1.00 33.50 ? 2   LEU A O   1 
ATOM   11   C CB  . LEU A 1 2   ? 4.037   -6.025  -7.290  1.00 34.00 ? 2   LEU A CB  1 
ATOM   12   C CG  . LEU A 1 2   ? 4.774   -5.287  -6.171  1.00 34.80 ? 2   LEU A CG  1 
ATOM   13   C CD1 . LEU A 1 2   ? 4.417   -5.859  -4.812  1.00 35.48 ? 2   LEU A CD1 1 
ATOM   14   C CD2 . LEU A 1 2   ? 6.265   -5.389  -6.422  1.00 35.68 ? 2   LEU A CD2 1 
ATOM   15   N N   . LEU A 1 3   ? 1.642   -6.511  -9.374  1.00 34.10 ? 3   LEU A N   1 
ATOM   16   C CA  . LEU A 1 3   ? 0.961   -6.071  -10.587 1.00 34.55 ? 3   LEU A CA  1 
ATOM   17   C C   . LEU A 1 3   ? -0.500  -5.708  -10.379 1.00 34.25 ? 3   LEU A C   1 
ATOM   18   O O   . LEU A 1 3   ? -1.002  -4.764  -10.983 1.00 34.59 ? 3   LEU A O   1 
ATOM   19   C CB  . LEU A 1 3   ? 1.060   -7.141  -11.675 1.00 35.56 ? 3   LEU A CB  1 
ATOM   20   C CG  . LEU A 1 3   ? 2.240   -7.090  -12.650 1.00 36.40 ? 3   LEU A CG  1 
ATOM   21   C CD1 . LEU A 1 3   ? 1.725   -6.633  -13.997 1.00 36.89 ? 3   LEU A CD1 1 
ATOM   22   C CD2 . LEU A 1 3   ? 3.347   -6.161  -12.147 1.00 36.92 ? 3   LEU A CD2 1 
ATOM   23   N N   . GLU A 1 4   ? -1.181  -6.454  -9.522  1.00 33.61 ? 4   GLU A N   1 
ATOM   24   C CA  . GLU A 1 4   ? -2.586  -6.190  -9.264  1.00 32.91 ? 4   GLU A CA  1 
ATOM   25   C C   . GLU A 1 4   ? -2.753  -5.040  -8.298  1.00 31.23 ? 4   GLU A C   1 
ATOM   26   O O   . GLU A 1 4   ? -3.655  -4.199  -8.457  1.00 31.61 ? 4   GLU A O   1 
ATOM   27   C CB  . GLU A 1 4   ? -3.277  -7.415  -8.694  1.00 33.80 ? 4   GLU A CB  1 
ATOM   28   C CG  . GLU A 1 4   ? -2.778  -8.691  -9.311  1.00 36.04 ? 4   GLU A CG  1 
ATOM   29   C CD  . GLU A 1 4   ? -3.303  -9.829  -8.524  1.00 36.72 ? 4   GLU A CD  1 
ATOM   30   O OE1 . GLU A 1 4   ? -4.535  -10.062 -8.574  1.00 37.62 ? 4   GLU A OE1 1 
ATOM   31   O OE2 . GLU A 1 4   ? -2.507  -10.502 -7.839  1.00 37.17 ? 4   GLU A OE2 1 
ATOM   32   N N   . PHE A 1 5   ? -1.889  -4.990  -7.294  1.00 29.21 ? 5   PHE A N   1 
ATOM   33   C CA  . PHE A 1 5   ? -1.957  -3.913  -6.329  1.00 27.10 ? 5   PHE A CA  1 
ATOM   34   C C   . PHE A 1 5   ? -1.763  -2.624  -7.121  1.00 26.92 ? 5   PHE A C   1 
ATOM   35   O O   . PHE A 1 5   ? -2.431  -1.621  -6.876  1.00 26.37 ? 5   PHE A O   1 
ATOM   36   C CB  . PHE A 1 5   ? -0.863  -4.083  -5.272  1.00 26.03 ? 5   PHE A CB  1 
ATOM   37   C CG  . PHE A 1 5   ? -0.898  -3.045  -4.185  1.00 24.73 ? 5   PHE A CG  1 
ATOM   38   C CD1 . PHE A 1 5   ? -2.111  -2.598  -3.671  1.00 24.19 ? 5   PHE A CD1 1 
ATOM   39   C CD2 . PHE A 1 5   ? 0.278   -2.530  -3.661  1.00 24.04 ? 5   PHE A CD2 1 
ATOM   40   C CE1 . PHE A 1 5   ? -2.148  -1.655  -2.650  1.00 23.58 ? 5   PHE A CE1 1 
ATOM   41   C CE2 . PHE A 1 5   ? 0.251   -1.586  -2.639  1.00 23.93 ? 5   PHE A CE2 1 
ATOM   42   C CZ  . PHE A 1 5   ? -0.965  -1.148  -2.133  1.00 23.68 ? 5   PHE A CZ  1 
ATOM   43   N N   . GLY A 1 6   ? -0.862  -2.672  -8.099  1.00 26.25 ? 6   GLY A N   1 
ATOM   44   C CA  . GLY A 1 6   ? -0.603  -1.505  -8.928  1.00 26.51 ? 6   GLY A CA  1 
ATOM   45   C C   . GLY A 1 6   ? -1.824  -1.058  -9.707  1.00 26.23 ? 6   GLY A C   1 
ATOM   46   O O   . GLY A 1 6   ? -2.095  0.136   -9.823  1.00 26.08 ? 6   GLY A O   1 
ATOM   47   N N   . LYS A 1 7   ? -2.561  -2.019  -10.249 1.00 26.45 ? 7   LYS A N   1 
ATOM   48   C CA  . LYS A 1 7   ? -3.759  -1.714  -11.012 1.00 26.74 ? 7   LYS A CA  1 
ATOM   49   C C   . LYS A 1 7   ? -4.856  -1.219  -10.077 1.00 26.03 ? 7   LYS A C   1 
ATOM   50   O O   . LYS A 1 7   ? -5.614  -0.313  -10.416 1.00 26.02 ? 7   LYS A O   1 
ATOM   51   C CB  . LYS A 1 7   ? -4.224  -2.954  -11.775 1.00 28.17 ? 7   LYS A CB  1 
ATOM   52   C CG  . LYS A 1 7   ? -5.510  -2.758  -12.559 1.00 30.06 ? 7   LYS A CG  1 
ATOM   53   C CD  . LYS A 1 7   ? -5.613  -3.757  -13.700 1.00 31.55 ? 7   LYS A CD  1 
ATOM   54   C CE  . LYS A 1 7   ? -4.588  -3.444  -14.787 1.00 32.42 ? 7   LYS A CE  1 
ATOM   55   N NZ  . LYS A 1 7   ? -4.757  -2.066  -15.340 1.00 32.82 ? 7   LYS A NZ  1 
ATOM   56   N N   . MET A 1 8   ? -4.928  -1.807  -8.890  1.00 24.50 ? 8   MET A N   1 
ATOM   57   C CA  . MET A 1 8   ? -5.926  -1.400  -7.909  1.00 23.40 ? 8   MET A CA  1 
ATOM   58   C C   . MET A 1 8   ? -5.693  0.068   -7.537  1.00 22.92 ? 8   MET A C   1 
ATOM   59   O O   . MET A 1 8   ? -6.638  0.850   -7.416  1.00 23.30 ? 8   MET A O   1 
ATOM   60   C CB  . MET A 1 8   ? -5.803  -2.276  -6.666  1.00 23.11 ? 8   MET A CB  1 
ATOM   61   C CG  . MET A 1 8   ? -6.961  -2.183  -5.720  1.00 23.10 ? 8   MET A CG  1 
ATOM   62   S SD  . MET A 1 8   ? -6.682  -3.253  -4.303  1.00 22.29 ? 8   MET A SD  1 
ATOM   63   C CE  . MET A 1 8   ? -7.203  -4.841  -4.945  1.00 21.64 ? 8   MET A CE  1 
ATOM   64   N N   . ILE A 1 9   ? -4.429  0.432   -7.355  1.00 21.94 ? 9   ILE A N   1 
ATOM   65   C CA  . ILE A 1 9   ? -4.070  1.800   -7.006  1.00 21.90 ? 9   ILE A CA  1 
ATOM   66   C C   . ILE A 1 9   ? -4.425  2.767   -8.130  1.00 22.47 ? 9   ILE A C   1 
ATOM   67   O O   . ILE A 1 9   ? -4.955  3.848   -7.881  1.00 21.96 ? 9   ILE A O   1 
ATOM   68   C CB  . ILE A 1 9   ? -2.565  1.915   -6.698  1.00 21.91 ? 9   ILE A CB  1 
ATOM   69   C CG1 . ILE A 1 9   ? -2.250  1.168   -5.400  1.00 21.85 ? 9   ILE A CG1 1 
ATOM   70   C CG2 . ILE A 1 9   ? -2.156  3.375   -6.584  1.00 21.80 ? 9   ILE A CG2 1 
ATOM   71   C CD1 . ILE A 1 9   ? -0.781  1.171   -5.019  1.00 22.23 ? 9   ILE A CD1 1 
ATOM   72   N N   . LEU A 1 10  ? -4.134  2.372   -9.366  1.00 22.95 ? 10  LEU A N   1 
ATOM   73   C CA  . LEU A 1 10  ? -4.434  3.215   -10.523 1.00 23.91 ? 10  LEU A CA  1 
ATOM   74   C C   . LEU A 1 10  ? -5.938  3.439   -10.670 1.00 24.46 ? 10  LEU A C   1 
ATOM   75   O O   . LEU A 1 10  ? -6.390  4.566   -10.885 1.00 24.37 ? 10  LEU A O   1 
ATOM   76   C CB  . LEU A 1 10  ? -3.877  2.574   -11.799 1.00 24.49 ? 10  LEU A CB  1 
ATOM   77   C CG  . LEU A 1 10  ? -4.201  3.314   -13.100 1.00 24.82 ? 10  LEU A CG  1 
ATOM   78   C CD1 . LEU A 1 10  ? -3.745  4.767   -13.006 1.00 25.46 ? 10  LEU A CD1 1 
ATOM   79   C CD2 . LEU A 1 10  ? -3.530  2.609   -14.263 1.00 25.87 ? 10  LEU A CD2 1 
ATOM   80   N N   . GLU A 1 11  ? -6.714  2.366   -10.553 1.00 24.72 ? 11  GLU A N   1 
ATOM   81   C CA  . GLU A 1 11  ? -8.163  2.463   -10.677 1.00 25.61 ? 11  GLU A CA  1 
ATOM   82   C C   . GLU A 1 11  ? -8.739  3.353   -9.588  1.00 25.41 ? 11  GLU A C   1 
ATOM   83   O O   . GLU A 1 11  ? -9.668  4.123   -9.820  1.00 25.44 ? 11  GLU A O   1 
ATOM   84   C CB  . GLU A 1 11  ? -8.811  1.085   -10.547 1.00 26.53 ? 11  GLU A CB  1 
ATOM   85   C CG  . GLU A 1 11  ? -8.281  0.032   -11.484 1.00 27.85 ? 11  GLU A CG  1 
ATOM   86   C CD  . GLU A 1 11  ? -8.962  -1.302  -11.260 1.00 28.54 ? 11  GLU A CD  1 
ATOM   87   O OE1 . GLU A 1 11  ? -9.173  -1.667  -10.083 1.00 28.90 ? 11  GLU A OE1 1 
ATOM   88   O OE2 . GLU A 1 11  ? -9.281  -1.984  -12.254 1.00 29.39 ? 11  GLU A OE2 1 
ATOM   89   N N   . GLU A 1 12  ? -8.168  3.245   -8.396  1.00 25.34 ? 12  GLU A N   1 
ATOM   90   C CA  . GLU A 1 12  ? -8.648  3.999   -7.249  1.00 25.57 ? 12  GLU A CA  1 
ATOM   91   C C   . GLU A 1 12  ? -8.258  5.475   -7.201  1.00 25.56 ? 12  GLU A C   1 
ATOM   92   O O   . GLU A 1 12  ? -9.100  6.332   -6.928  1.00 25.41 ? 12  GLU A O   1 
ATOM   93   C CB  . GLU A 1 12  ? -8.173  3.318   -5.961  1.00 25.57 ? 12  GLU A CB  1 
ATOM   94   C CG  . GLU A 1 12  ? -8.969  3.696   -4.736  1.00 26.54 ? 12  GLU A CG  1 
ATOM   95   C CD  . GLU A 1 12  ? -10.328 3.029   -4.695  1.00 26.16 ? 12  GLU A CD  1 
ATOM   96   O OE1 . GLU A 1 12  ? -11.140 3.410   -3.832  1.00 27.87 ? 12  GLU A OE1 1 
ATOM   97   O OE2 . GLU A 1 12  ? -10.587 2.120   -5.513  1.00 26.33 ? 12  GLU A OE2 1 
ATOM   98   N N   . THR A 1 13  ? -6.992  5.770   -7.481  1.00 25.25 ? 13  THR A N   1 
ATOM   99   C CA  . THR A 1 13  ? -6.493  7.140   -7.392  1.00 25.49 ? 13  THR A CA  1 
ATOM   100  C C   . THR A 1 13  ? -6.219  7.888   -8.693  1.00 26.00 ? 13  THR A C   1 
ATOM   101  O O   . THR A 1 13  ? -6.117  9.118   -8.690  1.00 25.71 ? 13  THR A O   1 
ATOM   102  C CB  . THR A 1 13  ? -5.197  7.170   -6.582  1.00 25.20 ? 13  THR A CB  1 
ATOM   103  O OG1 . THR A 1 13  ? -4.164  6.517   -7.330  1.00 25.12 ? 13  THR A OG1 1 
ATOM   104  C CG2 . THR A 1 13  ? -5.377  6.444   -5.258  1.00 25.40 ? 13  THR A CG2 1 
ATOM   105  N N   . GLY A 1 14  ? -6.082  7.156   -9.793  1.00 26.17 ? 14  GLY A N   1 
ATOM   106  C CA  . GLY A 1 14  ? -5.797  7.795   -11.063 1.00 27.34 ? 14  GLY A CA  1 
ATOM   107  C C   . GLY A 1 14  ? -4.307  8.061   -11.176 1.00 28.06 ? 14  GLY A C   1 
ATOM   108  O O   . GLY A 1 14  ? -3.839  8.648   -12.153 1.00 28.55 ? 14  GLY A O   1 
ATOM   109  N N   . LYS A 1 15  ? -3.560  7.623   -10.167 1.00 28.46 ? 15  LYS A N   1 
ATOM   110  C CA  . LYS A 1 15  ? -2.115  7.801   -10.133 1.00 29.04 ? 15  LYS A CA  1 
ATOM   111  C C   . LYS A 1 15  ? -1.404  6.486   -10.436 1.00 29.45 ? 15  LYS A C   1 
ATOM   112  O O   . LYS A 1 15  ? -1.863  5.419   -10.030 1.00 29.39 ? 15  LYS A O   1 
ATOM   113  C CB  . LYS A 1 15  ? -1.663  8.271   -8.747  1.00 29.16 ? 15  LYS A CB  1 
ATOM   114  C CG  . LYS A 1 15  ? -2.007  9.701   -8.378  1.00 29.67 ? 15  LYS A CG  1 
ATOM   115  C CD  . LYS A 1 15  ? -1.439  10.025  -6.999  1.00 30.23 ? 15  LYS A CD  1 
ATOM   116  C CE  . LYS A 1 15  ? -1.553  11.499  -6.664  1.00 31.29 ? 15  LYS A CE  1 
ATOM   117  N NZ  . LYS A 1 15  ? -0.740  12.334  -7.592  1.00 32.16 ? 15  LYS A NZ  1 
ATOM   118  N N   . LEU A 1 16  ? -0.290  6.560   -11.156 1.00 29.79 ? 16  LEU A N   1 
ATOM   119  C CA  . LEU A 1 16  ? 0.485   5.363   -11.451 1.00 30.64 ? 16  LEU A CA  1 
ATOM   120  C C   . LEU A 1 16  ? 1.226   5.015   -10.157 1.00 30.83 ? 16  LEU A C   1 
ATOM   121  O O   . LEU A 1 16  ? 1.978   5.836   -9.626  1.00 30.50 ? 16  LEU A O   1 
ATOM   122  C CB  . LEU A 1 16  ? 1.472   5.645   -12.588 1.00 30.92 ? 16  LEU A CB  1 
ATOM   123  C CG  . LEU A 1 16  ? 0.814   5.836   -13.958 1.00 31.44 ? 16  LEU A CG  1 
ATOM   124  C CD1 . LEU A 1 16  ? 1.845   6.321   -14.971 1.00 31.65 ? 16  LEU A CD1 1 
ATOM   125  C CD2 . LEU A 1 16  ? 0.191   4.519   -14.407 1.00 31.69 ? 16  LEU A CD2 1 
ATOM   126  N N   . ALA A 1 17  ? 0.996   3.808   -9.640  1.00 31.28 ? 17  ALA A N   1 
ATOM   127  C CA  . ALA A 1 17  ? 1.629   3.361   -8.389  1.00 32.05 ? 17  ALA A CA  1 
ATOM   128  C C   . ALA A 1 17  ? 3.134   3.580   -8.432  1.00 32.45 ? 17  ALA A C   1 
ATOM   129  O O   . ALA A 1 17  ? 3.765   3.897   -7.421  1.00 32.17 ? 17  ALA A O   1 
ATOM   130  C CB  . ALA A 1 17  ? 1.319   1.888   -8.138  1.00 31.92 ? 17  ALA A CB  1 
ATOM   131  N N   . ILE A 1 18  ? 3.689   3.352   -9.664  1.00 33.27 ? 18  ILE A N   1 
ATOM   132  C CA  . ILE A 1 18  ? 5.156   3.432   -9.896  1.00 34.34 ? 18  ILE A CA  1 
ATOM   133  C C   . ILE A 1 18  ? 5.567   4.555   -10.786 1.00 34.56 ? 18  ILE A C   1 
ATOM   134  O O   . ILE A 1 18  ? 5.629   4.462   -12.009 1.00 35.09 ? 18  ILE A O   1 
ATOM   135  C CB  . ILE A 1 18  ? 5.727   2.172   -10.521 1.00 34.81 ? 18  ILE A CB  1 
ATOM   136  C CG1 . ILE A 1 18  ? 5.741   1.029   -9.507  1.00 35.27 ? 18  ILE A CG1 1 
ATOM   137  C CG2 . ILE A 1 18  ? 7.117   2.410   -11.063 1.00 35.04 ? 18  ILE A CG2 1 
ATOM   138  C CD1 . ILE A 1 18  ? 7.068   0.849   -8.802  1.00 35.86 ? 18  ILE A CD1 1 
ATOM   139  N N   . PRO A 1 19  ? 5.821   5.590   -10.082 1.00 34.58 ? 19  PRO A N   1 
ATOM   140  C CA  . PRO A 1 19  ? 6.195   6.938   -9.551  1.00 34.26 ? 19  PRO A CA  1 
ATOM   141  C C   . PRO A 1 19  ? 5.523   7.120   -8.182  1.00 33.71 ? 19  PRO A C   1 
ATOM   142  O O   . PRO A 1 19  ? 6.065   6.784   -7.130  1.00 34.50 ? 19  PRO A O   1 
ATOM   143  C CB  . PRO A 1 19  ? 6.219   8.111   -10.529 1.00 34.80 ? 19  PRO A CB  1 
ATOM   144  C CG  . PRO A 1 19  ? 6.765   7.441   -11.651 1.00 34.99 ? 19  PRO A CG  1 
ATOM   145  C CD  . PRO A 1 19  ? 6.118   6.147   -11.466 1.00 34.91 ? 19  PRO A CD  1 
ATOM   146  N N   . SER A 1 20  ? 4.326   7.678   -8.232  1.00 32.80 ? 20  SER A N   1 
ATOM   147  C CA  . SER A 1 20  ? 3.564   8.101   -7.065  1.00 31.40 ? 20  SER A CA  1 
ATOM   148  C C   . SER A 1 20  ? 3.730   7.439   -5.696  1.00 30.57 ? 20  SER A C   1 
ATOM   149  O O   . SER A 1 20  ? 3.920   8.140   -4.703  1.00 30.21 ? 20  SER A O   1 
ATOM   150  C CB  . SER A 1 20  ? 2.081   8.111   -7.425  1.00 31.62 ? 20  SER A CB  1 
ATOM   151  O OG  . SER A 1 20  ? 1.829   9.009   -8.492  1.00 31.30 ? 20  SER A OG  1 
ATOM   152  N N   . TYR A 1 21  ? 3.660   6.114   -5.627  1.00 29.37 ? 21  TYR A N   1 
ATOM   153  C CA  . TYR A 1 21  ? 3.740   5.455   -4.322  1.00 28.78 ? 21  TYR A CA  1 
ATOM   154  C C   . TYR A 1 21  ? 4.889   4.484   -4.086  1.00 28.55 ? 21  TYR A C   1 
ATOM   155  O O   . TYR A 1 21  ? 4.863   3.714   -3.125  1.00 28.86 ? 21  TYR A O   1 
ATOM   156  C CB  . TYR A 1 21  ? 2.428   4.725   -4.048  1.00 28.11 ? 21  TYR A CB  1 
ATOM   157  C CG  . TYR A 1 21  ? 1.223   5.631   -4.027  1.00 27.65 ? 21  TYR A CG  1 
ATOM   158  C CD1 . TYR A 1 21  ? 0.899   6.361   -2.888  1.00 27.12 ? 21  TYR A CD1 1 
ATOM   159  C CD2 . TYR A 1 21  ? 0.405   5.764   -5.152  1.00 26.91 ? 21  TYR A CD2 1 
ATOM   160  C CE1 . TYR A 1 21  ? -0.206  7.196   -2.861  1.00 26.59 ? 21  TYR A CE1 1 
ATOM   161  C CE2 . TYR A 1 21  ? -0.705  6.603   -5.136  1.00 26.90 ? 21  TYR A CE2 1 
ATOM   162  C CZ  . TYR A 1 21  ? -1.005  7.314   -3.982  1.00 26.49 ? 21  TYR A CZ  1 
ATOM   163  O OH  . TYR A 1 21  ? -2.104  8.136   -3.930  1.00 26.11 ? 21  TYR A OH  1 
ATOM   164  N N   . SER A 1 22  ? 5.904   4.528   -4.936  1.00 28.17 ? 22  SER A N   1 
ATOM   165  C CA  . SER A 1 22  ? 7.025   3.616   -4.791  1.00 28.23 ? 22  SER A CA  1 
ATOM   166  C C   . SER A 1 22  ? 8.248   4.215   -4.097  1.00 27.87 ? 22  SER A C   1 
ATOM   167  O O   . SER A 1 22  ? 9.175   3.491   -3.743  1.00 27.93 ? 22  SER A O   1 
ATOM   168  C CB  . SER A 1 22  ? 7.409   3.066   -6.165  1.00 28.28 ? 22  SER A CB  1 
ATOM   169  O OG  . SER A 1 22  ? 7.622   4.118   -7.087  1.00 29.97 ? 22  SER A OG  1 
ATOM   170  N N   . SER A 1 23  ? 8.257   5.531   -3.903  1.00 27.29 ? 23  SER A N   1 
ATOM   171  C CA  . SER A 1 23  ? 9.375   6.197   -3.237  1.00 26.87 ? 23  SER A CA  1 
ATOM   172  C C   . SER A 1 23  ? 8.841   7.418   -2.503  1.00 26.24 ? 23  SER A C   1 
ATOM   173  O O   . SER A 1 23  ? 9.451   8.483   -2.519  1.00 26.51 ? 23  SER A O   1 
ATOM   174  C CB  . SER A 1 23  ? 10.422  6.646   -4.256  1.00 27.40 ? 23  SER A CB  1 
ATOM   175  O OG  . SER A 1 23  ? 9.923   7.711   -5.047  1.00 28.76 ? 23  SER A OG  1 
ATOM   176  N N   . TYR A 1 24  ? 7.704   7.240   -1.842  1.00 24.97 ? 24  TYR A N   1 
ATOM   177  C CA  . TYR A 1 24  ? 7.058   8.324   -1.121  1.00 23.72 ? 24  TYR A CA  1 
ATOM   178  C C   . TYR A 1 24  ? 7.251   8.220   0.393   1.00 23.88 ? 24  TYR A C   1 
ATOM   179  O O   . TYR A 1 24  ? 7.018   7.173   0.987   1.00 23.86 ? 24  TYR A O   1 
ATOM   180  C CB  . TYR A 1 24  ? 5.570   8.317   -1.484  1.00 23.58 ? 24  TYR A CB  1 
ATOM   181  C CG  . TYR A 1 24  ? 4.776   9.482   -0.951  1.00 22.80 ? 24  TYR A CG  1 
ATOM   182  C CD1 . TYR A 1 24  ? 4.363   9.519   0.382   1.00 22.66 ? 24  TYR A CD1 1 
ATOM   183  C CD2 . TYR A 1 24  ? 4.424   10.545  -1.785  1.00 22.94 ? 24  TYR A CD2 1 
ATOM   184  C CE1 . TYR A 1 24  ? 3.613   10.585  0.873   1.00 22.73 ? 24  TYR A CE1 1 
ATOM   185  C CE2 . TYR A 1 24  ? 3.676   11.620  -1.304  1.00 23.09 ? 24  TYR A CE2 1 
ATOM   186  C CZ  . TYR A 1 24  ? 3.274   11.628  0.024   1.00 22.76 ? 24  TYR A CZ  1 
ATOM   187  O OH  . TYR A 1 24  ? 2.516   12.670  0.498   1.00 23.13 ? 24  TYR A OH  1 
ATOM   188  N N   . GLY A 1 25  ? 7.689   9.311   1.009   1.00 23.18 ? 25  GLY A N   1 
ATOM   189  C CA  . GLY A 1 25  ? 7.888   9.318   2.447   1.00 23.20 ? 25  GLY A CA  1 
ATOM   190  C C   . GLY A 1 25  ? 8.849   8.268   2.970   1.00 23.15 ? 25  GLY A C   1 
ATOM   191  O O   . GLY A 1 25  ? 9.847   7.948   2.326   1.00 23.51 ? 25  GLY A O   1 
ATOM   192  N N   . CYS A 1 26  ? 8.543   7.725   4.144   1.00 23.22 ? 26  CYS A N   1 
ATOM   193  C CA  . CYS A 1 26  ? 9.394   6.718   4.764   1.00 23.45 ? 26  CYS A CA  1 
ATOM   194  C C   . CYS A 1 26  ? 8.943   5.285   4.566   1.00 23.20 ? 26  CYS A C   1 
ATOM   195  O O   . CYS A 1 26  ? 9.758   4.365   4.661   1.00 23.09 ? 26  CYS A O   1 
ATOM   196  C CB  . CYS A 1 26  ? 9.515   6.988   6.263   1.00 24.40 ? 26  CYS A CB  1 
ATOM   197  S SG  . CYS A 1 26  ? 10.316  8.580   6.622   1.00 26.28 ? 26  CYS A SG  1 
ATOM   198  N N   . TYR A 1 27  ? 7.656   5.089   4.288   1.00 23.23 ? 27  TYR A N   1 
ATOM   199  C CA  . TYR A 1 27  ? 7.133   3.740   4.121   1.00 23.31 ? 27  TYR A CA  1 
ATOM   200  C C   . TYR A 1 27  ? 6.562   3.347   2.769   1.00 24.12 ? 27  TYR A C   1 
ATOM   201  O O   . TYR A 1 27  ? 6.250   2.172   2.553   1.00 23.59 ? 27  TYR A O   1 
ATOM   202  C CB  . TYR A 1 27  ? 6.099   3.451   5.213   1.00 22.55 ? 27  TYR A CB  1 
ATOM   203  C CG  . TYR A 1 27  ? 6.730   3.374   6.575   1.00 22.39 ? 27  TYR A CG  1 
ATOM   204  C CD1 . TYR A 1 27  ? 6.908   4.519   7.349   1.00 22.48 ? 27  TYR A CD1 1 
ATOM   205  C CD2 . TYR A 1 27  ? 7.226   2.166   7.057   1.00 22.60 ? 27  TYR A CD2 1 
ATOM   206  C CE1 . TYR A 1 27  ? 7.569   4.460   8.574   1.00 23.06 ? 27  TYR A CE1 1 
ATOM   207  C CE2 . TYR A 1 27  ? 7.891   2.098   8.274   1.00 22.65 ? 27  TYR A CE2 1 
ATOM   208  C CZ  . TYR A 1 27  ? 8.058   3.245   9.027   1.00 22.95 ? 27  TYR A CZ  1 
ATOM   209  O OH  . TYR A 1 27  ? 8.704   3.164   10.240  1.00 24.08 ? 27  TYR A OH  1 
ATOM   210  N N   . CYS A 1 28  ? 6.408   4.300   1.857   1.00 24.76 ? 28  CYS A N   1 
ATOM   211  C CA  . CYS A 1 28  ? 5.883   3.943   0.550   1.00 26.65 ? 28  CYS A CA  1 
ATOM   212  C C   . CYS A 1 28  ? 7.017   3.545   -0.383  1.00 29.19 ? 28  CYS A C   1 
ATOM   213  O O   . CYS A 1 28  ? 7.849   4.364   -0.777  1.00 29.32 ? 28  CYS A O   1 
ATOM   214  C CB  . CYS A 1 28  ? 5.071   5.084   -0.051  1.00 24.17 ? 28  CYS A CB  1 
ATOM   215  S SG  . CYS A 1 28  ? 3.580   5.543   0.896   1.00 21.60 ? 28  CYS A SG  1 
ATOM   216  N N   . GLY A 1 29  ? 7.024   2.293   -0.753  1.00 32.10 ? 29  GLY A N   1 
ATOM   217  C CA  . GLY A 1 29  ? 8.045   1.710   -1.591  1.00 35.47 ? 29  GLY A CA  1 
ATOM   218  C C   . GLY A 1 29  ? 8.767   0.760   -0.668  1.00 37.88 ? 29  GLY A C   1 
ATOM   219  O O   . GLY A 1 29  ? 8.168   -0.182  -0.146  1.00 38.29 ? 29  GLY A O   1 
ATOM   220  N N   . TRP A 1 30  ? 10.054  0.990   -0.463  1.00 39.97 ? 30  TRP A N   1 
ATOM   221  C CA  . TRP A 1 30  ? 10.807  0.160   0.461   1.00 42.21 ? 30  TRP A CA  1 
ATOM   222  C C   . TRP A 1 30  ? 10.986  1.069   1.668   1.00 42.59 ? 30  TRP A C   1 
ATOM   223  O O   . TRP A 1 30  ? 11.278  2.259   1.524   1.00 43.06 ? 30  TRP A O   1 
ATOM   224  C CB  . TRP A 1 30  ? 12.167  -0.223  -0.125  1.00 43.97 ? 30  TRP A CB  1 
ATOM   225  C CG  . TRP A 1 30  ? 12.436  -1.718  -0.261  1.00 45.96 ? 30  TRP A CG  1 
ATOM   226  C CD1 . TRP A 1 30  ? 13.284  -2.303  -1.159  1.00 46.57 ? 30  TRP A CD1 1 
ATOM   227  C CD2 . TRP A 1 30  ? 11.886  -2.797  0.527   1.00 46.89 ? 30  TRP A CD2 1 
ATOM   228  N NE1 . TRP A 1 30  ? 13.294  -3.665  -0.991  1.00 47.28 ? 30  TRP A NE1 1 
ATOM   229  C CE2 . TRP A 1 30  ? 12.446  -4.000  0.033   1.00 47.26 ? 30  TRP A CE2 1 
ATOM   230  C CE3 . TRP A 1 30  ? 10.973  -2.866  1.593   1.00 47.44 ? 30  TRP A CE3 1 
ATOM   231  C CZ2 . TRP A 1 30  ? 12.135  -5.257  0.572   1.00 47.55 ? 30  TRP A CZ2 1 
ATOM   232  C CZ3 . TRP A 1 30  ? 10.663  -4.125  2.132   1.00 47.65 ? 30  TRP A CZ3 1 
ATOM   233  C CH2 . TRP A 1 30  ? 11.242  -5.298  1.614   1.00 47.75 ? 30  TRP A CH2 1 
ATOM   234  N N   . GLY A 1 31  ? 10.787  0.520   2.856   1.00 42.85 ? 31  GLY A N   1 
ATOM   235  C CA  . GLY A 1 31  ? 10.935  1.316   4.058   1.00 43.04 ? 31  GLY A CA  1 
ATOM   236  C C   . GLY A 1 31  ? 10.849  0.435   5.280   1.00 42.95 ? 31  GLY A C   1 
ATOM   237  O O   . GLY A 1 31  ? 10.219  -0.620  5.246   1.00 43.42 ? 31  GLY A O   1 
ATOM   238  N N   . GLY A 1 32  ? 11.484  0.861   6.363   1.00 42.86 ? 32  GLY A N   1 
ATOM   239  C CA  . GLY A 1 32  ? 11.450  0.078   7.578   1.00 42.38 ? 32  GLY A CA  1 
ATOM   240  C C   . GLY A 1 32  ? 11.888  0.892   8.774   1.00 42.26 ? 32  GLY A C   1 
ATOM   241  O O   . GLY A 1 32  ? 12.251  0.334   9.812   1.00 42.55 ? 32  GLY A O   1 
ATOM   242  N N   . LYS A 1 33  ? 11.857  2.215   8.636   1.00 41.72 ? 33  LYS A N   1 
ATOM   243  C CA  . LYS A 1 33  ? 12.261  3.097   9.724   1.00 40.95 ? 33  LYS A CA  1 
ATOM   244  C C   . LYS A 1 33  ? 11.574  4.454   9.707   1.00 39.91 ? 33  LYS A C   1 
ATOM   245  O O   . LYS A 1 33  ? 10.958  4.853   8.718   1.00 39.50 ? 33  LYS A O   1 
ATOM   246  C CB  . LYS A 1 33  ? 13.772  3.340   9.685   1.00 41.75 ? 33  LYS A CB  1 
ATOM   247  C CG  . LYS A 1 33  ? 14.627  2.105   9.841   1.00 42.88 ? 33  LYS A CG  1 
ATOM   248  C CD  . LYS A 1 33  ? 16.100  2.478   9.806   1.00 43.77 ? 33  LYS A CD  1 
ATOM   249  C CE  . LYS A 1 33  ? 16.988  1.255   9.957   1.00 44.45 ? 33  LYS A CE  1 
ATOM   250  N NZ  . LYS A 1 33  ? 18.434  1.626   9.977   1.00 44.88 ? 33  LYS A NZ  1 
ATOM   251  N N   . GLY A 1 34  ? 11.704  5.159   10.826  1.00 38.87 ? 34  GLY A N   1 
ATOM   252  C CA  . GLY A 1 34  ? 11.143  6.486   10.947  1.00 37.60 ? 34  GLY A CA  1 
ATOM   253  C C   . GLY A 1 34  ? 9.669   6.576   11.267  1.00 36.73 ? 34  GLY A C   1 
ATOM   254  O O   . GLY A 1 34  ? 8.983   5.569   11.456  1.00 36.59 ? 34  GLY A O   1 
ATOM   255  N N   . THR A 1 35  ? 9.194   7.814   11.327  1.00 35.90 ? 35  THR A N   1 
ATOM   256  C CA  . THR A 1 35  ? 7.801   8.121   11.611  1.00 34.93 ? 35  THR A CA  1 
ATOM   257  C C   . THR A 1 35  ? 7.145   8.536   10.296  1.00 33.80 ? 35  THR A C   1 
ATOM   258  O O   . THR A 1 35  ? 7.658   9.406   9.595   1.00 33.72 ? 35  THR A O   1 
ATOM   259  C CB  . THR A 1 35  ? 7.697   9.297   12.603  1.00 35.39 ? 35  THR A CB  1 
ATOM   260  O OG1 . THR A 1 35  ? 8.446   8.993   13.788  1.00 35.97 ? 35  THR A OG1 1 
ATOM   261  C CG2 . THR A 1 35  ? 6.245   9.559   12.974  1.00 35.77 ? 35  THR A CG2 1 
ATOM   262  N N   . PRO A 1 36  ? 6.011   7.909   9.939   1.00 32.52 ? 36  PRO A N   1 
ATOM   263  C CA  . PRO A 1 36  ? 5.335   8.269   8.688   1.00 31.42 ? 36  PRO A CA  1 
ATOM   264  C C   . PRO A 1 36  ? 5.188   9.783   8.579   1.00 30.39 ? 36  PRO A C   1 
ATOM   265  O O   . PRO A 1 36  ? 4.754   10.442  9.526   1.00 30.03 ? 36  PRO A O   1 
ATOM   266  C CB  . PRO A 1 36  ? 3.995   7.554   8.808   1.00 31.56 ? 36  PRO A CB  1 
ATOM   267  C CG  . PRO A 1 36  ? 4.369   6.299   9.540   1.00 32.20 ? 36  PRO A CG  1 
ATOM   268  C CD  . PRO A 1 36  ? 5.306   6.811   10.622  1.00 32.51 ? 36  PRO A CD  1 
ATOM   269  N N   . LYS A 1 37  ? 5.553   10.322  7.417   1.00 29.19 ? 37  LYS A N   1 
ATOM   270  C CA  . LYS A 1 37  ? 5.507   11.759  7.159   1.00 28.35 ? 37  LYS A CA  1 
ATOM   271  C C   . LYS A 1 37  ? 4.114   12.385  7.115   1.00 27.09 ? 37  LYS A C   1 
ATOM   272  O O   . LYS A 1 37  ? 3.929   13.520  7.557   1.00 27.18 ? 37  LYS A O   1 
ATOM   273  C CB  . LYS A 1 37  ? 6.233   12.062  5.848   1.00 29.12 ? 37  LYS A CB  1 
ATOM   274  C CG  . LYS A 1 37  ? 7.692   11.622  5.824   1.00 30.35 ? 37  LYS A CG  1 
ATOM   275  C CD  . LYS A 1 37  ? 8.632   12.732  6.278   1.00 31.87 ? 37  LYS A CD  1 
ATOM   276  C CE  . LYS A 1 37  ? 8.566   12.996  7.771   1.00 32.28 ? 37  LYS A CE  1 
ATOM   277  N NZ  . LYS A 1 37  ? 9.514   14.076  8.175   1.00 32.97 ? 37  LYS A NZ  1 
ATOM   278  N N   . ASP A 1 38  ? 3.143   11.660  6.569   1.00 25.17 ? 38  ASP A N   1 
ATOM   279  C CA  . ASP A 1 38  ? 1.778   12.167  6.481   1.00 24.02 ? 38  ASP A CA  1 
ATOM   280  C C   . ASP A 1 38  ? 0.779   11.017  6.389   1.00 23.05 ? 38  ASP A C   1 
ATOM   281  O O   . ASP A 1 38  ? 1.152   9.851   6.538   1.00 22.75 ? 38  ASP A O   1 
ATOM   282  C CB  . ASP A 1 38  ? 1.628   13.097  5.269   1.00 23.38 ? 38  ASP A CB  1 
ATOM   283  C CG  . ASP A 1 38  ? 1.846   12.385  3.948   1.00 23.26 ? 38  ASP A CG  1 
ATOM   284  O OD1 . ASP A 1 38  ? 2.081   11.158  3.961   1.00 22.26 ? 38  ASP A OD1 1 
ATOM   285  O OD2 . ASP A 1 38  ? 1.780   13.058  2.894   1.00 23.06 ? 38  ASP A OD2 1 
ATOM   286  N N   . ALA A 1 39  ? -0.486  11.347  6.144   1.00 22.54 ? 39  ALA A N   1 
ATOM   287  C CA  . ALA A 1 39  ? -1.543  10.344  6.048   1.00 21.83 ? 39  ALA A CA  1 
ATOM   288  C C   . ALA A 1 39  ? -1.261  9.260   5.005   1.00 21.55 ? 39  ALA A C   1 
ATOM   289  O O   . ALA A 1 39  ? -1.447  8.075   5.277   1.00 21.08 ? 39  ALA A O   1 
ATOM   290  C CB  . ALA A 1 39  ? -2.872  11.023  5.749   1.00 22.16 ? 39  ALA A CB  1 
ATOM   291  N N   . THR A 1 40  ? -0.840  9.665   3.808   1.00 20.83 ? 40  THR A N   1 
ATOM   292  C CA  . THR A 1 40  ? -0.529  8.708   2.742   1.00 19.94 ? 40  THR A CA  1 
ATOM   293  C C   . THR A 1 40  ? 0.594   7.771   3.174   1.00 19.78 ? 40  THR A C   1 
ATOM   294  O O   . THR A 1 40  ? 0.534   6.562   2.946   1.00 18.96 ? 40  THR A O   1 
ATOM   295  C CB  . THR A 1 40  ? -0.109  9.437   1.449   1.00 20.08 ? 40  THR A CB  1 
ATOM   296  O OG1 . THR A 1 40  ? -1.239  10.145  0.927   1.00 20.13 ? 40  THR A OG1 1 
ATOM   297  C CG2 . THR A 1 40  ? 0.395   8.443   0.395   1.00 19.74 ? 40  THR A CG2 1 
ATOM   298  N N   . ASP A 1 41  ? 1.622   8.335   3.797   1.00 19.05 ? 41  ASP A N   1 
ATOM   299  C CA  . ASP A 1 41  ? 2.747   7.541   4.271   1.00 19.35 ? 41  ASP A CA  1 
ATOM   300  C C   . ASP A 1 41  ? 2.246   6.583   5.354   1.00 19.43 ? 41  ASP A C   1 
ATOM   301  O O   . ASP A 1 41  ? 2.733   5.459   5.476   1.00 19.13 ? 41  ASP A O   1 
ATOM   302  C CB  . ASP A 1 41  ? 3.834   8.466   4.827   1.00 19.31 ? 41  ASP A CB  1 
ATOM   303  C CG  . ASP A 1 41  ? 5.203   7.809   4.876   1.00 20.26 ? 41  ASP A CG  1 
ATOM   304  O OD1 . ASP A 1 41  ? 5.404   6.747   4.229   1.00 19.73 ? 41  ASP A OD1 1 
ATOM   305  O OD2 . ASP A 1 41  ? 6.087   8.374   5.552   1.00 20.64 ? 41  ASP A OD2 1 
ATOM   306  N N   . ARG A 1 42  ? 1.266   7.027   6.137   1.00 19.42 ? 42  ARG A N   1 
ATOM   307  C CA  . ARG A 1 42  ? 0.712   6.167   7.178   1.00 19.36 ? 42  ARG A CA  1 
ATOM   308  C C   . ARG A 1 42  ? -0.043  5.009   6.525   1.00 18.46 ? 42  ARG A C   1 
ATOM   309  O O   . ARG A 1 42  ? -0.075  3.905   7.058   1.00 18.33 ? 42  ARG A O   1 
ATOM   310  C CB  . ARG A 1 42  ? -0.205  6.959   8.116   1.00 20.95 ? 42  ARG A CB  1 
ATOM   311  C CG  . ARG A 1 42  ? 0.555   7.903   9.044   1.00 24.16 ? 42  ARG A CG  1 
ATOM   312  C CD  . ARG A 1 42  ? -0.308  8.374   10.217  1.00 26.17 ? 42  ARG A CD  1 
ATOM   313  N NE  . ARG A 1 42  ? -1.250  9.422   9.838   1.00 28.68 ? 42  ARG A NE  1 
ATOM   314  C CZ  . ARG A 1 42  ? -0.922  10.699  9.658   1.00 29.50 ? 42  ARG A CZ  1 
ATOM   315  N NH1 . ARG A 1 42  ? 0.334   11.102  9.822   1.00 30.38 ? 42  ARG A NH1 1 
ATOM   316  N NH2 . ARG A 1 42  ? -1.852  11.577  9.313   1.00 30.25 ? 42  ARG A NH2 1 
ATOM   317  N N   . CYS A 1 43  ? -0.641  5.249   5.363   1.00 17.82 ? 43  CYS A N   1 
ATOM   318  C CA  . CYS A 1 43  ? -1.330  4.172   4.670   1.00 17.81 ? 43  CYS A CA  1 
ATOM   319  C C   . CYS A 1 43  ? -0.311  3.096   4.321   1.00 17.36 ? 43  CYS A C   1 
ATOM   320  O O   . CYS A 1 43  ? -0.594  1.907   4.432   1.00 17.33 ? 43  CYS A O   1 
ATOM   321  C CB  . CYS A 1 43  ? -1.947  4.636   3.359   1.00 18.00 ? 43  CYS A CB  1 
ATOM   322  S SG  . CYS A 1 43  ? -3.281  5.866   3.439   1.00 18.63 ? 43  CYS A SG  1 
ATOM   323  N N   . CYS A 1 44  ? 0.877   3.510   3.874   1.00 17.55 ? 44  CYS A N   1 
ATOM   324  C CA  . CYS A 1 44  ? 1.893   2.535   3.510   1.00 17.38 ? 44  CYS A CA  1 
ATOM   325  C C   . CYS A 1 44  ? 2.418   1.816   4.736   1.00 17.72 ? 44  CYS A C   1 
ATOM   326  O O   . CYS A 1 44  ? 2.705   0.624   4.679   1.00 17.35 ? 44  CYS A O   1 
ATOM   327  C CB  . CYS A 1 44  ? 3.051   3.197   2.754   1.00 18.01 ? 44  CYS A CB  1 
ATOM   328  S SG  . CYS A 1 44  ? 2.523   3.821   1.130   1.00 19.54 ? 44  CYS A SG  1 
ATOM   329  N N   . PHE A 1 45  ? 2.540   2.543   5.844   1.00 17.08 ? 45  PHE A N   1 
ATOM   330  C CA  . PHE A 1 45  ? 3.016   1.939   7.083   1.00 17.72 ? 45  PHE A CA  1 
ATOM   331  C C   . PHE A 1 45  ? 2.071   0.819   7.491   1.00 17.38 ? 45  PHE A C   1 
ATOM   332  O O   . PHE A 1 45  ? 2.503   -0.295  7.772   1.00 17.49 ? 45  PHE A O   1 
ATOM   333  C CB  . PHE A 1 45  ? 3.068   2.966   8.214   1.00 18.60 ? 45  PHE A CB  1 
ATOM   334  C CG  . PHE A 1 45  ? 3.478   2.376   9.533   1.00 20.39 ? 45  PHE A CG  1 
ATOM   335  C CD1 . PHE A 1 45  ? 4.789   1.989   9.755   1.00 20.61 ? 45  PHE A CD1 1 
ATOM   336  C CD2 . PHE A 1 45  ? 2.540   2.166   10.538  1.00 20.85 ? 45  PHE A CD2 1 
ATOM   337  C CE1 . PHE A 1 45  ? 5.169   1.402   10.957  1.00 21.19 ? 45  PHE A CE1 1 
ATOM   338  C CE2 . PHE A 1 45  ? 2.909   1.578   11.745  1.00 21.41 ? 45  PHE A CE2 1 
ATOM   339  C CZ  . PHE A 1 45  ? 4.225   1.195   11.955  1.00 21.31 ? 45  PHE A CZ  1 
ATOM   340  N N   . VAL A 1 46  ? 0.779   1.122   7.533   1.00 17.26 ? 46  VAL A N   1 
ATOM   341  C CA  . VAL A 1 46  ? -0.210  0.119   7.914   1.00 17.37 ? 46  VAL A CA  1 
ATOM   342  C C   . VAL A 1 46  ? -0.206  -1.034  6.915   1.00 17.46 ? 46  VAL A C   1 
ATOM   343  O O   . VAL A 1 46  ? -0.390  -2.189  7.292   1.00 17.95 ? 46  VAL A O   1 
ATOM   344  C CB  . VAL A 1 46  ? -1.626  0.723   7.997   1.00 17.71 ? 46  VAL A CB  1 
ATOM   345  C CG1 . VAL A 1 46  ? -2.646  -0.364  8.313   1.00 17.26 ? 46  VAL A CG1 1 
ATOM   346  C CG2 . VAL A 1 46  ? -1.658  1.777   9.086   1.00 17.51 ? 46  VAL A CG2 1 
ATOM   347  N N   . HIS A 1 47  ? 0.018   -0.720  5.643   1.00 17.20 ? 47  HIS A N   1 
ATOM   348  C CA  . HIS A 1 47  ? 0.061   -1.753  4.615   1.00 17.48 ? 47  HIS A CA  1 
ATOM   349  C C   . HIS A 1 47  ? 1.244   -2.687  4.878   1.00 18.13 ? 47  HIS A C   1 
ATOM   350  O O   . HIS A 1 47  ? 1.125   -3.906  4.735   1.00 18.06 ? 47  HIS A O   1 
ATOM   351  C CB  . HIS A 1 47  ? 0.180   -1.106  3.228   1.00 17.58 ? 47  HIS A CB  1 
ATOM   352  C CG  . HIS A 1 47  ? 0.094   -2.082  2.096   1.00 17.24 ? 47  HIS A CG  1 
ATOM   353  N ND1 . HIS A 1 47  ? 1.173   -2.384  1.290   1.00 17.41 ? 47  HIS A ND1 1 
ATOM   354  C CD2 . HIS A 1 47  ? -0.937  -2.833  1.642   1.00 17.01 ? 47  HIS A CD2 1 
ATOM   355  C CE1 . HIS A 1 47  ? 0.806   -3.279  0.390   1.00 17.49 ? 47  HIS A CE1 1 
ATOM   356  N NE2 . HIS A 1 47  ? -0.468  -3.568  0.581   1.00 17.75 ? 47  HIS A NE2 1 
ATOM   357  N N   . ASP A 1 48  ? 2.387   -2.121  5.262   1.00 18.43 ? 48  ASP A N   1 
ATOM   358  C CA  . ASP A 1 48  ? 3.554   -2.948  5.557   1.00 19.95 ? 48  ASP A CA  1 
ATOM   359  C C   . ASP A 1 48  ? 3.249   -3.844  6.754   1.00 19.77 ? 48  ASP A C   1 
ATOM   360  O O   . ASP A 1 48  ? 3.611   -5.021  6.769   1.00 20.27 ? 48  ASP A O   1 
ATOM   361  C CB  . ASP A 1 48  ? 4.787   -2.095  5.877   1.00 21.25 ? 48  ASP A CB  1 
ATOM   362  C CG  . ASP A 1 48  ? 5.307   -1.324  4.670   1.00 23.68 ? 48  ASP A CG  1 
ATOM   363  O OD1 . ASP A 1 48  ? 5.147   -1.810  3.534   1.00 24.92 ? 48  ASP A OD1 1 
ATOM   364  O OD2 . ASP A 1 48  ? 5.894   -0.234  4.862   1.00 25.16 ? 48  ASP A OD2 1 
ATOM   365  N N   . CYS A 1 49  ? 2.581   -3.281  7.754   1.00 19.38 ? 49  CYS A N   1 
ATOM   366  C CA  . CYS A 1 49  ? 2.223   -4.029  8.953   1.00 19.56 ? 49  CYS A CA  1 
ATOM   367  C C   . CYS A 1 49  ? 1.250   -5.156  8.621   1.00 19.09 ? 49  CYS A C   1 
ATOM   368  O O   . CYS A 1 49  ? 1.297   -6.233  9.216   1.00 19.12 ? 49  CYS A O   1 
ATOM   369  C CB  . CYS A 1 49  ? 1.576   -3.099  9.976   1.00 20.34 ? 49  CYS A CB  1 
ATOM   370  S SG  . CYS A 1 49  ? 2.697   -1.886  10.746  1.00 21.34 ? 49  CYS A SG  1 
ATOM   371  N N   . CYS A 1 50  ? 0.364   -4.892  7.670   1.00 18.51 ? 50  CYS A N   1 
ATOM   372  C CA  . CYS A 1 50  ? -0.626  -5.875  7.260   1.00 18.20 ? 50  CYS A CA  1 
ATOM   373  C C   . CYS A 1 50  ? 0.077   -7.081  6.645   1.00 18.66 ? 50  CYS A C   1 
ATOM   374  O O   . CYS A 1 50  ? -0.273  -8.225  6.929   1.00 18.95 ? 50  CYS A O   1 
ATOM   375  C CB  . CYS A 1 50  ? -1.580  -5.242  6.255   1.00 17.58 ? 50  CYS A CB  1 
ATOM   376  S SG  . CYS A 1 50  ? -3.165  -6.101  6.041   1.00 16.49 ? 50  CYS A SG  1 
ATOM   377  N N   . TYR A 1 51  ? 1.071   -6.825  5.799   1.00 18.89 ? 51  TYR A N   1 
ATOM   378  C CA  . TYR A 1 51  ? 1.814   -7.916  5.185   1.00 19.47 ? 51  TYR A CA  1 
ATOM   379  C C   . TYR A 1 51  ? 2.618   -8.633  6.266   1.00 20.27 ? 51  TYR A C   1 
ATOM   380  O O   . TYR A 1 51  ? 2.848   -9.840  6.184   1.00 20.70 ? 51  TYR A O   1 
ATOM   381  C CB  . TYR A 1 51  ? 2.778   -7.394  4.125   1.00 18.66 ? 51  TYR A CB  1 
ATOM   382  C CG  . TYR A 1 51  ? 2.174   -7.065  2.777   1.00 18.02 ? 51  TYR A CG  1 
ATOM   383  C CD1 . TYR A 1 51  ? 0.829   -7.304  2.486   1.00 17.38 ? 51  TYR A CD1 1 
ATOM   384  C CD2 . TYR A 1 51  ? 2.979   -6.550  1.772   1.00 17.95 ? 51  TYR A CD2 1 
ATOM   385  C CE1 . TYR A 1 51  ? 0.313   -7.031  1.206   1.00 17.38 ? 51  TYR A CE1 1 
ATOM   386  C CE2 . TYR A 1 51  ? 2.486   -6.279  0.506   1.00 18.17 ? 51  TYR A CE2 1 
ATOM   387  C CZ  . TYR A 1 51  ? 1.159   -6.519  0.224   1.00 17.23 ? 51  TYR A CZ  1 
ATOM   388  O OH  . TYR A 1 51  ? 0.712   -6.230  -1.049  1.00 18.33 ? 51  TYR A OH  1 
ATOM   389  N N   . GLY A 1 52  ? 3.048   -7.879  7.271   1.00 21.14 ? 52  GLY A N   1 
ATOM   390  C CA  . GLY A 1 52  ? 3.817   -8.453  8.362   1.00 22.40 ? 52  GLY A CA  1 
ATOM   391  C C   . GLY A 1 52  ? 3.051   -9.462  9.195   1.00 23.13 ? 52  GLY A C   1 
ATOM   392  O O   . GLY A 1 52  ? 3.657   -10.272 9.903   1.00 23.76 ? 52  GLY A O   1 
ATOM   393  N N   . ASN A 1 53  ? 1.724   -9.420  9.128   1.00 23.76 ? 53  ASN A N   1 
ATOM   394  C CA  . ASN A 1 53  ? 0.897   -10.362 9.875   1.00 25.03 ? 53  ASN A CA  1 
ATOM   395  C C   . ASN A 1 53  ? 0.781   -11.676 9.102   1.00 25.24 ? 53  ASN A C   1 
ATOM   396  O O   . ASN A 1 53  ? 0.148   -12.619 9.576   1.00 25.31 ? 53  ASN A O   1 
ATOM   397  C CB  . ASN A 1 53  ? -0.518  -9.812  10.090  1.00 26.30 ? 53  ASN A CB  1 
ATOM   398  C CG  . ASN A 1 53  ? -0.538  -8.514  10.873  1.00 27.96 ? 53  ASN A CG  1 
ATOM   399  O OD1 . ASN A 1 53  ? 0.132   -8.381  11.899  1.00 29.05 ? 53  ASN A OD1 1 
ATOM   400  N ND2 . ASN A 1 53  ? -1.327  -7.553  10.401  1.00 28.86 ? 53  ASN A ND2 1 
ATOM   401  N N   . LEU A 1 54  ? 1.387   -11.721 7.917   1.00 25.33 ? 54  LEU A N   1 
ATOM   402  C CA  . LEU A 1 54  ? 1.342   -12.903 7.045   1.00 26.13 ? 54  LEU A CA  1 
ATOM   403  C C   . LEU A 1 54  ? 2.759   -13.391 6.715   1.00 26.20 ? 54  LEU A C   1 
ATOM   404  O O   . LEU A 1 54  ? 3.182   -13.368 5.558   1.00 26.24 ? 54  LEU A O   1 
ATOM   405  C CB  . LEU A 1 54  ? 0.619   -12.554 5.737   1.00 25.85 ? 54  LEU A CB  1 
ATOM   406  C CG  . LEU A 1 54  ? -0.715  -11.810 5.827   1.00 26.02 ? 54  LEU A CG  1 
ATOM   407  C CD1 . LEU A 1 54  ? -1.153  -11.380 4.435   1.00 26.15 ? 54  LEU A CD1 1 
ATOM   408  C CD2 . LEU A 1 54  ? -1.760  -12.698 6.477   1.00 26.54 ? 54  LEU A CD2 1 
ATOM   409  N N   . PRO A 1 55  ? 3.499   -13.857 7.729   1.00 26.73 ? 55  PRO A N   1 
ATOM   410  C CA  . PRO A 1 55  ? 4.874   -14.354 7.600   1.00 27.12 ? 55  PRO A CA  1 
ATOM   411  C C   . PRO A 1 55  ? 5.095   -15.444 6.551   1.00 27.10 ? 55  PRO A C   1 
ATOM   412  O O   . PRO A 1 55  ? 6.142   -15.485 5.901   1.00 27.75 ? 55  PRO A O   1 
ATOM   413  C CB  . PRO A 1 55  ? 5.194   -14.854 9.009   1.00 27.21 ? 55  PRO A CB  1 
ATOM   414  C CG  . PRO A 1 55  ? 4.319   -14.000 9.884   1.00 28.04 ? 55  PRO A CG  1 
ATOM   415  C CD  . PRO A 1 55  ? 3.027   -13.991 9.117   1.00 27.27 ? 55  PRO A CD  1 
ATOM   416  N N   . ASP A 1 56  ? 4.115   -16.327 6.393   1.00 26.66 ? 56  ASP A N   1 
ATOM   417  C CA  . ASP A 1 56  ? 4.238   -17.421 5.441   1.00 26.01 ? 56  ASP A CA  1 
ATOM   418  C C   . ASP A 1 56  ? 3.559   -17.204 4.095   1.00 24.63 ? 56  ASP A C   1 
ATOM   419  O O   . ASP A 1 56  ? 3.321   -18.156 3.355   1.00 24.32 ? 56  ASP A O   1 
ATOM   420  C CB  . ASP A 1 56  ? 3.734   -18.715 6.079   1.00 28.05 ? 56  ASP A CB  1 
ATOM   421  C CG  . ASP A 1 56  ? 4.717   -19.283 7.087   1.00 29.55 ? 56  ASP A CG  1 
ATOM   422  O OD1 . ASP A 1 56  ? 4.382   -20.283 7.756   1.00 31.59 ? 56  ASP A OD1 1 
ATOM   423  O OD2 . ASP A 1 56  ? 5.833   -18.733 7.202   1.00 30.41 ? 56  ASP A OD2 1 
ATOM   424  N N   . CYS A 1 57  ? 3.239   -15.954 3.782   1.00 22.69 ? 57  CYS A N   1 
ATOM   425  C CA  . CYS A 1 57  ? 2.627   -15.644 2.496   1.00 21.55 ? 57  CYS A CA  1 
ATOM   426  C C   . CYS A 1 57  ? 3.659   -14.877 1.680   1.00 21.51 ? 57  CYS A C   1 
ATOM   427  O O   . CYS A 1 57  ? 4.680   -14.451 2.217   1.00 21.76 ? 57  CYS A O   1 
ATOM   428  C CB  . CYS A 1 57  ? 1.376   -14.794 2.680   1.00 20.13 ? 57  CYS A CB  1 
ATOM   429  S SG  . CYS A 1 57  ? 0.011   -15.584 3.591   1.00 18.08 ? 57  CYS A SG  1 
ATOM   430  N N   . ASN A 1 58  ? 3.389   -14.697 0.390   1.00 21.48 ? 58  ASN A N   1 
ATOM   431  C CA  . ASN A 1 58  ? 4.307   -14.006 -0.508  1.00 22.25 ? 58  ASN A CA  1 
ATOM   432  C C   . ASN A 1 58  ? 3.532   -12.984 -1.344  1.00 22.73 ? 58  ASN A C   1 
ATOM   433  O O   . ASN A 1 58  ? 3.201   -13.234 -2.496  1.00 22.99 ? 58  ASN A O   1 
ATOM   434  C CB  . ASN A 1 58  ? 4.989   -15.038 -1.416  1.00 22.77 ? 58  ASN A CB  1 
ATOM   435  C CG  . ASN A 1 58  ? 5.892   -15.989 -0.640  1.00 23.65 ? 58  ASN A CG  1 
ATOM   436  O OD1 . ASN A 1 58  ? 7.050   -15.678 -0.368  1.00 24.42 ? 58  ASN A OD1 1 
ATOM   437  N ND2 . ASN A 1 58  ? 5.357   -17.148 -0.267  1.00 23.42 ? 58  ASN A ND2 1 
ATOM   438  N N   . PRO A 1 59  ? 3.239   -11.811 -0.758  1.00 23.36 ? 59  PRO A N   1 
ATOM   439  C CA  . PRO A 1 59  ? 2.501   -10.710 -1.385  1.00 23.95 ? 59  PRO A CA  1 
ATOM   440  C C   . PRO A 1 59  ? 2.949   -10.216 -2.754  1.00 24.63 ? 59  PRO A C   1 
ATOM   441  O O   . PRO A 1 59  ? 2.113   -9.823  -3.568  1.00 24.82 ? 59  PRO A O   1 
ATOM   442  C CB  . PRO A 1 59  ? 2.581   -9.606  -0.342  1.00 23.84 ? 59  PRO A CB  1 
ATOM   443  C CG  . PRO A 1 59  ? 2.572   -10.352 0.925   1.00 24.46 ? 59  PRO A CG  1 
ATOM   444  C CD  . PRO A 1 59  ? 3.523   -11.499 0.654   1.00 24.05 ? 59  PRO A CD  1 
ATOM   445  N N   . LYS A 1 60  ? 4.251   -10.215 -3.010  1.00 25.12 ? 60  LYS A N   1 
ATOM   446  C CA  . LYS A 1 60  ? 4.756   -9.736  -4.297  1.00 25.97 ? 60  LYS A CA  1 
ATOM   447  C C   . LYS A 1 60  ? 4.353   -10.569 -5.492  1.00 25.69 ? 60  LYS A C   1 
ATOM   448  O O   . LYS A 1 60  ? 3.881   -10.057 -6.496  1.00 25.85 ? 60  LYS A O   1 
ATOM   449  C CB  . LYS A 1 60  ? 6.278   -9.708  -4.318  1.00 27.26 ? 60  LYS A CB  1 
ATOM   450  C CG  . LYS A 1 60  ? 6.901   -8.908  -3.196  1.00 29.52 ? 60  LYS A CG  1 
ATOM   451  C CD  . LYS A 1 60  ? 7.801   -7.806  -3.753  1.00 31.43 ? 60  LYS A CD  1 
ATOM   452  C CE  . LYS A 1 60  ? 8.878   -8.374  -4.660  1.00 32.38 ? 60  LYS A CE  1 
ATOM   453  N NZ  . LYS A 1 60  ? 9.683   -7.295  -5.298  1.00 33.98 ? 60  LYS A NZ  1 
ATOM   454  N N   . SER A 1 61  ? 4.530   -11.877 -5.357  1.00 24.76 ? 61  SER A N   1 
ATOM   455  C CA  . SER A 1 61  ? 4.268   -12.811 -6.443  1.00 24.34 ? 61  SER A CA  1 
ATOM   456  C C   . SER A 1 61  ? 2.952   -13.566 -6.447  1.00 23.48 ? 61  SER A C   1 
ATOM   457  O O   . SER A 1 61  ? 2.513   -14.035 -7.500  1.00 23.55 ? 61  SER A O   1 
ATOM   458  C CB  . SER A 1 61  ? 5.400   -13.829 -6.494  1.00 24.77 ? 61  SER A CB  1 
ATOM   459  O OG  . SER A 1 61  ? 5.562   -14.458 -5.232  1.00 25.92 ? 61  SER A OG  1 
ATOM   460  N N   . ASP A 1 62  ? 2.326   -13.708 -5.285  1.00 22.16 ? 62  ASP A N   1 
ATOM   461  C CA  . ASP A 1 62  ? 1.077   -14.448 -5.220  1.00 21.40 ? 62  ASP A CA  1 
ATOM   462  C C   . ASP A 1 62  ? -0.064  -13.608 -5.781  1.00 21.80 ? 62  ASP A C   1 
ATOM   463  O O   . ASP A 1 62  ? -0.377  -12.535 -5.261  1.00 21.64 ? 62  ASP A O   1 
ATOM   464  C CB  . ASP A 1 62  ? 0.781   -14.863 -3.775  1.00 20.07 ? 62  ASP A CB  1 
ATOM   465  C CG  . ASP A 1 62  ? -0.203  -16.021 -3.684  1.00 19.31 ? 62  ASP A CG  1 
ATOM   466  O OD1 . ASP A 1 62  ? -0.758  -16.425 -4.725  1.00 19.14 ? 62  ASP A OD1 1 
ATOM   467  O OD2 . ASP A 1 62  ? -0.424  -16.525 -2.561  1.00 17.47 ? 62  ASP A OD2 1 
ATOM   468  N N   . ARG A 1 63  ? -0.689  -14.109 -6.840  1.00 22.37 ? 63  ARG A N   1 
ATOM   469  C CA  . ARG A 1 63  ? -1.784  -13.395 -7.482  1.00 23.52 ? 63  ARG A CA  1 
ATOM   470  C C   . ARG A 1 63  ? -3.144  -13.777 -6.923  1.00 23.27 ? 63  ARG A C   1 
ATOM   471  O O   . ARG A 1 63  ? -3.434  -14.953 -6.702  1.00 23.38 ? 63  ARG A O   1 
ATOM   472  C CB  . ARG A 1 63  ? -1.772  -13.659 -8.990  1.00 25.18 ? 63  ARG A CB  1 
ATOM   473  C CG  . ARG A 1 63  ? -0.377  -13.682 -9.569  1.00 27.65 ? 63  ARG A CG  1 
ATOM   474  C CD  . ARG A 1 63  ? -0.229  -12.798 -10.782 1.00 29.81 ? 63  ARG A CD  1 
ATOM   475  N NE  . ARG A 1 63  ? -0.998  -13.251 -11.931 1.00 31.73 ? 63  ARG A NE  1 
ATOM   476  C CZ  . ARG A 1 63  ? -0.680  -12.957 -13.188 1.00 32.85 ? 63  ARG A CZ  1 
ATOM   477  N NH1 . ARG A 1 63  ? 0.391   -12.217 -13.444 1.00 33.77 ? 63  ARG A NH1 1 
ATOM   478  N NH2 . ARG A 1 63  ? -1.427  -13.399 -14.188 1.00 33.10 ? 63  ARG A NH2 1 
ATOM   479  N N   . TYR A 1 64  ? -3.982  -12.774 -6.687  1.00 23.03 ? 64  TYR A N   1 
ATOM   480  C CA  . TYR A 1 64  ? -5.329  -13.024 -6.192  1.00 22.54 ? 64  TYR A CA  1 
ATOM   481  C C   . TYR A 1 64  ? -6.298  -12.456 -7.215  1.00 22.94 ? 64  TYR A C   1 
ATOM   482  O O   . TYR A 1 64  ? -5.886  -11.805 -8.174  1.00 22.96 ? 64  TYR A O   1 
ATOM   483  C CB  . TYR A 1 64  ? -5.542  -12.361 -4.827  1.00 21.69 ? 64  TYR A CB  1 
ATOM   484  C CG  . TYR A 1 64  ? -5.201  -10.889 -4.778  1.00 20.81 ? 64  TYR A CG  1 
ATOM   485  C CD1 . TYR A 1 64  ? -6.065  -9.927  -5.308  1.00 20.61 ? 64  TYR A CD1 1 
ATOM   486  C CD2 . TYR A 1 64  ? -4.008  -10.456 -4.204  1.00 20.55 ? 64  TYR A CD2 1 
ATOM   487  C CE1 . TYR A 1 64  ? -5.741  -8.567  -5.264  1.00 20.53 ? 64  TYR A CE1 1 
ATOM   488  C CE2 . TYR A 1 64  ? -3.675  -9.105  -4.156  1.00 20.80 ? 64  TYR A CE2 1 
ATOM   489  C CZ  . TYR A 1 64  ? -4.544  -8.169  -4.686  1.00 20.42 ? 64  TYR A CZ  1 
ATOM   490  O OH  . TYR A 1 64  ? -4.206  -6.838  -4.644  1.00 20.71 ? 64  TYR A OH  1 
ATOM   491  N N   . LYS A 1 65  ? -7.581  -12.725 -7.024  1.00 23.66 ? 65  LYS A N   1 
ATOM   492  C CA  . LYS A 1 65  ? -8.602  -12.224 -7.933  1.00 24.98 ? 65  LYS A CA  1 
ATOM   493  C C   . LYS A 1 65  ? -9.538  -11.290 -7.180  1.00 25.05 ? 65  LYS A C   1 
ATOM   494  O O   . LYS A 1 65  ? -9.905  -11.555 -6.036  1.00 24.83 ? 65  LYS A O   1 
ATOM   495  C CB  . LYS A 1 65  ? -9.409  -13.384 -8.519  1.00 26.30 ? 65  LYS A CB  1 
ATOM   496  C CG  . LYS A 1 65  ? -8.607  -14.359 -9.363  1.00 28.10 ? 65  LYS A CG  1 
ATOM   497  C CD  . LYS A 1 65  ? -8.140  -13.722 -10.661 1.00 29.80 ? 65  LYS A CD  1 
ATOM   498  C CE  . LYS A 1 65  ? -7.453  -14.746 -11.554 1.00 31.02 ? 65  LYS A CE  1 
ATOM   499  N NZ  . LYS A 1 65  ? -7.060  -14.162 -12.863 1.00 32.00 ? 65  LYS A NZ  1 
ATOM   500  N N   . TYR A 1 66  ? -9.913  -10.188 -7.819  1.00 25.55 ? 66  TYR A N   1 
ATOM   501  C CA  . TYR A 1 66  ? -10.828 -9.242  -7.203  1.00 26.39 ? 66  TYR A CA  1 
ATOM   502  C C   . TYR A 1 66  ? -11.687 -8.636  -8.297  1.00 27.41 ? 66  TYR A C   1 
ATOM   503  O O   . TYR A 1 66  ? -11.274 -8.571  -9.453  1.00 27.50 ? 66  TYR A O   1 
ATOM   504  C CB  . TYR A 1 66  ? -10.059 -8.141  -6.456  1.00 25.67 ? 66  TYR A CB  1 
ATOM   505  C CG  . TYR A 1 66  ? -9.496  -7.029  -7.320  1.00 25.77 ? 66  TYR A CG  1 
ATOM   506  C CD1 . TYR A 1 66  ? -10.266 -5.911  -7.643  1.00 25.22 ? 66  TYR A CD1 1 
ATOM   507  C CD2 . TYR A 1 66  ? -8.182  -7.078  -7.783  1.00 24.91 ? 66  TYR A CD2 1 
ATOM   508  C CE1 . TYR A 1 66  ? -9.740  -4.866  -8.401  1.00 25.11 ? 66  TYR A CE1 1 
ATOM   509  C CE2 . TYR A 1 66  ? -7.646  -6.039  -8.543  1.00 25.23 ? 66  TYR A CE2 1 
ATOM   510  C CZ  . TYR A 1 66  ? -8.431  -4.935  -8.845  1.00 25.22 ? 66  TYR A CZ  1 
ATOM   511  O OH  . TYR A 1 66  ? -7.898  -3.896  -9.575  1.00 25.87 ? 66  TYR A OH  1 
ATOM   512  N N   . LYS A 1 67  ? -12.890 -8.213  -7.933  1.00 28.78 ? 67  LYS A N   1 
ATOM   513  C CA  . LYS A 1 67  ? -13.792 -7.600  -8.891  1.00 30.36 ? 67  LYS A CA  1 
ATOM   514  C C   . LYS A 1 67  ? -14.333 -6.306  -8.317  1.00 31.45 ? 67  LYS A C   1 
ATOM   515  O O   . LYS A 1 67  ? -14.265 -6.074  -7.108  1.00 31.18 ? 67  LYS A O   1 
ATOM   516  C CB  . LYS A 1 67  ? -14.956 -8.537  -9.223  1.00 30.81 ? 67  LYS A CB  1 
ATOM   517  C CG  . LYS A 1 67  ? -15.792 -8.962  -8.026  1.00 31.78 ? 67  LYS A CG  1 
ATOM   518  C CD  . LYS A 1 67  ? -17.074 -9.642  -8.486  1.00 33.13 ? 67  LYS A CD  1 
ATOM   519  C CE  . LYS A 1 67  ? -17.740 -10.414 -7.357  1.00 33.78 ? 67  LYS A CE  1 
ATOM   520  N NZ  . LYS A 1 67  ? -19.044 -11.001 -7.792  1.00 34.74 ? 67  LYS A NZ  1 
ATOM   521  N N   . ARG A 1 68  ? -14.858 -5.457  -9.190  1.00 32.71 ? 68  ARG A N   1 
ATOM   522  C CA  . ARG A 1 68  ? -15.423 -4.194  -8.753  1.00 34.35 ? 68  ARG A CA  1 
ATOM   523  C C   . ARG A 1 68  ? -16.939 -4.361  -8.775  1.00 35.27 ? 68  ARG A C   1 
ATOM   524  O O   . ARG A 1 68  ? -17.516 -4.720  -9.803  1.00 35.52 ? 68  ARG A O   1 
ATOM   525  C CB  . ARG A 1 68  ? -15.036 -3.056  -9.708  1.00 34.47 ? 68  ARG A CB  1 
ATOM   526  C CG  . ARG A 1 68  ? -13.579 -3.008  -10.165 1.00 35.12 ? 68  ARG A CG  1 
ATOM   527  C CD  . ARG A 1 68  ? -12.589 -2.591  -9.082  1.00 35.57 ? 68  ARG A CD  1 
ATOM   528  N NE  . ARG A 1 68  ? -12.997 -1.395  -8.352  1.00 35.23 ? 68  ARG A NE  1 
ATOM   529  C CZ  . ARG A 1 68  ? -12.156 -0.549  -7.759  1.00 34.89 ? 68  ARG A CZ  1 
ATOM   530  N NH1 . ARG A 1 68  ? -10.847 -0.746  -7.815  1.00 35.26 ? 68  ARG A NH1 1 
ATOM   531  N NH2 . ARG A 1 68  ? -12.627 0.480   -7.075  1.00 34.72 ? 68  ARG A NH2 1 
ATOM   532  N N   . VAL A 1 69  ? -17.577 -4.140  -7.633  1.00 36.17 ? 69  VAL A N   1 
ATOM   533  C CA  . VAL A 1 69  ? -19.027 -4.226  -7.550  1.00 37.26 ? 69  VAL A CA  1 
ATOM   534  C C   . VAL A 1 69  ? -19.488 -2.782  -7.428  1.00 37.77 ? 69  VAL A C   1 
ATOM   535  O O   . VAL A 1 69  ? -19.637 -2.251  -6.326  1.00 37.84 ? 69  VAL A O   1 
ATOM   536  C CB  . VAL A 1 69  ? -19.487 -5.033  -6.315  1.00 37.47 ? 69  VAL A CB  1 
ATOM   537  C CG1 . VAL A 1 69  ? -20.999 -4.954  -6.168  1.00 37.76 ? 69  VAL A CG1 1 
ATOM   538  C CG2 . VAL A 1 69  ? -19.062 -6.485  -6.465  1.00 37.67 ? 69  VAL A CG2 1 
ATOM   539  N N   . ASN A 1 70  ? -19.681 -2.149  -8.581  1.00 38.33 ? 70  ASN A N   1 
ATOM   540  C CA  . ASN A 1 70  ? -20.091 -0.751  -8.647  1.00 38.60 ? 70  ASN A CA  1 
ATOM   541  C C   . ASN A 1 70  ? -19.115 0.152   -7.902  1.00 38.16 ? 70  ASN A C   1 
ATOM   542  O O   . ASN A 1 70  ? -19.524 1.030   -7.148  1.00 38.92 ? 70  ASN A O   1 
ATOM   543  C CB  . ASN A 1 70  ? -21.496 -0.581  -8.074  1.00 39.49 ? 70  ASN A CB  1 
ATOM   544  C CG  . ASN A 1 70  ? -22.532 -0.342  -9.148  1.00 40.25 ? 70  ASN A CG  1 
ATOM   545  O OD1 . ASN A 1 70  ? -22.639 -1.109  -10.107 1.00 40.97 ? 70  ASN A OD1 1 
ATOM   546  N ND2 . ASN A 1 70  ? -23.304 0.729   -8.997  1.00 40.74 ? 70  ASN A ND2 1 
ATOM   547  N N   . GLY A 1 71  ? -17.822 -0.060  -8.118  1.00 37.20 ? 71  GLY A N   1 
ATOM   548  C CA  . GLY A 1 71  ? -16.832 0.758   -7.440  1.00 35.47 ? 71  GLY A CA  1 
ATOM   549  C C   . GLY A 1 71  ? -16.229 0.080   -6.222  1.00 34.12 ? 71  GLY A C   1 
ATOM   550  O O   . GLY A 1 71  ? -15.045 0.245   -5.938  1.00 34.25 ? 71  GLY A O   1 
ATOM   551  N N   . ALA A 1 72  ? -17.039 -0.680  -5.492  1.00 32.56 ? 72  ALA A N   1 
ATOM   552  C CA  . ALA A 1 72  ? -16.544 -1.378  -4.311  1.00 31.08 ? 72  ALA A CA  1 
ATOM   553  C C   . ALA A 1 72  ? -15.612 -2.514  -4.716  1.00 30.03 ? 72  ALA A C   1 
ATOM   554  O O   . ALA A 1 72  ? -15.870 -3.219  -5.689  1.00 30.22 ? 72  ALA A O   1 
ATOM   555  C CB  . ALA A 1 72  ? -17.712 -1.928  -3.498  1.00 31.21 ? 72  ALA A CB  1 
ATOM   556  N N   . ILE A 1 73  ? -14.524 -2.680  -3.968  1.00 28.59 ? 73  ILE A N   1 
ATOM   557  C CA  . ILE A 1 73  ? -13.558 -3.742  -4.236  1.00 27.12 ? 73  ILE A CA  1 
ATOM   558  C C   . ILE A 1 73  ? -14.004 -4.994  -3.491  1.00 26.27 ? 73  ILE A C   1 
ATOM   559  O O   . ILE A 1 73  ? -14.264 -4.952  -2.288  1.00 25.96 ? 73  ILE A O   1 
ATOM   560  C CB  . ILE A 1 73  ? -12.143 -3.348  -3.743  1.00 26.68 ? 73  ILE A CB  1 
ATOM   561  C CG1 . ILE A 1 73  ? -11.662 -2.101  -4.489  1.00 26.83 ? 73  ILE A CG1 1 
ATOM   562  C CG2 . ILE A 1 73  ? -11.165 -4.506  -3.958  1.00 26.54 ? 73  ILE A CG2 1 
ATOM   563  C CD1 . ILE A 1 73  ? -10.320 -1.573  -4.009  1.00 26.20 ? 73  ILE A CD1 1 
ATOM   564  N N   . VAL A 1 74  ? -14.102 -6.109  -4.207  1.00 25.52 ? 74  VAL A N   1 
ATOM   565  C CA  . VAL A 1 74  ? -14.517 -7.361  -3.595  1.00 25.16 ? 74  VAL A CA  1 
ATOM   566  C C   . VAL A 1 74  ? -13.485 -8.441  -3.887  1.00 24.33 ? 74  VAL A C   1 
ATOM   567  O O   . VAL A 1 74  ? -13.275 -8.816  -5.037  1.00 24.09 ? 74  VAL A O   1 
ATOM   568  C CB  . VAL A 1 74  ? -15.889 -7.821  -4.131  1.00 25.46 ? 74  VAL A CB  1 
ATOM   569  C CG1 . VAL A 1 74  ? -16.315 -9.102  -3.435  1.00 25.96 ? 74  VAL A CG1 1 
ATOM   570  C CG2 . VAL A 1 74  ? -16.925 -6.725  -3.911  1.00 26.09 ? 74  VAL A CG2 1 
ATOM   571  N N   . CYS A 1 75  ? -12.832 -8.921  -2.837  1.00 23.76 ? 75  CYS A N   1 
ATOM   572  C CA  . CYS A 1 75  ? -11.832 -9.962  -2.983  1.00 23.68 ? 75  CYS A CA  1 
ATOM   573  C C   . CYS A 1 75  ? -12.538 -11.289 -3.216  1.00 24.24 ? 75  CYS A C   1 
ATOM   574  O O   . CYS A 1 75  ? -13.456 -11.650 -2.481  1.00 24.64 ? 75  CYS A O   1 
ATOM   575  C CB  . CYS A 1 75  ? -10.964 -10.042 -1.728  1.00 22.15 ? 75  CYS A CB  1 
ATOM   576  S SG  . CYS A 1 75  ? -9.907  -8.584  -1.451  1.00 20.81 ? 75  CYS A SG  1 
ATOM   577  N N   . GLU A 1 76  ? -12.118 -12.012 -4.248  1.00 24.89 ? 76  GLU A N   1 
ATOM   578  C CA  . GLU A 1 76  ? -12.724 -13.296 -4.565  1.00 25.87 ? 76  GLU A CA  1 
ATOM   579  C C   . GLU A 1 76  ? -11.985 -14.424 -3.855  1.00 25.63 ? 76  GLU A C   1 
ATOM   580  O O   . GLU A 1 76  ? -10.811 -14.292 -3.514  1.00 25.75 ? 76  GLU A O   1 
ATOM   581  C CB  . GLU A 1 76  ? -12.741 -13.497 -6.084  1.00 27.19 ? 76  GLU A CB  1 
ATOM   582  C CG  . GLU A 1 76  ? -13.659 -12.486 -6.771  1.00 29.46 ? 76  GLU A CG  1 
ATOM   583  C CD  . GLU A 1 76  ? -13.581 -12.510 -8.280  1.00 30.78 ? 76  GLU A CD  1 
ATOM   584  O OE1 . GLU A 1 76  ? -12.496 -12.216 -8.825  1.00 32.06 ? 76  GLU A OE1 1 
ATOM   585  O OE2 . GLU A 1 76  ? -14.608 -12.814 -8.922  1.00 32.42 ? 76  GLU A OE2 1 
ATOM   586  N N   . LYS A 1 77  ? -12.688 -15.525 -3.624  1.00 25.17 ? 77  LYS A N   1 
ATOM   587  C CA  . LYS A 1 77  ? -12.126 -16.672 -2.923  1.00 25.09 ? 77  LYS A CA  1 
ATOM   588  C C   . LYS A 1 77  ? -10.909 -17.294 -3.605  1.00 24.08 ? 77  LYS A C   1 
ATOM   589  O O   . LYS A 1 77  ? -10.942 -17.624 -4.791  1.00 24.28 ? 77  LYS A O   1 
ATOM   590  C CB  . LYS A 1 77  ? -13.214 -17.736 -2.736  1.00 26.66 ? 77  LYS A CB  1 
ATOM   591  C CG  . LYS A 1 77  ? -12.784 -18.937 -1.914  1.00 28.66 ? 77  LYS A CG  1 
ATOM   592  C CD  . LYS A 1 77  ? -13.902 -19.963 -1.806  1.00 30.32 ? 77  LYS A CD  1 
ATOM   593  C CE  . LYS A 1 77  ? -13.492 -21.123 -0.912  1.00 31.26 ? 77  LYS A CE  1 
ATOM   594  N NZ  . LYS A 1 77  ? -13.190 -20.681 0.483   1.00 32.39 ? 77  LYS A NZ  1 
ATOM   595  N N   . GLY A 1 78  ? -9.834  -17.447 -2.835  1.00 22.67 ? 78  GLY A N   1 
ATOM   596  C CA  . GLY A 1 78  ? -8.618  -18.053 -3.341  1.00 21.27 ? 78  GLY A CA  1 
ATOM   597  C C   . GLY A 1 78  ? -8.012  -18.797 -2.171  1.00 20.24 ? 78  GLY A C   1 
ATOM   598  O O   . GLY A 1 78  ? -8.747  -19.293 -1.319  1.00 20.03 ? 78  GLY A O   1 
ATOM   599  N N   . THR A 1 79  ? -6.688  -18.885 -2.119  1.00 19.31 ? 79  THR A N   1 
ATOM   600  C CA  . THR A 1 79  ? -6.034  -19.547 -0.994  1.00 19.04 ? 79  THR A CA  1 
ATOM   601  C C   . THR A 1 79  ? -6.137  -18.598 0.205   1.00 19.19 ? 79  THR A C   1 
ATOM   602  O O   . THR A 1 79  ? -6.501  -17.427 0.050   1.00 18.09 ? 79  THR A O   1 
ATOM   603  C CB  . THR A 1 79  ? -4.539  -19.808 -1.274  1.00 18.88 ? 79  THR A CB  1 
ATOM   604  O OG1 . THR A 1 79  ? -3.857  -18.555 -1.427  1.00 18.78 ? 79  THR A OG1 1 
ATOM   605  C CG2 . THR A 1 79  ? -4.362  -20.630 -2.542  1.00 18.81 ? 79  THR A CG2 1 
ATOM   606  N N   . SER A 1 80  ? -5.821  -19.103 1.395   1.00 18.86 ? 80  SER A N   1 
ATOM   607  C CA  . SER A 1 80  ? -5.880  -18.285 2.597   1.00 19.19 ? 80  SER A CA  1 
ATOM   608  C C   . SER A 1 80  ? -4.992  -17.059 2.423   1.00 18.44 ? 80  SER A C   1 
ATOM   609  O O   . SER A 1 80  ? -5.395  -15.939 2.734   1.00 18.40 ? 80  SER A O   1 
ATOM   610  C CB  . SER A 1 80  ? -5.412  -19.095 3.810   1.00 20.28 ? 80  SER A CB  1 
ATOM   611  O OG  . SER A 1 80  ? -5.554  -18.336 4.997   1.00 23.97 ? 80  SER A OG  1 
ATOM   612  N N   . CYS A 1 81  ? -3.780  -17.276 1.923   1.00 17.98 ? 81  CYS A N   1 
ATOM   613  C CA  . CYS A 1 81  ? -2.842  -16.182 1.711   1.00 17.78 ? 81  CYS A CA  1 
ATOM   614  C C   . CYS A 1 81  ? -3.370  -15.173 0.707   1.00 17.61 ? 81  CYS A C   1 
ATOM   615  O O   . CYS A 1 81  ? -3.306  -13.962 0.939   1.00 17.67 ? 81  CYS A O   1 
ATOM   616  C CB  . CYS A 1 81  ? -1.498  -16.711 1.221   1.00 17.95 ? 81  CYS A CB  1 
ATOM   617  S SG  . CYS A 1 81  ? -0.380  -17.278 2.544   1.00 18.05 ? 81  CYS A SG  1 
ATOM   618  N N   . GLU A 1 82  ? -3.885  -15.672 -0.409  1.00 17.02 ? 82  GLU A N   1 
ATOM   619  C CA  . GLU A 1 82  ? -4.420  -14.792 -1.435  1.00 17.13 ? 82  GLU A CA  1 
ATOM   620  C C   . GLU A 1 82  ? -5.544  -13.917 -0.888  1.00 17.63 ? 82  GLU A C   1 
ATOM   621  O O   . GLU A 1 82  ? -5.606  -12.717 -1.188  1.00 17.47 ? 82  GLU A O   1 
ATOM   622  C CB  . GLU A 1 82  ? -4.884  -15.627 -2.628  1.00 17.49 ? 82  GLU A CB  1 
ATOM   623  C CG  . GLU A 1 82  ? -3.694  -16.092 -3.466  1.00 16.92 ? 82  GLU A CG  1 
ATOM   624  C CD  . GLU A 1 82  ? -3.993  -17.277 -4.352  1.00 17.34 ? 82  GLU A CD  1 
ATOM   625  O OE1 . GLU A 1 82  ? -5.160  -17.712 -4.404  1.00 17.03 ? 82  GLU A OE1 1 
ATOM   626  O OE2 . GLU A 1 82  ? -3.037  -17.771 -4.996  1.00 17.74 ? 82  GLU A OE2 1 
ATOM   627  N N   . ASN A 1 83  ? -6.420  -14.503 -0.075  1.00 17.83 ? 83  ASN A N   1 
ATOM   628  C CA  . ASN A 1 83  ? -7.527  -13.737 0.501   1.00 18.37 ? 83  ASN A CA  1 
ATOM   629  C C   . ASN A 1 83  ? -7.017  -12.634 1.423   1.00 18.35 ? 83  ASN A C   1 
ATOM   630  O O   . ASN A 1 83  ? -7.477  -11.495 1.362   1.00 17.80 ? 83  ASN A O   1 
ATOM   631  C CB  . ASN A 1 83  ? -8.476  -14.643 1.298   1.00 19.77 ? 83  ASN A CB  1 
ATOM   632  C CG  . ASN A 1 83  ? -9.133  -15.712 0.442   1.00 21.09 ? 83  ASN A CG  1 
ATOM   633  O OD1 . ASN A 1 83  ? -9.298  -15.546 -0.765  1.00 21.98 ? 83  ASN A OD1 1 
ATOM   634  N ND2 . ASN A 1 83  ? -9.533  -16.812 1.076   1.00 22.00 ? 83  ASN A ND2 1 
ATOM   635  N N   . ARG A 1 84  ? -6.059  -12.975 2.278   1.00 18.29 ? 84  ARG A N   1 
ATOM   636  C CA  . ARG A 1 84  ? -5.507  -12.015 3.220   1.00 18.45 ? 84  ARG A CA  1 
ATOM   637  C C   . ARG A 1 84  ? -4.662  -10.931 2.556   1.00 17.89 ? 84  ARG A C   1 
ATOM   638  O O   . ARG A 1 84  ? -4.667  -9.781  2.993   1.00 17.77 ? 84  ARG A O   1 
ATOM   639  C CB  . ARG A 1 84  ? -4.708  -12.765 4.288   1.00 20.05 ? 84  ARG A CB  1 
ATOM   640  C CG  . ARG A 1 84  ? -5.603  -13.655 5.153   1.00 22.98 ? 84  ARG A CG  1 
ATOM   641  C CD  . ARG A 1 84  ? -4.946  -14.993 5.471   1.00 26.60 ? 84  ARG A CD  1 
ATOM   642  N NE  . ARG A 1 84  ? -3.846  -14.874 6.417   1.00 30.08 ? 84  ARG A NE  1 
ATOM   643  C CZ  . ARG A 1 84  ? -2.968  -15.845 6.667   1.00 30.57 ? 84  ARG A CZ  1 
ATOM   644  N NH1 . ARG A 1 84  ? -3.058  -17.009 6.031   1.00 32.28 ? 84  ARG A NH1 1 
ATOM   645  N NH2 . ARG A 1 84  ? -2.004  -15.654 7.554   1.00 31.63 ? 84  ARG A NH2 1 
ATOM   646  N N   . ILE A 1 85  ? -3.933  -11.290 1.506   1.00 16.90 ? 85  ILE A N   1 
ATOM   647  C CA  . ILE A 1 85  ? -3.126  -10.309 0.790   1.00 16.41 ? 85  ILE A CA  1 
ATOM   648  C C   . ILE A 1 85  ? -4.073  -9.318  0.119   1.00 16.17 ? 85  ILE A C   1 
ATOM   649  O O   . ILE A 1 85  ? -3.864  -8.109  0.175   1.00 16.52 ? 85  ILE A O   1 
ATOM   650  C CB  . ILE A 1 85  ? -2.257  -10.977 -0.294  1.00 16.68 ? 85  ILE A CB  1 
ATOM   651  C CG1 . ILE A 1 85  ? -1.164  -11.821 0.364   1.00 16.49 ? 85  ILE A CG1 1 
ATOM   652  C CG2 . ILE A 1 85  ? -1.648  -9.904  -1.209  1.00 17.66 ? 85  ILE A CG2 1 
ATOM   653  C CD1 . ILE A 1 85  ? -0.495  -12.800 -0.599  1.00 17.17 ? 85  ILE A CD1 1 
ATOM   654  N N   . CYS A 1 86  ? -5.129  -9.830  -0.500  1.00 15.96 ? 86  CYS A N   1 
ATOM   655  C CA  . CYS A 1 86  ? -6.088  -8.964  -1.171  1.00 16.13 ? 86  CYS A CA  1 
ATOM   656  C C   . CYS A 1 86  ? -6.711  -7.958  -0.194  1.00 16.55 ? 86  CYS A C   1 
ATOM   657  O O   . CYS A 1 86  ? -6.867  -6.776  -0.525  1.00 16.59 ? 86  CYS A O   1 
ATOM   658  C CB  . CYS A 1 86  ? -7.180  -9.806  -1.832  1.00 16.78 ? 86  CYS A CB  1 
ATOM   659  S SG  . CYS A 1 86  ? -8.401  -8.847  -2.783  1.00 18.34 ? 86  CYS A SG  1 
ATOM   660  N N   . GLU A 1 87  ? -7.061  -8.414  1.007   1.00 16.04 ? 87  GLU A N   1 
ATOM   661  C CA  . GLU A 1 87  ? -7.659  -7.506  1.984   1.00 16.72 ? 87  GLU A CA  1 
ATOM   662  C C   . GLU A 1 87  ? -6.676  -6.421  2.406   1.00 16.39 ? 87  GLU A C   1 
ATOM   663  O O   . GLU A 1 87  ? -7.078  -5.287  2.672   1.00 15.77 ? 87  GLU A O   1 
ATOM   664  C CB  . GLU A 1 87  ? -8.143  -8.264  3.223   1.00 18.07 ? 87  GLU A CB  1 
ATOM   665  C CG  . GLU A 1 87  ? -9.384  -9.132  2.999   1.00 21.07 ? 87  GLU A CG  1 
ATOM   666  C CD  . GLU A 1 87  ? -10.594 -8.344  2.529   1.00 22.35 ? 87  GLU A CD  1 
ATOM   667  O OE1 . GLU A 1 87  ? -10.708 -7.146  2.871   1.00 23.63 ? 87  GLU A OE1 1 
ATOM   668  O OE2 . GLU A 1 87  ? -11.447 -8.934  1.833   1.00 23.62 ? 87  GLU A OE2 1 
ATOM   669  N N   . CYS A 1 88  ? -5.395  -6.771  2.500   1.00 16.03 ? 88  CYS A N   1 
ATOM   670  C CA  . CYS A 1 88  ? -4.384  -5.786  2.867   1.00 15.88 ? 88  CYS A CA  1 
ATOM   671  C C   . CYS A 1 88  ? -4.261  -4.732  1.773   1.00 16.24 ? 88  CYS A C   1 
ATOM   672  O O   . CYS A 1 88  ? -4.133  -3.537  2.057   1.00 15.79 ? 88  CYS A O   1 
ATOM   673  C CB  . CYS A 1 88  ? -3.016  -6.434  3.037   1.00 16.17 ? 88  CYS A CB  1 
ATOM   674  S SG  . CYS A 1 88  ? -2.781  -7.415  4.546   1.00 16.38 ? 88  CYS A SG  1 
ATOM   675  N N   . ASP A 1 89  ? -4.280  -5.187  0.524   1.00 15.87 ? 89  ASP A N   1 
ATOM   676  C CA  . ASP A 1 89  ? -4.152  -4.284  -0.618  1.00 16.14 ? 89  ASP A CA  1 
ATOM   677  C C   . ASP A 1 89  ? -5.386  -3.404  -0.765  1.00 16.73 ? 89  ASP A C   1 
ATOM   678  O O   . ASP A 1 89  ? -5.268  -2.199  -1.002  1.00 17.19 ? 89  ASP A O   1 
ATOM   679  C CB  . ASP A 1 89  ? -3.905  -5.084  -1.906  1.00 16.60 ? 89  ASP A CB  1 
ATOM   680  C CG  . ASP A 1 89  ? -2.503  -5.666  -1.970  1.00 17.13 ? 89  ASP A CG  1 
ATOM   681  O OD1 . ASP A 1 89  ? -1.713  -5.427  -1.034  1.00 16.72 ? 89  ASP A OD1 1 
ATOM   682  O OD2 . ASP A 1 89  ? -2.184  -6.363  -2.961  1.00 17.07 ? 89  ASP A OD2 1 
ATOM   683  N N   . LYS A 1 90  ? -6.564  -4.003  -0.606  1.00 17.04 ? 90  LYS A N   1 
ATOM   684  C CA  . LYS A 1 90  ? -7.819  -3.261  -0.712  1.00 16.78 ? 90  LYS A CA  1 
ATOM   685  C C   . LYS A 1 90  ? -7.825  -2.094  0.272   1.00 17.18 ? 90  LYS A C   1 
ATOM   686  O O   . LYS A 1 90  ? -8.198  -0.965  -0.078  1.00 16.42 ? 90  LYS A O   1 
ATOM   687  C CB  . LYS A 1 90  ? -9.003  -4.187  -0.414  1.00 17.96 ? 90  LYS A CB  1 
ATOM   688  C CG  . LYS A 1 90  ? -10.337 -3.471  -0.301  1.00 18.96 ? 90  LYS A CG  1 
ATOM   689  C CD  . LYS A 1 90  ? -11.459 -4.438  0.053   1.00 19.91 ? 90  LYS A CD  1 
ATOM   690  C CE  . LYS A 1 90  ? -12.789 -3.712  0.158   1.00 21.61 ? 90  LYS A CE  1 
ATOM   691  N NZ  . LYS A 1 90  ? -13.920 -4.627  0.477   1.00 22.54 ? 90  LYS A NZ  1 
ATOM   692  N N   . ALA A 1 91  ? -7.408  -2.370  1.505   1.00 16.46 ? 91  ALA A N   1 
ATOM   693  C CA  . ALA A 1 91  ? -7.364  -1.344  2.542   1.00 17.04 ? 91  ALA A CA  1 
ATOM   694  C C   . ALA A 1 91  ? -6.413  -0.218  2.163   1.00 16.92 ? 91  ALA A C   1 
ATOM   695  O O   . ALA A 1 91  ? -6.723  0.954   2.357   1.00 17.59 ? 91  ALA A O   1 
ATOM   696  C CB  . ALA A 1 91  ? -6.937  -1.953  3.870   1.00 16.96 ? 91  ALA A CB  1 
ATOM   697  N N   . ALA A 1 92  ? -5.251  -0.569  1.627   1.00 16.61 ? 92  ALA A N   1 
ATOM   698  C CA  . ALA A 1 92  ? -4.280  0.444   1.241   1.00 16.88 ? 92  ALA A CA  1 
ATOM   699  C C   . ALA A 1 92  ? -4.822  1.333   0.119   1.00 16.99 ? 92  ALA A C   1 
ATOM   700  O O   . ALA A 1 92  ? -4.664  2.551   0.164   1.00 17.47 ? 92  ALA A O   1 
ATOM   701  C CB  . ALA A 1 92  ? -2.985  -0.211  0.801   1.00 16.49 ? 92  ALA A CB  1 
ATOM   702  N N   . ALA A 1 93  ? -5.461  0.721   -0.876  1.00 16.76 ? 93  ALA A N   1 
ATOM   703  C CA  . ALA A 1 93  ? -6.012  1.470   -2.007  1.00 17.57 ? 93  ALA A CA  1 
ATOM   704  C C   . ALA A 1 93  ? -7.044  2.483   -1.540  1.00 18.08 ? 93  ALA A C   1 
ATOM   705  O O   . ALA A 1 93  ? -7.042  3.633   -1.984  1.00 18.19 ? 93  ALA A O   1 
ATOM   706  C CB  . ALA A 1 93  ? -6.638  0.521   -3.023  1.00 17.48 ? 93  ALA A CB  1 
ATOM   707  N N   . ILE A 1 94  ? -7.927  2.045   -0.650  1.00 18.05 ? 94  ILE A N   1 
ATOM   708  C CA  . ILE A 1 94  ? -8.967  2.904   -0.095  1.00 18.88 ? 94  ILE A CA  1 
ATOM   709  C C   . ILE A 1 94  ? -8.313  4.014   0.724   1.00 18.78 ? 94  ILE A C   1 
ATOM   710  O O   . ILE A 1 94  ? -8.695  5.180   0.632   1.00 19.35 ? 94  ILE A O   1 
ATOM   711  C CB  . ILE A 1 94  ? -9.921  2.081   0.801   1.00 19.67 ? 94  ILE A CB  1 
ATOM   712  C CG1 . ILE A 1 94  ? -10.825 1.215   -0.084  1.00 20.41 ? 94  ILE A CG1 1 
ATOM   713  C CG2 . ILE A 1 94  ? -10.727 2.998   1.715   1.00 19.87 ? 94  ILE A CG2 1 
ATOM   714  C CD1 . ILE A 1 94  ? -11.636 0.185   0.683   1.00 21.84 ? 94  ILE A CD1 1 
ATOM   715  N N   . CYS A 1 95  ? -7.318  3.647   1.519   1.00 18.83 ? 95  CYS A N   1 
ATOM   716  C CA  . CYS A 1 95  ? -6.619  4.627   2.333   1.00 18.35 ? 95  CYS A CA  1 
ATOM   717  C C   . CYS A 1 95  ? -5.981  5.698   1.436   1.00 18.64 ? 95  CYS A C   1 
ATOM   718  O O   . CYS A 1 95  ? -6.041  6.889   1.748   1.00 17.68 ? 95  CYS A O   1 
ATOM   719  C CB  . CYS A 1 95  ? -5.564  3.926   3.176   1.00 18.54 ? 95  CYS A CB  1 
ATOM   720  S SG  . CYS A 1 95  ? -4.766  4.934   4.458   1.00 17.83 ? 95  CYS A SG  1 
ATOM   721  N N   . PHE A 1 96  ? -5.369  5.280   0.328   1.00 18.83 ? 96  PHE A N   1 
ATOM   722  C CA  . PHE A 1 96  ? -4.755  6.238   -0.590  1.00 19.46 ? 96  PHE A CA  1 
ATOM   723  C C   . PHE A 1 96  ? -5.825  7.189   -1.138  1.00 20.44 ? 96  PHE A C   1 
ATOM   724  O O   . PHE A 1 96  ? -5.614  8.399   -1.224  1.00 20.72 ? 96  PHE A O   1 
ATOM   725  C CB  . PHE A 1 96  ? -4.078  5.524   -1.767  1.00 19.52 ? 96  PHE A CB  1 
ATOM   726  C CG  . PHE A 1 96  ? -2.833  4.769   -1.396  1.00 19.50 ? 96  PHE A CG  1 
ATOM   727  C CD1 . PHE A 1 96  ? -1.968  5.255   -0.424  1.00 19.83 ? 96  PHE A CD1 1 
ATOM   728  C CD2 . PHE A 1 96  ? -2.498  3.595   -2.067  1.00 20.25 ? 96  PHE A CD2 1 
ATOM   729  C CE1 . PHE A 1 96  ? -0.783  4.583   -0.122  1.00 20.20 ? 96  PHE A CE1 1 
ATOM   730  C CE2 . PHE A 1 96  ? -1.320  2.918   -1.775  1.00 20.60 ? 96  PHE A CE2 1 
ATOM   731  C CZ  . PHE A 1 96  ? -0.460  3.414   -0.802  1.00 20.27 ? 96  PHE A CZ  1 
ATOM   732  N N   . ARG A 1 97  ? -6.968  6.623   -1.509  1.00 21.31 ? 97  ARG A N   1 
ATOM   733  C CA  . ARG A 1 97  ? -8.089  7.389   -2.049  1.00 22.75 ? 97  ARG A CA  1 
ATOM   734  C C   . ARG A 1 97  ? -8.612  8.416   -1.047  1.00 23.18 ? 97  ARG A C   1 
ATOM   735  O O   . ARG A 1 97  ? -8.904  9.556   -1.408  1.00 23.29 ? 97  ARG A O   1 
ATOM   736  C CB  . ARG A 1 97  ? -9.225  6.430   -2.429  1.00 24.23 ? 97  ARG A CB  1 
ATOM   737  C CG  . ARG A 1 97  ? -10.475 7.086   -2.995  1.00 26.92 ? 97  ARG A CG  1 
ATOM   738  C CD  . ARG A 1 97  ? -10.209 7.684   -4.359  1.00 29.32 ? 97  ARG A CD  1 
ATOM   739  N NE  . ARG A 1 97  ? -10.165 9.137   -4.304  1.00 32.35 ? 97  ARG A NE  1 
ATOM   740  C CZ  . ARG A 1 97  ? -11.240 9.914   -4.246  1.00 33.16 ? 97  ARG A CZ  1 
ATOM   741  N NH1 . ARG A 1 97  ? -12.452 9.377   -4.249  1.00 34.47 ? 97  ARG A NH1 1 
ATOM   742  N NH2 . ARG A 1 97  ? -11.100 11.228  -4.164  1.00 34.09 ? 97  ARG A NH2 1 
ATOM   743  N N   . GLN A 1 98  ? -8.728  8.008   0.212   1.00 23.56 ? 98  GLN A N   1 
ATOM   744  C CA  . GLN A 1 98  ? -9.246  8.887   1.247   1.00 24.46 ? 98  GLN A CA  1 
ATOM   745  C C   . GLN A 1 98  ? -8.300  10.035  1.570   1.00 24.44 ? 98  GLN A C   1 
ATOM   746  O O   . GLN A 1 98  ? -8.723  11.074  2.082   1.00 24.66 ? 98  GLN A O   1 
ATOM   747  C CB  . GLN A 1 98  ? -9.542  8.081   2.520   1.00 25.84 ? 98  GLN A CB  1 
ATOM   748  C CG  . GLN A 1 98  ? -10.422 8.812   3.526   1.00 28.37 ? 98  GLN A CG  1 
ATOM   749  C CD  . GLN A 1 98  ? -10.993 7.892   4.598   1.00 29.31 ? 98  GLN A CD  1 
ATOM   750  O OE1 . GLN A 1 98  ? -11.879 8.285   5.356   1.00 30.97 ? 98  GLN A OE1 1 
ATOM   751  N NE2 . GLN A 1 98  ? -10.490 6.667   4.664   1.00 29.59 ? 98  GLN A NE2 1 
ATOM   752  N N   . ASN A 1 99  ? -7.023  9.863   1.247   1.00 23.92 ? 99  ASN A N   1 
ATOM   753  C CA  . ASN A 1 99  ? -6.034  10.888  1.544   1.00 24.43 ? 99  ASN A CA  1 
ATOM   754  C C   . ASN A 1 99  ? -5.382  11.567  0.351   1.00 24.95 ? 99  ASN A C   1 
ATOM   755  O O   . ASN A 1 99  ? -4.325  12.180  0.490   1.00 24.59 ? 99  ASN A O   1 
ATOM   756  C CB  . ASN A 1 99  ? -4.957  10.292  2.446   1.00 23.76 ? 99  ASN A CB  1 
ATOM   757  C CG  . ASN A 1 99  ? -5.489  9.946   3.814   1.00 24.02 ? 99  ASN A CG  1 
ATOM   758  O OD1 . ASN A 1 99  ? -5.882  10.827  4.575   1.00 23.26 ? 99  ASN A OD1 1 
ATOM   759  N ND2 . ASN A 1 99  ? -5.518  8.658   4.133   1.00 23.71 ? 99  ASN A ND2 1 
ATOM   760  N N   . LEU A 1 100 ? -6.007  11.475  -0.817  1.00 26.16 ? 100 LEU A N   1 
ATOM   761  C CA  . LEU A 1 100 ? -5.448  12.108  -2.007  1.00 28.17 ? 100 LEU A CA  1 
ATOM   762  C C   . LEU A 1 100 ? -5.301  13.618  -1.856  1.00 28.89 ? 100 LEU A C   1 
ATOM   763  O O   . LEU A 1 100 ? -4.397  14.216  -2.438  1.00 29.53 ? 100 LEU A O   1 
ATOM   764  C CB  . LEU A 1 100 ? -6.315  11.819  -3.233  1.00 28.56 ? 100 LEU A CB  1 
ATOM   765  C CG  . LEU A 1 100 ? -5.914  10.636  -4.114  1.00 29.58 ? 100 LEU A CG  1 
ATOM   766  C CD1 . LEU A 1 100 ? -6.874  10.530  -5.286  1.00 29.49 ? 100 LEU A CD1 1 
ATOM   767  C CD2 . LEU A 1 100 ? -4.492  10.832  -4.613  1.00 29.71 ? 100 LEU A CD2 1 
ATOM   768  N N   . ASN A 1 101 ? -6.185  14.229  -1.073  1.00 29.65 ? 101 ASN A N   1 
ATOM   769  C CA  . ASN A 1 101 ? -6.154  15.675  -0.871  1.00 30.45 ? 101 ASN A CA  1 
ATOM   770  C C   . ASN A 1 101 ? -4.923  16.200  -0.142  1.00 30.35 ? 101 ASN A C   1 
ATOM   771  O O   . ASN A 1 101 ? -4.652  17.400  -0.172  1.00 31.17 ? 101 ASN A O   1 
ATOM   772  C CB  . ASN A 1 101 ? -7.414  16.147  -0.133  1.00 31.59 ? 101 ASN A CB  1 
ATOM   773  C CG  . ASN A 1 101 ? -7.612  15.457  1.210   1.00 33.25 ? 101 ASN A CG  1 
ATOM   774  O OD1 . ASN A 1 101 ? -8.504  15.826  1.978   1.00 34.23 ? 101 ASN A OD1 1 
ATOM   775  N ND2 . ASN A 1 101 ? -6.793  14.449  1.497   1.00 33.91 ? 101 ASN A ND2 1 
ATOM   776  N N   . THR A 1 102 ? -4.176  15.322  0.518   1.00 29.54 ? 102 THR A N   1 
ATOM   777  C CA  . THR A 1 102 ? -2.989  15.771  1.230   1.00 28.98 ? 102 THR A CA  1 
ATOM   778  C C   . THR A 1 102 ? -1.702  15.209  0.637   1.00 28.80 ? 102 THR A C   1 
ATOM   779  O O   . THR A 1 102 ? -0.618  15.432  1.171   1.00 28.15 ? 102 THR A O   1 
ATOM   780  C CB  . THR A 1 102 ? -3.062  15.426  2.734   1.00 28.94 ? 102 THR A CB  1 
ATOM   781  O OG1 . THR A 1 102 ? -3.249  14.018  2.904   1.00 28.64 ? 102 THR A OG1 1 
ATOM   782  C CG2 . THR A 1 102 ? -4.216  16.176  3.390   1.00 29.12 ? 102 THR A CG2 1 
ATOM   783  N N   . TYR A 1 103 ? -1.827  14.479  -0.465  1.00 28.79 ? 103 TYR A N   1 
ATOM   784  C CA  . TYR A 1 103 ? -0.659  13.916  -1.131  1.00 29.57 ? 103 TYR A CA  1 
ATOM   785  C C   . TYR A 1 103 ? 0.234   15.094  -1.521  1.00 30.06 ? 103 TYR A C   1 
ATOM   786  O O   . TYR A 1 103 ? -0.254  16.087  -2.062  1.00 30.21 ? 103 TYR A O   1 
ATOM   787  C CB  . TYR A 1 103 ? -1.096  13.130  -2.372  1.00 29.27 ? 103 TYR A CB  1 
ATOM   788  C CG  . TYR A 1 103 ? 0.046   12.505  -3.141  1.00 29.19 ? 103 TYR A CG  1 
ATOM   789  C CD1 . TYR A 1 103 ? 0.850   13.275  -3.978  1.00 29.41 ? 103 TYR A CD1 1 
ATOM   790  C CD2 . TYR A 1 103 ? 0.333   11.147  -3.016  1.00 29.30 ? 103 TYR A CD2 1 
ATOM   791  C CE1 . TYR A 1 103 ? 1.916   12.709  -4.672  1.00 29.29 ? 103 TYR A CE1 1 
ATOM   792  C CE2 . TYR A 1 103 ? 1.396   10.570  -3.702  1.00 29.14 ? 103 TYR A CE2 1 
ATOM   793  C CZ  . TYR A 1 103 ? 2.184   11.358  -4.529  1.00 29.34 ? 103 TYR A CZ  1 
ATOM   794  O OH  . TYR A 1 103 ? 3.235   10.795  -5.210  1.00 29.36 ? 103 TYR A OH  1 
ATOM   795  N N   . SER A 1 104 ? 1.530   14.991  -1.242  1.00 30.81 ? 104 SER A N   1 
ATOM   796  C CA  . SER A 1 104 ? 2.461   16.077  -1.545  1.00 31.99 ? 104 SER A CA  1 
ATOM   797  C C   . SER A 1 104 ? 3.709   15.627  -2.303  1.00 32.51 ? 104 SER A C   1 
ATOM   798  O O   . SER A 1 104 ? 4.344   14.638  -1.942  1.00 32.04 ? 104 SER A O   1 
ATOM   799  C CB  . SER A 1 104 ? 2.873   16.771  -0.241  1.00 32.30 ? 104 SER A CB  1 
ATOM   800  O OG  . SER A 1 104 ? 3.867   17.757  -0.466  1.00 33.94 ? 104 SER A OG  1 
ATOM   801  N N   . LYS A 1 105 ? 4.063   16.368  -3.352  1.00 33.48 ? 105 LYS A N   1 
ATOM   802  C CA  . LYS A 1 105 ? 5.233   16.039  -4.160  1.00 34.40 ? 105 LYS A CA  1 
ATOM   803  C C   . LYS A 1 105 ? 6.542   16.205  -3.397  1.00 34.43 ? 105 LYS A C   1 
ATOM   804  O O   . LYS A 1 105 ? 7.568   15.660  -3.801  1.00 34.66 ? 105 LYS A O   1 
ATOM   805  C CB  . LYS A 1 105 ? 5.286   16.908  -5.425  1.00 35.51 ? 105 LYS A CB  1 
ATOM   806  C CG  . LYS A 1 105 ? 4.113   16.717  -6.375  1.00 36.98 ? 105 LYS A CG  1 
ATOM   807  C CD  . LYS A 1 105 ? 4.468   17.150  -7.796  1.00 38.15 ? 105 LYS A CD  1 
ATOM   808  C CE  . LYS A 1 105 ? 3.536   18.239  -8.319  1.00 38.81 ? 105 LYS A CE  1 
ATOM   809  N NZ  . LYS A 1 105 ? 3.978   19.601  -7.909  1.00 39.59 ? 105 LYS A NZ  1 
ATOM   810  N N   . LYS A 1 106 ? 6.514   16.954  -2.301  1.00 34.44 ? 106 LYS A N   1 
ATOM   811  C CA  . LYS A 1 106 ? 7.729   17.169  -1.524  1.00 34.53 ? 106 LYS A CA  1 
ATOM   812  C C   . LYS A 1 106 ? 8.165   15.911  -0.783  1.00 34.04 ? 106 LYS A C   1 
ATOM   813  O O   . LYS A 1 106 ? 9.258   15.865  -0.219  1.00 34.08 ? 106 LYS A O   1 
ATOM   814  C CB  . LYS A 1 106 ? 7.547   18.316  -0.526  1.00 35.25 ? 106 LYS A CB  1 
ATOM   815  C CG  . LYS A 1 106 ? 6.701   17.981  0.688   1.00 36.15 ? 106 LYS A CG  1 
ATOM   816  C CD  . LYS A 1 106 ? 6.699   19.142  1.670   1.00 37.10 ? 106 LYS A CD  1 
ATOM   817  C CE  . LYS A 1 106 ? 5.927   18.800  2.933   1.00 37.51 ? 106 LYS A CE  1 
ATOM   818  N NZ  . LYS A 1 106 ? 5.988   19.909  3.931   1.00 38.26 ? 106 LYS A NZ  1 
ATOM   819  N N   . TYR A 1 107 ? 7.308   14.894  -0.774  1.00 33.21 ? 107 TYR A N   1 
ATOM   820  C CA  . TYR A 1 107 ? 7.643   13.640  -0.112  1.00 32.48 ? 107 TYR A CA  1 
ATOM   821  C C   . TYR A 1 107 ? 8.085   12.577  -1.110  1.00 31.89 ? 107 TYR A C   1 
ATOM   822  O O   . TYR A 1 107 ? 8.451   11.471  -0.724  1.00 31.43 ? 107 TYR A O   1 
ATOM   823  C CB  . TYR A 1 107 ? 6.464   13.138  0.728   1.00 32.55 ? 107 TYR A CB  1 
ATOM   824  C CG  . TYR A 1 107 ? 6.255   13.960  1.978   1.00 32.69 ? 107 TYR A CG  1 
ATOM   825  C CD1 . TYR A 1 107 ? 7.308   14.187  2.864   1.00 32.75 ? 107 TYR A CD1 1 
ATOM   826  C CD2 . TYR A 1 107 ? 5.017   14.533  2.266   1.00 33.03 ? 107 TYR A CD2 1 
ATOM   827  C CE1 . TYR A 1 107 ? 7.137   14.966  4.006   1.00 33.36 ? 107 TYR A CE1 1 
ATOM   828  C CE2 . TYR A 1 107 ? 4.836   15.314  3.410   1.00 33.20 ? 107 TYR A CE2 1 
ATOM   829  C CZ  . TYR A 1 107 ? 5.899   15.526  4.270   1.00 33.19 ? 107 TYR A CZ  1 
ATOM   830  O OH  . TYR A 1 107 ? 5.730   16.300  5.393   1.00 33.90 ? 107 TYR A OH  1 
ATOM   831  N N   . MET A 1 108 ? 8.057   12.921  -2.394  1.00 31.37 ? 108 MET A N   1 
ATOM   832  C CA  . MET A 1 108 ? 8.497   11.996  -3.433  1.00 31.33 ? 108 MET A CA  1 
ATOM   833  C C   . MET A 1 108 ? 10.023  11.945  -3.365  1.00 30.88 ? 108 MET A C   1 
ATOM   834  O O   . MET A 1 108 ? 10.668  12.965  -3.117  1.00 30.95 ? 108 MET A O   1 
ATOM   835  C CB  . MET A 1 108 ? 8.053   12.487  -4.816  1.00 32.30 ? 108 MET A CB  1 
ATOM   836  C CG  . MET A 1 108 ? 6.543   12.524  -5.014  1.00 33.77 ? 108 MET A CG  1 
ATOM   837  S SD  . MET A 1 108 ? 6.055   13.136  -6.647  1.00 36.53 ? 108 MET A SD  1 
ATOM   838  C CE  . MET A 1 108 ? 6.218   11.656  -7.619  1.00 34.82 ? 108 MET A CE  1 
ATOM   839  N N   . LEU A 1 109 ? 10.596  10.764  -3.582  1.00 30.03 ? 109 LEU A N   1 
ATOM   840  C CA  . LEU A 1 109 ? 12.048  10.583  -3.529  1.00 29.70 ? 109 LEU A CA  1 
ATOM   841  C C   . LEU A 1 109 ? 12.609  11.081  -2.200  1.00 29.21 ? 109 LEU A C   1 
ATOM   842  O O   . LEU A 1 109 ? 13.713  11.626  -2.139  1.00 29.24 ? 109 LEU A O   1 
ATOM   843  C CB  . LEU A 1 109 ? 12.725  11.333  -4.687  1.00 30.01 ? 109 LEU A CB  1 
ATOM   844  C CG  . LEU A 1 109 ? 12.349  10.866  -6.097  1.00 30.21 ? 109 LEU A CG  1 
ATOM   845  C CD1 . LEU A 1 109 ? 13.055  11.721  -7.142  1.00 30.75 ? 109 LEU A CD1 1 
ATOM   846  C CD2 . LEU A 1 109 ? 12.732  9.407   -6.261  1.00 30.58 ? 109 LEU A CD2 1 
ATOM   847  N N   . TYR A 1 110 ? 11.846  10.881  -1.132  1.00 28.45 ? 110 TYR A N   1 
ATOM   848  C CA  . TYR A 1 110 ? 12.253  11.324  0.196   1.00 27.84 ? 110 TYR A CA  1 
ATOM   849  C C   . TYR A 1 110 ? 13.538  10.628  0.655   1.00 27.45 ? 110 TYR A C   1 
ATOM   850  O O   . TYR A 1 110 ? 13.648  9.407   0.590   1.00 26.49 ? 110 TYR A O   1 
ATOM   851  C CB  . TYR A 1 110 ? 11.123  11.053  1.187   1.00 27.97 ? 110 TYR A CB  1 
ATOM   852  C CG  . TYR A 1 110 ? 11.214  11.862  2.452   1.00 28.36 ? 110 TYR A CG  1 
ATOM   853  C CD1 . TYR A 1 110 ? 11.026  13.245  2.431   1.00 28.66 ? 110 TYR A CD1 1 
ATOM   854  C CD2 . TYR A 1 110 ? 11.477  11.249  3.673   1.00 28.80 ? 110 TYR A CD2 1 
ATOM   855  C CE1 . TYR A 1 110 ? 11.095  13.995  3.598   1.00 29.04 ? 110 TYR A CE1 1 
ATOM   856  C CE2 . TYR A 1 110 ? 11.549  11.992  4.847   1.00 28.99 ? 110 TYR A CE2 1 
ATOM   857  C CZ  . TYR A 1 110 ? 11.357  13.362  4.800   1.00 29.30 ? 110 TYR A CZ  1 
ATOM   858  O OH  . TYR A 1 110 ? 11.419  14.102  5.956   1.00 30.38 ? 110 TYR A OH  1 
ATOM   859  N N   . PRO A 1 111 ? 14.526  11.407  1.135   1.00 27.57 ? 111 PRO A N   1 
ATOM   860  C CA  . PRO A 1 111 ? 15.818  10.896  1.608   1.00 27.74 ? 111 PRO A CA  1 
ATOM   861  C C   . PRO A 1 111 ? 15.709  9.990   2.826   1.00 27.92 ? 111 PRO A C   1 
ATOM   862  O O   . PRO A 1 111 ? 14.949  10.266  3.748   1.00 27.96 ? 111 PRO A O   1 
ATOM   863  C CB  . PRO A 1 111 ? 16.603  12.171  1.936   1.00 27.82 ? 111 PRO A CB  1 
ATOM   864  C CG  . PRO A 1 111 ? 15.941  13.222  1.112   1.00 28.10 ? 111 PRO A CG  1 
ATOM   865  C CD  . PRO A 1 111 ? 14.486  12.874  1.235   1.00 27.85 ? 111 PRO A CD  1 
ATOM   866  N N   . ASP A 1 112 ? 16.499  8.927   2.837   1.00 28.26 ? 112 ASP A N   1 
ATOM   867  C CA  . ASP A 1 112 ? 16.491  7.972   3.937   1.00 28.88 ? 112 ASP A CA  1 
ATOM   868  C C   . ASP A 1 112 ? 16.891  8.540   5.302   1.00 29.38 ? 112 ASP A C   1 
ATOM   869  O O   . ASP A 1 112 ? 16.295  8.187   6.318   1.00 28.99 ? 112 ASP A O   1 
ATOM   870  C CB  . ASP A 1 112 ? 17.398  6.789   3.585   1.00 29.33 ? 112 ASP A CB  1 
ATOM   871  C CG  . ASP A 1 112 ? 17.558  5.812   4.732   1.00 29.73 ? 112 ASP A CG  1 
ATOM   872  O OD1 . ASP A 1 112 ? 18.311  6.118   5.680   1.00 30.38 ? 112 ASP A OD1 1 
ATOM   873  O OD2 . ASP A 1 112 ? 16.928  4.736   4.682   1.00 30.73 ? 112 ASP A OD2 1 
ATOM   874  N N   . PHE A 1 113 ? 17.888  9.421   5.334   1.00 29.62 ? 113 PHE A N   1 
ATOM   875  C CA  . PHE A 1 113 ? 18.349  9.980   6.604   1.00 30.52 ? 113 PHE A CA  1 
ATOM   876  C C   . PHE A 1 113 ? 17.301  10.791  7.361   1.00 30.92 ? 113 PHE A C   1 
ATOM   877  O O   . PHE A 1 113 ? 17.443  11.012  8.564   1.00 31.14 ? 113 PHE A O   1 
ATOM   878  C CB  . PHE A 1 113 ? 19.602  10.843  6.401   1.00 30.74 ? 113 PHE A CB  1 
ATOM   879  C CG  . PHE A 1 113 ? 19.318  12.233  5.913   1.00 31.20 ? 113 PHE A CG  1 
ATOM   880  C CD1 . PHE A 1 113 ? 18.844  12.452  4.624   1.00 31.38 ? 113 PHE A CD1 1 
ATOM   881  C CD2 . PHE A 1 113 ? 19.527  13.329  6.745   1.00 31.61 ? 113 PHE A CD2 1 
ATOM   882  C CE1 . PHE A 1 113 ? 18.583  13.741  4.169   1.00 31.85 ? 113 PHE A CE1 1 
ATOM   883  C CE2 . PHE A 1 113 ? 19.270  14.624  6.301   1.00 31.87 ? 113 PHE A CE2 1 
ATOM   884  C CZ  . PHE A 1 113 ? 18.796  14.831  5.009   1.00 31.79 ? 113 PHE A CZ  1 
ATOM   885  N N   . LEU A 1 114 ? 16.257  11.235  6.668   1.00 31.45 ? 114 LEU A N   1 
ATOM   886  C CA  . LEU A 1 114 ? 15.205  12.017  7.311   1.00 32.11 ? 114 LEU A CA  1 
ATOM   887  C C   . LEU A 1 114 ? 14.153  11.123  7.958   1.00 32.55 ? 114 LEU A C   1 
ATOM   888  O O   . LEU A 1 114 ? 13.197  11.610  8.568   1.00 32.51 ? 114 LEU A O   1 
ATOM   889  C CB  . LEU A 1 114 ? 14.542  12.959  6.305   1.00 32.58 ? 114 LEU A CB  1 
ATOM   890  C CG  . LEU A 1 114 ? 15.424  14.106  5.804   1.00 33.09 ? 114 LEU A CG  1 
ATOM   891  C CD1 . LEU A 1 114 ? 14.652  14.935  4.788   1.00 33.25 ? 114 LEU A CD1 1 
ATOM   892  C CD2 . LEU A 1 114 ? 15.869  14.965  6.980   1.00 33.26 ? 114 LEU A CD2 1 
ATOM   893  N N   . CYS A 1 115 ? 14.325  9.814   7.816   1.00 32.64 ? 115 CYS A N   1 
ATOM   894  C CA  . CYS A 1 115 ? 13.406  8.862   8.425   1.00 33.36 ? 115 CYS A CA  1 
ATOM   895  C C   . CYS A 1 115 ? 14.083  8.335   9.676   1.00 35.28 ? 115 CYS A C   1 
ATOM   896  O O   . CYS A 1 115 ? 14.823  7.352   9.636   1.00 35.87 ? 115 CYS A O   1 
ATOM   897  C CB  . CYS A 1 115 ? 13.092  7.717   7.461   1.00 30.92 ? 115 CYS A CB  1 
ATOM   898  S SG  . CYS A 1 115 ? 12.218  8.293   5.977   1.00 26.72 ? 115 CYS A SG  1 
ATOM   899  N N   . LYS A 1 116 ? 13.834  9.020   10.785  1.00 37.68 ? 116 LYS A N   1 
ATOM   900  C CA  . LYS A 1 116 ? 14.415  8.660   12.068  1.00 39.92 ? 116 LYS A CA  1 
ATOM   901  C C   . LYS A 1 116 ? 13.292  8.384   13.052  1.00 40.93 ? 116 LYS A C   1 
ATOM   902  O O   . LYS A 1 116 ? 12.424  9.231   13.271  1.00 41.49 ? 116 LYS A O   1 
ATOM   903  C CB  . LYS A 1 116 ? 15.294  9.813   12.579  1.00 40.75 ? 116 LYS A CB  1 
ATOM   904  C CG  . LYS A 1 116 ? 15.993  9.552   13.910  1.00 42.02 ? 116 LYS A CG  1 
ATOM   905  C CD  . LYS A 1 116 ? 15.020  9.588   15.080  1.00 42.89 ? 116 LYS A CD  1 
ATOM   906  C CE  . LYS A 1 116 ? 15.651  9.008   16.330  1.00 43.42 ? 116 LYS A CE  1 
ATOM   907  N NZ  . LYS A 1 116 ? 16.052  7.594   16.097  1.00 43.92 ? 116 LYS A NZ  1 
ATOM   908  N N   . GLY A 1 117 ? 13.302  7.197   13.645  1.00 41.68 ? 117 GLY A N   1 
ATOM   909  C CA  . GLY A 1 117 ? 12.261  6.896   14.600  1.00 42.44 ? 117 GLY A CA  1 
ATOM   910  C C   . GLY A 1 117 ? 11.929  5.445   14.849  1.00 42.92 ? 117 GLY A C   1 
ATOM   911  O O   . GLY A 1 117 ? 12.502  4.522   14.265  1.00 43.14 ? 117 GLY A O   1 
ATOM   912  N N   . GLU A 1 118 ? 10.970  5.271   15.747  1.00 43.32 ? 118 GLU A N   1 
ATOM   913  C CA  . GLU A 1 118 ? 10.487  3.968   16.157  1.00 43.50 ? 118 GLU A CA  1 
ATOM   914  C C   . GLU A 1 118 ? 8.965   3.988   16.195  1.00 42.75 ? 118 GLU A C   1 
ATOM   915  O O   . GLU A 1 118 ? 8.361   4.752   16.951  1.00 43.03 ? 118 GLU A O   1 
ATOM   916  C CB  . GLU A 1 118 ? 11.035  3.633   17.545  1.00 44.60 ? 118 GLU A CB  1 
ATOM   917  C CG  . GLU A 1 118 ? 11.045  4.826   18.496  1.00 46.25 ? 118 GLU A CG  1 
ATOM   918  C CD  . GLU A 1 118 ? 11.354  4.442   19.933  1.00 47.48 ? 118 GLU A CD  1 
ATOM   919  O OE1 . GLU A 1 118 ? 10.479  3.830   20.587  1.00 47.93 ? 118 GLU A OE1 1 
ATOM   920  O OE2 . GLU A 1 118 ? 12.471  4.746   20.406  1.00 48.17 ? 118 GLU A OE2 1 
ATOM   921  N N   . LEU A 1 119 ? 8.348   3.162   15.361  1.00 41.57 ? 119 LEU A N   1 
ATOM   922  C CA  . LEU A 1 119 ? 6.898   3.069   15.327  1.00 40.07 ? 119 LEU A CA  1 
ATOM   923  C C   . LEU A 1 119 ? 6.574   1.593   15.153  1.00 38.88 ? 119 LEU A C   1 
ATOM   924  O O   . LEU A 1 119 ? 6.805   1.020   14.088  1.00 38.88 ? 119 LEU A O   1 
ATOM   925  C CB  . LEU A 1 119 ? 6.324   3.876   14.161  1.00 40.33 ? 119 LEU A CB  1 
ATOM   926  C CG  . LEU A 1 119 ? 4.902   4.426   14.344  1.00 40.58 ? 119 LEU A CG  1 
ATOM   927  C CD1 . LEU A 1 119 ? 4.374   4.898   13.003  1.00 40.44 ? 119 LEU A CD1 1 
ATOM   928  C CD2 . LEU A 1 119 ? 3.983   3.363   14.914  1.00 40.77 ? 119 LEU A CD2 1 
ATOM   929  N N   . LYS A 1 120 ? 6.055   0.977   16.211  1.00 37.06 ? 120 LYS A N   1 
ATOM   930  C CA  . LYS A 1 120 ? 5.715   -0.436  16.167  1.00 35.30 ? 120 LYS A CA  1 
ATOM   931  C C   . LYS A 1 120 ? 4.320   -0.640  15.581  1.00 33.49 ? 120 LYS A C   1 
ATOM   932  O O   . LYS A 1 120 ? 3.434   0.196   15.747  1.00 32.99 ? 120 LYS A O   1 
ATOM   933  C CB  . LYS A 1 120 ? 5.798   -1.043  17.575  1.00 36.23 ? 120 LYS A CB  1 
ATOM   934  C CG  . LYS A 1 120 ? 5.776   -2.567  17.581  1.00 37.54 ? 120 LYS A CG  1 
ATOM   935  C CD  . LYS A 1 120 ? 6.170   -3.156  18.929  1.00 38.60 ? 120 LYS A CD  1 
ATOM   936  C CE  . LYS A 1 120 ? 5.109   -2.915  19.988  1.00 39.10 ? 120 LYS A CE  1 
ATOM   937  N NZ  . LYS A 1 120 ? 5.441   -3.618  21.260  1.00 39.71 ? 120 LYS A NZ  1 
ATOM   938  N N   . CYS A 1 121 ? 4.137   -1.749  14.876  1.00 31.36 ? 121 CYS A N   1 
ATOM   939  C CA  . CYS A 1 121 ? 2.851   -2.065  14.271  1.00 29.65 ? 121 CYS A CA  1 
ATOM   940  C C   . CYS A 1 121 ? 1.780   -2.309  15.325  1.00 30.04 ? 121 CYS A C   1 
ATOM   941  O O   . CYS A 1 121 ? 0.646   -1.811  15.146  1.00 30.14 ? 121 CYS A O   1 
ATOM   942  C CB  . CYS A 1 121 ? 2.974   -3.301  13.390  1.00 27.24 ? 121 CYS A CB  1 
ATOM   943  S SG  . CYS A 1 121 ? 3.926   -3.052  11.863  1.00 24.37 ? 121 CYS A SG  1 
ATOM   944  O OXT . CYS A 1 121 ? 2.086   -3.019  16.304  1.00 30.19 ? 121 CYS A OXT 1 
HETATM 945  S S   . SO4 B 2 .   ? 0.462   13.299  -11.082 0.50 76.06 ? 122 SO4 A S   1 
HETATM 946  O O1  . SO4 B 2 .   ? -0.248  12.202  -11.786 0.50 76.06 ? 122 SO4 A O1  1 
HETATM 947  O O2  . SO4 B 2 .   ? -0.450  13.886  -10.083 0.50 76.04 ? 122 SO4 A O2  1 
HETATM 948  O O3  . SO4 B 2 .   ? 1.652   12.756  -10.411 0.50 76.13 ? 122 SO4 A O3  1 
HETATM 949  O O4  . SO4 B 2 .   ? 0.866   14.320  -12.049 0.50 76.01 ? 122 SO4 A O4  1 
HETATM 950  S S   . SO4 C 2 .   ? 2.740   -10.450 -11.198 0.50 76.29 ? 123 SO4 A S   1 
HETATM 951  O O1  . SO4 C 2 .   ? 2.508   -11.839 -10.711 0.50 76.29 ? 123 SO4 A O1  1 
HETATM 952  O O2  . SO4 C 2 .   ? 1.897   -9.527  -10.440 0.50 76.27 ? 123 SO4 A O2  1 
HETATM 953  O O3  . SO4 C 2 .   ? 4.149   -10.107 -11.003 0.50 76.31 ? 123 SO4 A O3  1 
HETATM 954  O O4  . SO4 C 2 .   ? 2.394   -10.376 -12.628 0.50 76.25 ? 123 SO4 A O4  1 
HETATM 955  C C16 . OPB D 3 .   ? 6.606   -6.591  -1.024  0.50 39.74 ? 124 OPB A C16 1 
HETATM 956  C C17 . OPB D 3 .   ? 6.336   -5.394  -1.768  0.50 39.69 ? 124 OPB A C17 1 
HETATM 957  C C12 . OPB D 3 .   ? 5.855   -4.175  -1.113  0.50 39.54 ? 124 OPB A C12 1 
HETATM 958  C C13 . OPB D 3 .   ? 5.658   -4.248  0.334   0.50 39.74 ? 124 OPB A C13 1 
HETATM 959  C C14 . OPB D 3 .   ? 5.937   -5.469  1.061   0.50 39.91 ? 124 OPB A C14 1 
HETATM 960  C C15 . OPB D 3 .   ? 6.416   -6.631  0.372   0.50 39.81 ? 124 OPB A C15 1 
HETATM 961  C C8  . OPB D 3 .   ? 9.385   -3.621  -4.874  0.50 39.70 ? 124 OPB A C8  1 
HETATM 962  C C9  . OPB D 3 .   ? 10.510  -3.540  -4.044  0.50 39.69 ? 124 OPB A C9  1 
HETATM 963  C C10 . OPB D 3 .   ? 10.395  -2.987  -2.709  0.50 39.69 ? 124 OPB A C10 1 
HETATM 964  C C11 . OPB D 3 .   ? 9.090   -2.513  -2.226  0.50 39.49 ? 124 OPB A C11 1 
HETATM 965  C C6  . OPB D 3 .   ? 7.917   -2.610  -3.122  0.50 39.53 ? 124 OPB A C6  1 
HETATM 966  C C7  . OPB D 3 .   ? 8.120   -3.168  -4.421  0.50 39.54 ? 124 OPB A C7  1 
HETATM 967  C C21 . OPB D 3 .   ? 2.542   -1.070  -7.660  0.50 38.87 ? 124 OPB A C21 1 
HETATM 968  C C20 . OPB D 3 .   ? 2.889   -1.463  -6.267  0.50 38.94 ? 124 OPB A C20 1 
HETATM 969  C C19 . OPB D 3 .   ? 3.094   -0.346  -5.209  0.50 39.04 ? 124 OPB A C19 1 
HETATM 970  C C18 . OPB D 3 .   ? 3.433   -1.213  -3.977  0.50 39.22 ? 124 OPB A C18 1 
HETATM 971  N N2  . OPB D 3 .   ? 5.587   -2.883  -1.921  0.50 39.45 ? 124 OPB A N2  1 
HETATM 972  C C3  . OPB D 3 .   ? 4.396   -2.185  -1.947  0.50 39.34 ? 124 OPB A C3  1 
HETATM 973  C C4  . OPB D 3 .   ? 4.493   -0.951  -2.881  0.50 39.31 ? 124 OPB A C4  1 
HETATM 974  C C5  . OPB D 3 .   ? 5.898   -1.083  -3.340  0.50 39.49 ? 124 OPB A C5  1 
HETATM 975  N N1  . OPB D 3 .   ? 6.505   -2.183  -2.797  0.50 39.42 ? 124 OPB A N1  1 
HETATM 976  O O3  . OPB D 3 .   ? 3.333   -2.460  -1.318  0.50 39.10 ? 124 OPB A O3  1 
HETATM 977  O O5  . OPB D 3 .   ? 6.404   -0.257  -4.125  0.50 39.71 ? 124 OPB A O5  1 
HETATM 978  O O9  . OPB D 3 .   ? 11.703  -3.991  -4.515  0.50 39.94 ? 124 OPB A O9  1 
HETATM 979  C C   . MOH E 4 .   ? 4.236   0.990   -0.020  1.00 60.87 ? 125 MOH A C   1 
HETATM 980  O O   . MOH E 4 .   ? 5.304   0.171   0.195   1.00 60.67 ? 125 MOH A O   1 
HETATM 981  O O   . HOH F 5 .   ? 2.505   -6.613  11.712  1.00 36.60 ? 126 HOH A O   1 
HETATM 982  O O   . HOH F 5 .   ? -6.440  -0.295  7.483   1.00 19.21 ? 127 HOH A O   1 
HETATM 983  O O   . HOH F 5 .   ? 2.712   19.572  -3.065  1.00 60.35 ? 128 HOH A O   1 
HETATM 984  O O   . HOH F 5 .   ? -0.384  1.694   -11.283 1.00 33.63 ? 129 HOH A O   1 
HETATM 985  O O   . HOH F 5 .   ? -8.786  -1.114  -14.699 1.00 53.94 ? 130 HOH A O   1 
HETATM 986  O O   . HOH F 5 .   ? -14.963 -6.195  -11.823 1.00 37.12 ? 131 HOH A O   1 
HETATM 987  O O   . HOH F 5 .   ? -11.003 -4.502  -12.302 1.00 59.32 ? 132 HOH A O   1 
HETATM 988  O O   . HOH F 5 .   ? -14.079 -1.080  -1.669  1.00 42.59 ? 133 HOH A O   1 
HETATM 989  O O   . HOH F 5 .   ? -9.214  -3.585  6.384   1.00 29.39 ? 134 HOH A O   1 
HETATM 990  O O   . HOH F 5 .   ? -6.448  -7.153  6.879   1.00 23.48 ? 135 HOH A O   1 
HETATM 991  O O   . HOH F 5 .   ? -10.952 -2.076  3.789   1.00 24.37 ? 136 HOH A O   1 
HETATM 992  O O   . HOH F 5 .   ? -13.461 -7.999  -0.092  1.00 30.21 ? 137 HOH A O   1 
HETATM 993  O O   . HOH F 5 .   ? -13.381 -5.815  3.521   1.00 37.23 ? 138 HOH A O   1 
HETATM 994  O O   . HOH F 5 .   ? -9.695  -4.475  3.441   1.00 23.94 ? 139 HOH A O   1 
HETATM 995  O O   . HOH F 5 .   ? -3.249  0.529   4.468   1.00 16.34 ? 140 HOH A O   1 
HETATM 996  O O   . HOH F 5 .   ? -6.730  -4.571  5.753   1.00 20.75 ? 141 HOH A O   1 
HETATM 997  O O   . HOH F 5 .   ? -5.099  1.762   6.110   1.00 22.21 ? 142 HOH A O   1 
HETATM 998  O O   . HOH F 5 .   ? -3.403  -2.175  4.524   1.00 18.26 ? 143 HOH A O   1 
HETATM 999  O O   . HOH F 5 .   ? -5.636  -9.391  5.709   1.00 25.62 ? 144 HOH A O   1 
HETATM 1000 O O   . HOH F 5 .   ? -5.049  -2.697  6.721   1.00 21.69 ? 145 HOH A O   1 
HETATM 1001 O O   . HOH F 5 .   ? -5.151  -2.332  10.758  1.00 19.55 ? 146 HOH A O   1 
HETATM 1002 O O   . HOH F 5 .   ? -3.878  -4.242  8.807   1.00 23.00 ? 147 HOH A O   1 
HETATM 1003 O O   . HOH F 5 .   ? -6.484  7.194   6.653   1.00 32.48 ? 148 HOH A O   1 
HETATM 1004 O O   . HOH F 5 .   ? -3.611  8.695   9.102   1.00 45.16 ? 149 HOH A O   1 
HETATM 1005 O O   . HOH F 5 .   ? -3.662  7.128   6.899   1.00 25.19 ? 150 HOH A O   1 
HETATM 1006 O O   . HOH F 5 .   ? -7.949  5.198   5.654   1.00 25.17 ? 151 HOH A O   1 
HETATM 1007 O O   . HOH F 5 .   ? 11.563  2.571   22.628  1.00 53.90 ? 152 HOH A O   1 
HETATM 1008 O O   . HOH F 5 .   ? -5.150  19.966  0.996   1.00 73.37 ? 153 HOH A O   1 
HETATM 1009 O O   . HOH F 5 .   ? -6.700  10.492  7.011   1.00 53.41 ? 154 HOH A O   1 
HETATM 1010 O O   . HOH F 5 .   ? -19.119 1.914   -2.424  1.00 72.22 ? 155 HOH A O   1 
HETATM 1011 O O   . HOH F 5 .   ? 12.844  4.751   3.215   1.00 59.58 ? 156 HOH A O   1 
HETATM 1012 O O   . HOH F 5 .   ? 9.803   5.596   0.504   1.00 26.79 ? 157 HOH A O   1 
HETATM 1013 O O   . HOH F 5 .   ? 11.658  3.478   -2.689  1.00 40.03 ? 158 HOH A O   1 
HETATM 1014 O O   . HOH F 5 .   ? 17.664  1.313   1.841   1.00 39.87 ? 159 HOH A O   1 
HETATM 1015 O O   . HOH F 5 .   ? 12.761  3.340   -5.441  1.00 42.05 ? 160 HOH A O   1 
HETATM 1016 O O   . HOH F 5 .   ? -1.584  14.250  5.863   1.00 36.02 ? 161 HOH A O   1 
HETATM 1017 O O   . HOH F 5 .   ? -5.470  13.392  4.190   1.00 29.72 ? 162 HOH A O   1 
HETATM 1018 O O   . HOH F 5 .   ? 16.819  15.221  -2.232  1.00 56.95 ? 163 HOH A O   1 
HETATM 1019 O O   . HOH F 5 .   ? -7.908  7.551   9.196   1.00 36.19 ? 164 HOH A O   1 
HETATM 1020 O O   . HOH F 5 .   ? 2.902   1.625   -11.895 1.00 37.75 ? 165 HOH A O   1 
HETATM 1021 O O   . HOH F 5 .   ? -18.736 0.461   0.248   1.00 62.13 ? 166 HOH A O   1 
HETATM 1022 O O   . HOH F 5 .   ? 0.956   9.359   -11.696 1.00 54.65 ? 167 HOH A O   1 
HETATM 1023 O O   . HOH F 5 .   ? 10.739  0.878   -3.834  1.00 59.18 ? 168 HOH A O   1 
HETATM 1024 O O   . HOH F 5 .   ? -2.840  9.244   -1.444  1.00 23.24 ? 169 HOH A O   1 
HETATM 1025 O O   . HOH F 5 .   ? -1.106  12.378  2.427   1.00 23.49 ? 170 HOH A O   1 
HETATM 1026 O O   . HOH F 5 .   ? -3.220  5.041   9.851   1.00 35.51 ? 171 HOH A O   1 
HETATM 1027 O O   . HOH F 5 .   ? -8.079  -10.816 6.087   1.00 51.45 ? 172 HOH A O   1 
HETATM 1028 O O   . HOH F 5 .   ? -6.079  9.406   9.429   1.00 48.05 ? 173 HOH A O   1 
HETATM 1029 O O   . HOH F 5 .   ? 5.770   -1.203  9.203   1.00 46.83 ? 174 HOH A O   1 
HETATM 1030 O O   . HOH F 5 .   ? 7.114   -1.132  11.776  1.00 52.72 ? 175 HOH A O   1 
HETATM 1031 O O   . HOH F 5 .   ? -8.026  -14.887 -5.200  1.00 29.98 ? 176 HOH A O   1 
HETATM 1032 O O   . HOH F 5 .   ? -0.206  -8.169  -3.649  1.00 20.25 ? 177 HOH A O   1 
HETATM 1033 O O   . HOH F 5 .   ? 20.686  7.446   5.807   1.00 28.86 ? 178 HOH A O   1 
HETATM 1034 O O   . HOH F 5 .   ? -8.540  -9.658  -10.569 1.00 45.52 ? 179 HOH A O   1 
HETATM 1035 O O   . HOH F 5 .   ? -7.727  -16.914 -6.997  1.00 51.50 ? 180 HOH A O   1 
HETATM 1036 O O   . HOH F 5 .   ? -20.999 4.126   -9.828  1.00 44.11 ? 181 HOH A O   1 
HETATM 1037 O O   . HOH F 5 .   ? -18.295 -7.433  -11.274 1.00 60.32 ? 182 HOH A O   1 
HETATM 1038 O O   . HOH F 5 .   ? -11.428 -13.439 -0.207  1.00 39.82 ? 183 HOH A O   1 
HETATM 1039 O O   . HOH F 5 .   ? -13.070 -17.777 -6.492  1.00 44.85 ? 184 HOH A O   1 
HETATM 1040 O O   . HOH F 5 .   ? -10.751 -11.560 1.607   1.00 47.18 ? 185 HOH A O   1 
HETATM 1041 O O   . HOH F 5 .   ? -15.876 -8.114  0.878   1.00 60.88 ? 186 HOH A O   1 
HETATM 1042 O O   . HOH F 5 .   ? -10.149 -18.029 4.454   1.00 49.90 ? 187 HOH A O   1 
HETATM 1043 O O   . HOH F 5 .   ? -9.591  -19.766 2.570   1.00 66.80 ? 188 HOH A O   1 
HETATM 1044 O O   . HOH F 5 .   ? -8.877  -12.871 -2.620  1.00 38.62 ? 189 HOH A O   1 
HETATM 1045 O O   . HOH F 5 .   ? 9.140   11.785  15.226  1.00 52.72 ? 190 HOH A O   1 
HETATM 1046 O O   . HOH F 5 .   ? 1.158   15.792  3.049   1.00 25.15 ? 191 HOH A O   1 
HETATM 1047 O O   . HOH F 5 .   ? -3.529  4.113   7.470   1.00 32.06 ? 192 HOH A O   1 
HETATM 1048 O O   . HOH F 5 .   ? 4.285   -11.459 4.072   1.00 47.13 ? 193 HOH A O   1 
HETATM 1049 O O   . HOH F 5 .   ? -20.232 -3.201  -11.049 1.00 52.42 ? 194 HOH A O   1 
HETATM 1050 O O   . HOH F 5 .   ? 5.945   -4.050  9.019   1.00 55.61 ? 195 HOH A O   1 
HETATM 1051 O O   . HOH F 5 .   ? 6.936   4.525   -14.602 1.00 66.33 ? 196 HOH A O   1 
HETATM 1052 O O   . HOH F 5 .   ? 7.891   1.707   -14.651 1.00 55.62 ? 197 HOH A O   1 
HETATM 1053 O O   . HOH F 5 .   ? 9.426   1.161   11.942  1.00 49.90 ? 198 HOH A O   1 
HETATM 1054 O O   . HOH F 5 .   ? 8.068   0.109   3.439   1.00 39.95 ? 199 HOH A O   1 
HETATM 1055 O O   . HOH F 5 .   ? -10.056 -6.902  -11.492 1.00 54.79 ? 200 HOH A O   1 
HETATM 1056 O O   . HOH F 5 .   ? -17.306 -16.876 -2.926  1.00 53.38 ? 201 HOH A O   1 
HETATM 1057 O O   . HOH F 5 .   ? -15.096 -16.273 -5.859  1.00 39.30 ? 202 HOH A O   1 
HETATM 1058 O O   . HOH F 5 .   ? -11.485 -16.496 -8.202  1.00 52.70 ? 203 HOH A O   1 
HETATM 1059 O O   . HOH F 5 .   ? 5.046   -6.352  13.996  1.00 57.52 ? 204 HOH A O   1 
HETATM 1060 O O   . HOH F 5 .   ? 14.708  3.013   1.773   1.00 52.45 ? 205 HOH A O   1 
HETATM 1061 O O   . HOH F 5 .   ? 2.272   11.692  -8.055  1.00 51.59 ? 206 HOH A O   1 
HETATM 1062 O O   . HOH F 5 .   ? 1.925   -6.211  -3.442  1.00 53.75 ? 207 HOH A O   1 
HETATM 1063 O O   . HOH F 5 .   ? 10.153  10.540  9.962   1.00 42.29 ? 208 HOH A O   1 
HETATM 1064 O O   . HOH F 5 .   ? 2.596   10.234  11.084  1.00 40.52 ? 209 HOH A O   1 
HETATM 1065 O O   . HOH F 5 .   ? 3.817   -12.141 12.386  1.00 50.97 ? 210 HOH A O   1 
HETATM 1066 O O   . HOH F 5 .   ? 5.565   15.331  9.002   1.00 43.75 ? 211 HOH A O   1 
HETATM 1067 O O   . HOH F 5 .   ? -13.591 3.429   -3.115  1.00 44.12 ? 212 HOH A O   1 
HETATM 1068 O O   . HOH F 5 .   ? 0.497   -18.433 5.876   1.00 43.83 ? 213 HOH A O   1 
HETATM 1069 O O   . HOH F 5 .   ? -9.928  -15.922 -13.125 1.00 65.50 ? 214 HOH A O   1 
HETATM 1070 O O   . HOH F 5 .   ? -15.635 -15.007 -3.773  1.00 60.59 ? 215 HOH A O   1 
HETATM 1071 O O   . HOH F 5 .   ? -8.158  -22.212 2.508   1.00 45.28 ? 216 HOH A O   1 
HETATM 1072 O O   . HOH F 5 .   ? 11.815  14.353  -1.044  1.00 34.29 ? 217 HOH A O   1 
HETATM 1073 O O   . HOH F 5 .   ? -8.173  14.850  4.275   1.00 48.54 ? 218 HOH A O   1 
HETATM 1074 O O   . HOH F 5 .   ? 5.653   2.634   18.580  1.00 45.36 ? 219 HOH A O   1 
HETATM 1075 O O   . HOH F 5 .   ? -4.292  14.383  6.696   1.00 57.44 ? 220 HOH A O   1 
HETATM 1076 O O   . HOH F 5 .   ? -0.061  16.440  5.197   1.00 49.11 ? 221 HOH A O   1 
HETATM 1077 O O   . HOH F 5 .   ? 1.248   -16.083 7.290   1.00 26.93 ? 222 HOH A O   1 
HETATM 1078 O O   . HOH F 5 .   ? 7.566   -19.249 9.264   1.00 47.44 ? 223 HOH A O   1 
HETATM 1079 O O   . HOH F 5 .   ? 5.968   -20.364 4.562   1.00 44.67 ? 224 HOH A O   1 
HETATM 1080 O O   . HOH F 5 .   ? -6.920  -11.597 -13.469 1.00 51.26 ? 225 HOH A O   1 
HETATM 1081 O O   . HOH F 5 .   ? 9.936   15.322  -5.328  1.00 59.56 ? 226 HOH A O   1 
HETATM 1082 O O   . HOH F 5 .   ? 3.666   21.496  -4.744  1.00 55.80 ? 227 HOH A O   1 
HETATM 1083 O O   . HOH F 5 .   ? 8.499   2.196   18.680  1.00 56.14 ? 228 HOH A O   1 
HETATM 1084 O O   . HOH F 5 .   ? 3.336   1.971   17.577  1.00 60.42 ? 229 HOH A O   1 
HETATM 1085 O O   . HOH F 5 .   ? 7.437   -5.314  16.575  1.00 60.93 ? 230 HOH A O   1 
HETATM 1086 O O   . HOH F 5 .   ? 5.671   -3.952  14.851  1.00 60.35 ? 231 HOH A O   1 
HETATM 1087 O O   . HOH F 5 .   ? -3.084  12.490  -9.002  1.00 61.53 ? 232 HOH A O   1 
HETATM 1088 O O   . HOH F 5 .   ? -2.766  11.531  -11.909 1.00 54.06 ? 233 HOH A O   1 
HETATM 1089 O O   . HOH F 5 .   ? 3.232   -0.536  1.466   1.00 41.24 ? 234 HOH A O   1 
HETATM 1090 O O   . HOH F 5 .   ? 6.589   -11.591 -1.452  1.00 29.03 ? 235 HOH A O   1 
HETATM 1091 O O   . HOH F 5 .   ? 7.985   -0.910  -6.734  1.00 56.94 ? 236 HOH A O   1 
# 
